data_7KZ6
#
_entry.id   7KZ6
#
_cell.length_a   66.530
_cell.length_b   66.640
_cell.length_c   112.220
_cell.angle_alpha   77.420
_cell.angle_beta   81.060
_cell.angle_gamma   88.340
#
_symmetry.space_group_name_H-M   'P 1'
#
loop_
_entity.id
_entity.type
_entity.pdbx_description
1 polymer 'Aminotransferase class I/II-fold pyridoxal phosphate-dependent enzyme'
2 non-polymer "4'-DEOXY-4'-AMINOPYRIDOXAL-5'-PHOSPHATE"
3 non-polymer 1,2-ETHANEDIOL
4 water water
#
_entity_poly.entity_id   1
_entity_poly.type   'polypeptide(L)'
_entity_poly.pdbx_seq_one_letter_code
;GAMDMKTLTTISGHSKDNLALLKCLQGETKEKEFEISNVLPNHKMKEKLFRENKLKIDIDIEKDIFNYSRKNIQKIEFMP
VNRLISQSEIDGIIGTLKEVLPTGQFTSGPFSKKLEEVIGDYLNKKYVIATSSGTDALMVSLLSIGIQPGDEVIMPANSF
AATENAVLAIGAKPVFVDIDHKSYCIDPLKIEEAITQKTKCILPVHLYGKQCDMKRIREIADVYQLRIIEDACQAIGSSN
LGEYGDIIILSFNPYKNFGVCGKAGAIVTNNENLAIRCNQYSYHGFEVDKKNKKVLDFGFNSKIDNLQAAIGLERIKFLS
YNNLKRVFLAQRYIRNLKELEDRELIKLPRMTEDNVWHLFPIRIINGRRDEVKNKLYQLYNIETDIYYPVLSHKHNTKLV
KKNYMQDTLLNTEQVHKEILHLPLHPNMLLEEQNFVLEGLINVNK
;
_entity_poly.pdbx_strand_id   A,B,C,D
#
loop_
_chem_comp.id
_chem_comp.type
_chem_comp.name
_chem_comp.formula
EDO non-polymer 1,2-ETHANEDIOL 'C2 H6 O2'
PMP non-polymer 4'-DEOXY-4'-AMINOPYRIDOXAL-5'-PHOSPHATE 'C8 H13 N2 O5 P'
#
# COMPACT_ATOMS: atom_id res chain seq x y z
N LEU A 8 -8.47 4.02 -34.29
CA LEU A 8 -8.40 3.70 -32.84
C LEU A 8 -8.65 2.22 -32.50
N THR A 9 -7.74 1.62 -31.71
CA THR A 9 -7.81 0.24 -31.26
C THR A 9 -7.87 0.24 -29.74
N THR A 10 -8.73 -0.59 -29.15
CA THR A 10 -8.69 -0.81 -27.69
C THR A 10 -7.83 -2.03 -27.40
N ILE A 11 -6.79 -1.81 -26.60
CA ILE A 11 -5.92 -2.90 -26.11
C ILE A 11 -6.70 -3.74 -25.09
N SER A 12 -6.91 -5.03 -25.41
CA SER A 12 -7.69 -5.91 -24.54
C SER A 12 -6.85 -6.63 -23.50
N GLY A 13 -5.53 -6.57 -23.64
CA GLY A 13 -4.66 -7.31 -22.76
C GLY A 13 -4.22 -8.65 -23.28
N HIS A 14 -4.63 -9.05 -24.47
CA HIS A 14 -4.22 -10.33 -25.01
C HIS A 14 -3.11 -10.17 -26.03
N SER A 15 -2.68 -11.31 -26.57
CA SER A 15 -1.45 -11.38 -27.36
C SER A 15 -1.55 -10.60 -28.67
N LYS A 16 -2.68 -10.70 -29.37
CA LYS A 16 -2.81 -10.01 -30.66
C LYS A 16 -2.62 -8.50 -30.50
N ASP A 17 -3.34 -7.91 -29.54
CA ASP A 17 -3.22 -6.46 -29.35
C ASP A 17 -1.83 -6.09 -28.86
N ASN A 18 -1.21 -6.96 -28.05
CA ASN A 18 0.13 -6.64 -27.62
C ASN A 18 1.08 -6.52 -28.81
N LEU A 19 0.94 -7.40 -29.80
CA LEU A 19 1.80 -7.32 -30.97
C LEU A 19 1.54 -6.02 -31.73
N ALA A 20 0.28 -5.58 -31.80
CA ALA A 20 -0.01 -4.33 -32.50
C ALA A 20 0.57 -3.14 -31.73
N LEU A 21 0.46 -3.18 -30.41
CA LEU A 21 1.06 -2.11 -29.60
C LEU A 21 2.58 -2.09 -29.77
N LEU A 22 3.21 -3.26 -29.79
CA LEU A 22 4.67 -3.33 -29.89
C LEU A 22 5.16 -2.70 -31.20
N LYS A 23 4.48 -3.03 -32.29
CA LYS A 23 4.80 -2.40 -33.57
C LYS A 23 4.66 -0.88 -33.48
N CYS A 24 3.61 -0.40 -32.83
CA CYS A 24 3.45 1.05 -32.74
C CYS A 24 4.57 1.66 -31.90
N LEU A 25 4.88 1.05 -30.75
CA LEU A 25 5.91 1.58 -29.87
C LEU A 25 7.27 1.60 -30.55
N GLN A 26 7.53 0.66 -31.46
CA GLN A 26 8.82 0.65 -32.13
C GLN A 26 8.88 1.52 -33.36
N GLY A 27 7.86 2.28 -33.61
CA GLY A 27 7.83 3.13 -34.78
C GLY A 27 7.59 2.42 -36.09
N GLU A 28 6.99 1.25 -36.06
CA GLU A 28 6.84 0.49 -37.27
C GLU A 28 5.45 0.63 -37.78
N THR A 29 4.71 1.60 -37.24
CA THR A 29 3.30 1.76 -37.61
C THR A 29 2.97 3.10 -38.19
N LYS A 30 1.87 3.12 -38.94
CA LYS A 30 1.44 4.37 -39.49
C LYS A 30 0.40 4.99 -38.65
N GLU A 31 0.76 6.02 -37.90
CA GLU A 31 -0.20 6.79 -37.13
C GLU A 31 -1.38 6.05 -36.59
N LYS A 32 -1.16 5.31 -35.51
CA LYS A 32 -2.25 4.55 -34.91
C LYS A 32 -2.48 5.09 -33.53
N GLU A 33 -3.71 5.10 -33.10
CA GLU A 33 -4.01 5.53 -31.76
C GLU A 33 -4.55 4.37 -30.96
N PHE A 34 -4.28 4.39 -29.65
CA PHE A 34 -4.73 3.29 -28.84
C PHE A 34 -5.48 3.79 -27.62
N GLU A 35 -6.47 3.00 -27.20
CA GLU A 35 -7.16 3.08 -25.91
C GLU A 35 -6.80 1.82 -25.15
N ILE A 36 -7.01 1.84 -23.85
CA ILE A 36 -6.72 0.61 -23.11
C ILE A 36 -7.95 0.21 -22.31
N SER A 37 -8.36 -1.06 -22.46
CA SER A 37 -9.52 -1.56 -21.74
C SER A 37 -9.24 -1.55 -20.24
N ASN A 38 -10.24 -1.10 -19.48
CA ASN A 38 -10.08 -0.93 -18.02
C ASN A 38 -10.42 -2.25 -17.31
N VAL A 39 -9.65 -3.28 -17.66
CA VAL A 39 -9.77 -4.59 -17.02
C VAL A 39 -8.53 -4.84 -16.19
N LEU A 40 -8.68 -5.69 -15.18
CA LEU A 40 -7.58 -5.86 -14.24
C LEU A 40 -6.26 -6.28 -14.88
N PRO A 41 -6.23 -7.21 -15.85
CA PRO A 41 -4.93 -7.61 -16.40
C PRO A 41 -4.21 -6.49 -17.15
N ASN A 42 -4.86 -5.34 -17.39
CA ASN A 42 -4.23 -4.19 -18.03
C ASN A 42 -3.78 -3.15 -17.02
N HIS A 43 -3.98 -3.39 -15.71
CA HIS A 43 -3.74 -2.32 -14.73
C HIS A 43 -2.32 -1.72 -14.84
N LYS A 44 -1.29 -2.56 -14.85
CA LYS A 44 0.05 -2.01 -14.89
C LYS A 44 0.33 -1.36 -16.25
N MET A 45 -0.09 -1.99 -17.35
CA MET A 45 0.12 -1.36 -18.66
C MET A 45 -0.51 0.02 -18.72
N LYS A 46 -1.72 0.15 -18.16
CA LYS A 46 -2.38 1.45 -18.20
C LYS A 46 -1.62 2.50 -17.42
N GLU A 47 -1.14 2.17 -16.23
CA GLU A 47 -0.39 3.14 -15.44
C GLU A 47 0.95 3.50 -16.09
N LYS A 48 1.64 2.52 -16.72
CA LYS A 48 3.02 2.71 -17.21
C LYS A 48 3.04 3.39 -18.57
N LEU A 49 2.12 2.99 -19.45
CA LEU A 49 2.17 3.39 -20.84
C LEU A 49 1.11 4.39 -21.26
N PHE A 50 0.07 4.60 -20.45
CA PHE A 50 -1.01 5.46 -20.85
C PHE A 50 -1.17 6.65 -19.91
N ARG A 51 -1.72 7.71 -20.45
CA ARG A 51 -1.94 8.90 -19.65
C ARG A 51 -3.09 9.61 -20.32
N GLU A 52 -4.09 10.01 -19.53
CA GLU A 52 -5.29 10.63 -20.07
C GLU A 52 -5.86 9.79 -21.20
N ASN A 53 -5.90 8.48 -20.99
CA ASN A 53 -6.62 7.53 -21.83
C ASN A 53 -5.94 7.25 -23.16
N LYS A 54 -4.77 7.81 -23.43
CA LYS A 54 -4.05 7.56 -24.68
C LYS A 54 -2.63 7.13 -24.35
N LEU A 55 -1.94 6.60 -25.35
CA LEU A 55 -0.53 6.26 -25.20
C LEU A 55 0.27 7.50 -24.84
N LYS A 56 1.18 7.37 -23.86
CA LYS A 56 2.10 8.47 -23.57
C LYS A 56 2.93 8.81 -24.81
N ILE A 57 3.18 10.10 -25.04
CA ILE A 57 3.89 10.47 -26.26
C ILE A 57 5.40 10.24 -26.12
N ASP A 58 5.90 10.17 -24.89
CA ASP A 58 7.32 10.15 -24.58
C ASP A 58 7.81 8.75 -24.14
N ILE A 59 7.27 7.68 -24.71
CA ILE A 59 7.68 6.33 -24.30
C ILE A 59 8.93 5.89 -25.04
N ASP A 60 9.98 5.56 -24.30
CA ASP A 60 11.18 4.92 -24.85
C ASP A 60 11.27 3.51 -24.30
N ILE A 61 11.20 2.51 -25.19
CA ILE A 61 11.12 1.13 -24.71
C ILE A 61 12.37 0.77 -23.91
N GLU A 62 13.55 1.04 -24.45
CA GLU A 62 14.77 0.65 -23.77
C GLU A 62 14.90 1.31 -22.39
N LYS A 63 14.73 2.63 -22.35
CA LYS A 63 14.90 3.38 -21.11
C LYS A 63 13.73 3.17 -20.15
N ASP A 64 12.50 3.32 -20.62
CA ASP A 64 11.38 3.35 -19.68
C ASP A 64 10.87 1.97 -19.32
N ILE A 65 10.84 1.05 -20.27
CA ILE A 65 10.32 -0.28 -20.01
C ILE A 65 11.42 -1.22 -19.51
N PHE A 66 12.61 -1.19 -20.09
CA PHE A 66 13.64 -2.12 -19.69
C PHE A 66 14.73 -1.50 -18.80
N ASN A 67 14.69 -0.19 -18.55
CA ASN A 67 15.66 0.47 -17.68
C ASN A 67 17.10 0.16 -18.10
N TYR A 68 17.35 0.15 -19.40
CA TYR A 68 18.70 -0.05 -19.90
C TYR A 68 19.60 1.01 -19.29
N SER A 69 20.81 0.61 -18.88
CA SER A 69 21.76 1.59 -18.35
C SER A 69 23.20 1.14 -18.52
N ARG A 70 23.46 0.30 -19.54
CA ARG A 70 24.79 -0.24 -19.80
C ARG A 70 25.36 -0.94 -18.57
N LYS A 71 24.49 -1.66 -17.86
CA LYS A 71 24.96 -2.42 -16.72
C LYS A 71 25.93 -3.49 -17.18
N ASN A 72 27.00 -3.69 -16.42
CA ASN A 72 27.93 -4.75 -16.77
C ASN A 72 27.40 -6.07 -16.27
N ILE A 73 27.33 -7.05 -17.17
CA ILE A 73 26.81 -8.37 -16.89
C ILE A 73 27.95 -9.38 -16.95
N GLN A 74 28.02 -10.28 -15.96
CA GLN A 74 29.08 -11.29 -15.97
C GLN A 74 28.59 -12.73 -16.07
N LYS A 75 27.31 -12.99 -15.82
CA LYS A 75 26.70 -14.31 -15.98
C LYS A 75 25.21 -14.14 -16.19
N ILE A 76 24.58 -15.23 -16.63
CA ILE A 76 23.13 -15.25 -16.87
C ILE A 76 22.57 -16.52 -16.25
N GLU A 77 21.60 -16.37 -15.35
CA GLU A 77 20.78 -17.48 -14.92
C GLU A 77 19.49 -17.55 -15.72
N PHE A 78 19.01 -18.77 -15.87
CA PHE A 78 17.87 -18.98 -16.75
C PHE A 78 16.59 -18.40 -16.16
N MET A 79 16.33 -18.61 -14.87
N MET A 79 16.33 -18.69 -14.90
CA MET A 79 15.06 -18.17 -14.27
CA MET A 79 15.11 -18.25 -14.22
C MET A 79 15.24 -17.95 -12.77
C MET A 79 15.41 -18.06 -12.75
N PRO A 80 15.98 -16.92 -12.39
CA PRO A 80 16.20 -16.66 -10.95
C PRO A 80 14.86 -16.21 -10.35
N VAL A 81 14.35 -17.01 -9.41
CA VAL A 81 12.94 -16.79 -9.03
C VAL A 81 12.76 -15.46 -8.30
N ASN A 82 13.82 -14.91 -7.70
CA ASN A 82 13.61 -13.63 -7.02
C ASN A 82 13.34 -12.49 -8.00
N ARG A 83 13.66 -12.67 -9.29
CA ARG A 83 13.40 -11.66 -10.33
C ARG A 83 12.01 -11.76 -10.94
N LEU A 84 11.24 -12.76 -10.58
CA LEU A 84 9.91 -12.85 -11.16
C LEU A 84 8.87 -12.03 -10.43
N ILE A 85 9.21 -11.49 -9.27
CA ILE A 85 8.27 -10.66 -8.51
C ILE A 85 8.94 -9.32 -8.26
N SER A 86 8.20 -8.25 -8.51
CA SER A 86 8.72 -6.90 -8.33
C SER A 86 8.31 -6.32 -6.99
N GLN A 87 9.04 -5.29 -6.54
CA GLN A 87 8.71 -4.67 -5.25
C GLN A 87 7.31 -4.05 -5.26
N SER A 88 6.84 -3.53 -6.40
CA SER A 88 5.49 -3.01 -6.50
C SER A 88 4.46 -4.11 -6.25
N GLU A 89 4.68 -5.29 -6.84
CA GLU A 89 3.79 -6.42 -6.58
C GLU A 89 3.77 -6.73 -5.09
N ILE A 90 4.93 -6.73 -4.45
CA ILE A 90 5.03 -7.06 -3.02
C ILE A 90 4.23 -6.09 -2.18
N ASP A 91 4.35 -4.79 -2.44
CA ASP A 91 3.63 -3.80 -1.63
C ASP A 91 2.14 -3.97 -1.78
N GLY A 92 1.69 -4.24 -3.00
CA GLY A 92 0.28 -4.50 -3.23
C GLY A 92 -0.18 -5.78 -2.54
N ILE A 93 0.70 -6.79 -2.54
CA ILE A 93 0.33 -8.08 -1.93
C ILE A 93 0.20 -7.91 -0.43
N ILE A 94 1.14 -7.17 0.19
CA ILE A 94 1.03 -6.93 1.61
C ILE A 94 -0.26 -6.17 1.89
N GLY A 95 -0.57 -5.16 1.06
CA GLY A 95 -1.82 -4.43 1.22
C GLY A 95 -3.07 -5.29 1.19
N THR A 96 -3.18 -6.21 0.21
CA THR A 96 -4.37 -7.03 0.16
C THR A 96 -4.34 -8.12 1.25
N LEU A 97 -3.17 -8.61 1.64
CA LEU A 97 -3.13 -9.54 2.79
C LEU A 97 -3.67 -8.88 4.06
N LYS A 98 -3.42 -7.59 4.27
CA LYS A 98 -3.97 -6.92 5.44
C LYS A 98 -5.49 -6.83 5.41
N GLU A 99 -6.10 -6.91 4.21
CA GLU A 99 -7.55 -6.98 4.12
C GLU A 99 -8.07 -8.41 4.30
N VAL A 100 -7.38 -9.41 3.72
CA VAL A 100 -7.95 -10.74 3.76
C VAL A 100 -7.75 -11.35 5.14
N LEU A 101 -6.58 -11.13 5.75
CA LEU A 101 -6.29 -11.88 6.99
C LEU A 101 -7.32 -11.68 8.08
N PRO A 102 -7.78 -10.46 8.42
CA PRO A 102 -8.76 -10.36 9.52
C PRO A 102 -10.15 -10.90 9.18
N THR A 103 -10.44 -11.21 7.92
CA THR A 103 -11.71 -11.87 7.62
C THR A 103 -11.72 -13.31 8.09
N GLY A 104 -10.55 -13.92 8.21
CA GLY A 104 -10.46 -15.32 8.57
C GLY A 104 -10.92 -16.26 7.51
N GLN A 105 -11.24 -15.76 6.30
CA GLN A 105 -11.76 -16.59 5.21
C GLN A 105 -10.59 -17.13 4.40
N PHE A 106 -10.24 -18.37 4.68
CA PHE A 106 -9.02 -18.95 4.17
C PHE A 106 -9.29 -20.19 3.35
N THR A 107 -10.54 -20.55 3.13
CA THR A 107 -10.76 -21.63 2.19
C THR A 107 -11.46 -21.00 1.00
N SER A 108 -12.74 -21.23 0.87
CA SER A 108 -13.46 -20.46 -0.12
C SER A 108 -13.63 -19.04 0.40
N GLY A 109 -13.89 -18.11 -0.50
CA GLY A 109 -14.27 -16.81 -0.05
C GLY A 109 -14.42 -15.85 -1.21
N PRO A 110 -14.62 -14.58 -0.90
CA PRO A 110 -14.98 -13.61 -1.95
C PRO A 110 -13.86 -13.29 -2.92
N PHE A 111 -12.59 -13.41 -2.51
CA PHE A 111 -11.53 -13.17 -3.48
C PHE A 111 -11.47 -14.32 -4.47
N SER A 112 -11.76 -15.54 -4.02
CA SER A 112 -11.85 -16.64 -4.97
C SER A 112 -12.89 -16.32 -6.04
N LYS A 113 -14.07 -15.92 -5.60
CA LYS A 113 -15.15 -15.63 -6.55
C LYS A 113 -14.77 -14.49 -7.47
N LYS A 114 -14.10 -13.47 -6.92
CA LYS A 114 -13.71 -12.35 -7.78
C LYS A 114 -12.67 -12.76 -8.81
N LEU A 115 -11.70 -13.61 -8.40
CA LEU A 115 -10.71 -14.06 -9.39
C LEU A 115 -11.41 -14.87 -10.47
N GLU A 116 -12.37 -15.70 -10.08
CA GLU A 116 -13.11 -16.47 -11.10
C GLU A 116 -13.79 -15.54 -12.10
N GLU A 117 -14.34 -14.43 -11.62
CA GLU A 117 -15.00 -13.47 -12.50
C GLU A 117 -14.00 -12.77 -13.42
N VAL A 118 -12.85 -12.37 -12.87
CA VAL A 118 -11.82 -11.68 -13.66
C VAL A 118 -11.30 -12.61 -14.76
N ILE A 119 -11.07 -13.89 -14.42
CA ILE A 119 -10.56 -14.86 -15.41
C ILE A 119 -11.63 -15.17 -16.44
N GLY A 120 -12.88 -15.35 -16.01
CA GLY A 120 -13.97 -15.57 -16.96
C GLY A 120 -14.11 -14.42 -17.94
N ASP A 121 -13.99 -13.18 -17.45
CA ASP A 121 -14.04 -12.03 -18.34
C ASP A 121 -12.87 -12.04 -19.32
N TYR A 122 -11.68 -12.33 -18.84
CA TYR A 122 -10.50 -12.24 -19.66
C TYR A 122 -10.48 -13.33 -20.71
N LEU A 123 -11.01 -14.50 -20.40
CA LEU A 123 -11.08 -15.56 -21.39
C LEU A 123 -12.40 -15.57 -22.17
N ASN A 124 -13.37 -14.72 -21.79
N ASN A 124 -13.33 -14.68 -21.86
CA ASN A 124 -14.69 -14.63 -22.45
CA ASN A 124 -14.64 -14.72 -22.50
C ASN A 124 -15.48 -15.93 -22.35
C ASN A 124 -15.22 -16.14 -22.42
N LYS A 125 -15.38 -16.58 -21.18
CA LYS A 125 -16.04 -17.86 -20.93
C LYS A 125 -16.98 -17.69 -19.75
N LYS A 126 -18.05 -18.49 -19.73
CA LYS A 126 -19.11 -18.28 -18.78
C LYS A 126 -18.78 -18.77 -17.37
N TYR A 127 -18.02 -19.85 -17.23
CA TYR A 127 -17.82 -20.51 -15.94
C TYR A 127 -16.34 -20.72 -15.65
N VAL A 128 -15.93 -20.44 -14.41
CA VAL A 128 -14.55 -20.63 -13.98
C VAL A 128 -14.57 -21.23 -12.58
N ILE A 129 -13.84 -22.31 -12.41
CA ILE A 129 -13.58 -22.90 -11.10
C ILE A 129 -12.10 -22.71 -10.80
N ALA A 130 -11.76 -21.82 -9.83
CA ALA A 130 -10.36 -21.64 -9.48
C ALA A 130 -9.90 -22.77 -8.55
N THR A 131 -8.76 -23.38 -8.88
CA THR A 131 -8.33 -24.62 -8.23
C THR A 131 -7.02 -24.39 -7.48
N SER A 132 -6.62 -25.45 -6.73
CA SER A 132 -5.38 -25.45 -5.97
C SER A 132 -4.14 -25.61 -6.83
N SER A 133 -4.28 -25.96 -8.12
CA SER A 133 -3.14 -26.09 -9.04
C SER A 133 -3.71 -26.39 -10.43
N GLY A 134 -2.87 -26.18 -11.43
CA GLY A 134 -3.22 -26.63 -12.79
C GLY A 134 -3.36 -28.15 -12.88
N THR A 135 -2.48 -28.88 -12.18
CA THR A 135 -2.57 -30.34 -12.18
C THR A 135 -3.93 -30.77 -11.65
N ASP A 136 -4.36 -30.19 -10.52
CA ASP A 136 -5.68 -30.53 -9.97
C ASP A 136 -6.80 -30.14 -10.93
N ALA A 137 -6.70 -28.95 -11.56
CA ALA A 137 -7.70 -28.54 -12.54
C ALA A 137 -7.86 -29.60 -13.64
N LEU A 138 -6.75 -30.11 -14.14
CA LEU A 138 -6.79 -31.09 -15.22
C LEU A 138 -7.40 -32.40 -14.72
N MET A 139 -6.98 -32.87 -13.54
CA MET A 139 -7.57 -34.11 -12.98
C MET A 139 -9.09 -33.98 -12.84
N VAL A 140 -9.55 -32.87 -12.27
CA VAL A 140 -10.98 -32.69 -12.04
C VAL A 140 -11.71 -32.59 -13.36
N SER A 141 -11.14 -31.86 -14.32
CA SER A 141 -11.79 -31.73 -15.64
C SER A 141 -11.94 -33.06 -16.33
N LEU A 142 -10.93 -33.92 -16.22
CA LEU A 142 -11.04 -35.24 -16.84
C LEU A 142 -12.16 -36.03 -16.20
N LEU A 143 -12.26 -35.98 -14.87
CA LEU A 143 -13.39 -36.64 -14.23
C LEU A 143 -14.73 -36.04 -14.66
N SER A 144 -14.79 -34.72 -14.82
CA SER A 144 -16.05 -34.10 -15.14
C SER A 144 -16.59 -34.57 -16.49
N ILE A 145 -15.71 -34.86 -17.45
CA ILE A 145 -16.21 -35.34 -18.74
C ILE A 145 -16.50 -36.85 -18.72
N GLY A 146 -16.36 -37.51 -17.57
CA GLY A 146 -16.76 -38.88 -17.41
C GLY A 146 -15.65 -39.89 -17.59
N ILE A 147 -14.39 -39.47 -17.53
CA ILE A 147 -13.31 -40.40 -17.73
C ILE A 147 -13.34 -41.45 -16.63
N GLN A 148 -13.32 -42.71 -17.02
CA GLN A 148 -13.27 -43.85 -16.10
C GLN A 148 -11.93 -44.56 -16.20
N PRO A 149 -11.54 -45.35 -15.21
CA PRO A 149 -10.29 -46.09 -15.36
C PRO A 149 -10.29 -46.94 -16.63
N GLY A 150 -9.17 -46.88 -17.34
CA GLY A 150 -9.04 -47.54 -18.60
C GLY A 150 -9.38 -46.70 -19.82
N ASP A 151 -10.04 -45.55 -19.64
CA ASP A 151 -10.35 -44.76 -20.83
C ASP A 151 -9.05 -44.18 -21.38
N GLU A 152 -9.04 -43.89 -22.69
CA GLU A 152 -7.81 -43.35 -23.29
C GLU A 152 -7.89 -41.84 -23.51
N VAL A 153 -6.73 -41.18 -23.40
CA VAL A 153 -6.66 -39.73 -23.62
C VAL A 153 -5.50 -39.50 -24.57
N ILE A 154 -5.79 -38.90 -25.73
CA ILE A 154 -4.76 -38.67 -26.76
C ILE A 154 -4.05 -37.38 -26.38
N MET A 155 -2.70 -37.40 -26.35
CA MET A 155 -1.97 -36.22 -25.91
C MET A 155 -0.56 -36.28 -26.50
N PRO A 156 0.18 -35.17 -26.52
CA PRO A 156 1.59 -35.24 -26.92
C PRO A 156 2.48 -35.80 -25.81
N ALA A 157 3.74 -36.11 -26.18
CA ALA A 157 4.70 -36.74 -25.28
C ALA A 157 5.80 -35.78 -24.83
N ASN A 158 5.66 -34.50 -25.15
CA ASN A 158 6.73 -33.54 -24.86
C ASN A 158 6.30 -32.45 -23.88
N SER A 159 5.20 -32.68 -23.15
CA SER A 159 4.74 -31.69 -22.17
C SER A 159 5.43 -31.90 -20.81
N PHE A 160 5.20 -30.97 -19.89
CA PHE A 160 5.59 -31.17 -18.51
C PHE A 160 4.86 -32.41 -17.98
N ALA A 161 5.50 -33.10 -17.02
CA ALA A 161 4.95 -34.36 -16.52
C ALA A 161 3.54 -34.22 -15.96
N ALA A 162 3.15 -33.02 -15.49
CA ALA A 162 1.81 -32.85 -14.94
C ALA A 162 0.71 -33.29 -15.89
N THR A 163 0.89 -33.08 -17.20
CA THR A 163 -0.22 -33.37 -18.12
C THR A 163 -0.54 -34.86 -18.09
N GLU A 164 0.48 -35.69 -18.27
CA GLU A 164 0.24 -37.12 -18.25
C GLU A 164 -0.09 -37.61 -16.84
N ASN A 165 0.48 -36.96 -15.83
CA ASN A 165 0.21 -37.42 -14.46
C ASN A 165 -1.28 -37.28 -14.12
N ALA A 166 -1.92 -36.19 -14.58
CA ALA A 166 -3.33 -36.01 -14.27
C ALA A 166 -4.19 -37.13 -14.87
N VAL A 167 -3.82 -37.56 -16.08
CA VAL A 167 -4.50 -38.67 -16.72
C VAL A 167 -4.27 -39.96 -15.94
N LEU A 168 -3.01 -40.22 -15.57
CA LEU A 168 -2.67 -41.48 -14.88
C LEU A 168 -3.24 -41.52 -13.47
N ALA A 169 -3.37 -40.36 -12.80
CA ALA A 169 -3.81 -40.35 -11.39
C ALA A 169 -5.23 -40.85 -11.24
N ILE A 170 -6.04 -40.66 -12.28
CA ILE A 170 -7.42 -41.10 -12.23
C ILE A 170 -7.61 -42.45 -12.93
N GLY A 171 -6.51 -43.13 -13.25
CA GLY A 171 -6.55 -44.47 -13.84
C GLY A 171 -6.75 -44.52 -15.34
N ALA A 172 -6.71 -43.36 -16.03
CA ALA A 172 -6.84 -43.32 -17.48
C ALA A 172 -5.48 -43.60 -18.16
N LYS A 173 -5.52 -43.75 -19.49
CA LYS A 173 -4.37 -44.24 -20.27
C LYS A 173 -3.95 -43.20 -21.26
N PRO A 174 -2.78 -42.56 -21.08
CA PRO A 174 -2.25 -41.68 -22.14
C PRO A 174 -1.99 -42.47 -23.41
N VAL A 175 -2.38 -41.87 -24.54
CA VAL A 175 -2.08 -42.41 -25.87
C VAL A 175 -1.32 -41.31 -26.56
N PHE A 176 -0.03 -41.53 -26.82
CA PHE A 176 0.80 -40.44 -27.32
C PHE A 176 0.77 -40.35 -28.84
N VAL A 177 0.67 -39.11 -29.31
CA VAL A 177 0.70 -38.80 -30.73
C VAL A 177 1.81 -37.77 -31.00
N ASP A 178 2.38 -37.86 -32.20
CA ASP A 178 3.54 -37.07 -32.58
C ASP A 178 3.15 -35.60 -32.75
N ILE A 179 4.17 -34.74 -32.62
CA ILE A 179 4.04 -33.29 -32.81
C ILE A 179 4.24 -32.93 -34.26
N ASP A 180 3.88 -31.69 -34.59
CA ASP A 180 4.02 -31.16 -35.93
C ASP A 180 5.44 -30.71 -36.17
N HIS A 181 5.69 -30.14 -37.34
CA HIS A 181 7.04 -29.74 -37.76
C HIS A 181 7.24 -28.24 -37.74
N LYS A 182 6.58 -27.51 -36.82
CA LYS A 182 6.70 -26.06 -36.90
C LYS A 182 6.32 -25.33 -35.63
N SER A 183 5.78 -26.04 -34.63
CA SER A 183 5.21 -25.35 -33.48
C SER A 183 5.36 -26.07 -32.16
N TYR A 184 5.93 -27.28 -32.14
CA TYR A 184 6.06 -28.14 -30.94
C TYR A 184 4.73 -28.67 -30.44
N CYS A 185 3.66 -28.51 -31.21
CA CYS A 185 2.33 -28.90 -30.76
C CYS A 185 1.87 -30.18 -31.44
N ILE A 186 0.85 -30.80 -30.81
CA ILE A 186 0.33 -32.07 -31.30
C ILE A 186 -0.10 -31.93 -32.74
N ASP A 187 0.27 -32.92 -33.55
CA ASP A 187 -0.04 -32.86 -34.98
C ASP A 187 -1.47 -33.29 -35.24
N PRO A 188 -2.36 -32.40 -35.67
CA PRO A 188 -3.75 -32.82 -35.91
C PRO A 188 -3.85 -33.97 -36.87
N LEU A 189 -2.93 -34.06 -37.84
CA LEU A 189 -2.96 -35.12 -38.84
C LEU A 189 -2.59 -36.47 -38.29
N LYS A 190 -2.20 -36.58 -37.03
CA LYS A 190 -1.87 -37.89 -36.45
C LYS A 190 -2.89 -38.33 -35.40
N ILE A 191 -3.90 -37.52 -35.11
CA ILE A 191 -4.82 -37.82 -34.02
C ILE A 191 -5.79 -38.92 -34.43
N GLU A 192 -6.34 -38.82 -35.64
CA GLU A 192 -7.45 -39.70 -35.99
C GLU A 192 -7.04 -41.17 -35.93
N GLU A 193 -5.82 -41.47 -36.34
CA GLU A 193 -5.31 -42.84 -36.35
C GLU A 193 -5.21 -43.43 -34.96
N ALA A 194 -5.10 -42.58 -33.94
CA ALA A 194 -4.94 -43.04 -32.58
C ALA A 194 -6.27 -43.24 -31.87
N ILE A 195 -7.39 -42.89 -32.48
CA ILE A 195 -8.69 -43.01 -31.83
C ILE A 195 -9.10 -44.47 -31.82
N THR A 196 -9.55 -44.93 -30.65
CA THR A 196 -10.07 -46.27 -30.47
C THR A 196 -11.42 -46.18 -29.80
N GLN A 197 -12.03 -47.32 -29.53
CA GLN A 197 -13.24 -47.31 -28.77
C GLN A 197 -13.06 -46.86 -27.35
N LYS A 198 -11.84 -46.81 -26.86
CA LYS A 198 -11.62 -46.35 -25.50
C LYS A 198 -11.35 -44.86 -25.41
N THR A 199 -11.17 -44.19 -26.54
CA THR A 199 -10.77 -42.78 -26.49
C THR A 199 -11.90 -41.96 -25.92
N LYS A 200 -11.61 -41.09 -24.97
CA LYS A 200 -12.63 -40.23 -24.45
C LYS A 200 -12.27 -38.76 -24.58
N CYS A 201 -11.02 -38.44 -24.88
CA CYS A 201 -10.62 -37.05 -24.78
C CYS A 201 -9.40 -36.82 -25.65
N ILE A 202 -9.32 -35.65 -26.28
CA ILE A 202 -8.09 -35.14 -26.87
C ILE A 202 -7.59 -34.05 -25.94
N LEU A 203 -6.30 -34.12 -25.59
CA LEU A 203 -5.65 -33.23 -24.60
C LEU A 203 -4.47 -32.54 -25.29
N PRO A 204 -4.75 -31.53 -26.12
CA PRO A 204 -3.65 -30.75 -26.74
C PRO A 204 -3.01 -29.86 -25.69
N VAL A 205 -1.70 -29.64 -25.83
CA VAL A 205 -0.96 -28.76 -24.91
C VAL A 205 -0.48 -27.55 -25.68
N HIS A 206 -0.77 -26.35 -25.16
CA HIS A 206 -0.31 -25.12 -25.82
C HIS A 206 1.10 -24.77 -25.32
N LEU A 207 2.02 -25.55 -25.84
CA LEU A 207 3.34 -25.64 -25.25
C LEU A 207 4.16 -24.37 -25.49
N TYR A 208 4.84 -23.92 -24.43
CA TYR A 208 5.75 -22.77 -24.44
C TYR A 208 4.99 -21.47 -24.58
N GLY A 209 3.65 -21.51 -24.57
CA GLY A 209 2.88 -20.31 -24.76
C GLY A 209 2.28 -20.19 -26.16
N LYS A 210 2.47 -21.18 -27.01
CA LYS A 210 1.98 -21.16 -28.39
C LYS A 210 0.74 -22.03 -28.48
N GLN A 211 -0.28 -21.58 -29.18
CA GLN A 211 -1.45 -22.40 -29.34
C GLN A 211 -1.38 -23.47 -30.39
N CYS A 212 -1.97 -24.61 -30.12
CA CYS A 212 -2.08 -25.64 -31.11
C CYS A 212 -3.11 -25.23 -32.19
N ASP A 213 -3.18 -25.99 -33.27
CA ASP A 213 -4.18 -25.75 -34.35
C ASP A 213 -5.50 -26.30 -33.90
N MET A 214 -6.24 -25.52 -33.16
CA MET A 214 -7.45 -26.04 -32.57
C MET A 214 -8.65 -26.21 -33.47
N LYS A 215 -8.72 -25.42 -34.51
CA LYS A 215 -9.80 -25.56 -35.46
C LYS A 215 -9.77 -26.92 -36.07
N ARG A 216 -8.57 -27.35 -36.43
CA ARG A 216 -8.48 -28.67 -37.05
C ARG A 216 -8.73 -29.78 -36.04
N ILE A 217 -8.22 -29.61 -34.83
CA ILE A 217 -8.43 -30.66 -33.82
C ILE A 217 -9.92 -30.76 -33.45
N ARG A 218 -10.63 -29.62 -33.42
CA ARG A 218 -12.08 -29.66 -33.22
C ARG A 218 -12.79 -30.36 -34.36
N GLU A 219 -12.32 -30.20 -35.60
CA GLU A 219 -12.97 -30.88 -36.71
C GLU A 219 -12.99 -32.38 -36.49
N ILE A 220 -11.85 -32.94 -36.06
CA ILE A 220 -11.75 -34.37 -35.83
C ILE A 220 -12.55 -34.77 -34.60
N ALA A 221 -12.45 -33.97 -33.53
CA ALA A 221 -13.22 -34.24 -32.32
C ALA A 221 -14.71 -34.27 -32.58
N ASP A 222 -15.21 -33.38 -33.45
CA ASP A 222 -16.64 -33.42 -33.75
C ASP A 222 -17.02 -34.68 -34.54
N VAL A 223 -16.18 -35.09 -35.50
CA VAL A 223 -16.48 -36.30 -36.28
C VAL A 223 -16.64 -37.50 -35.35
N TYR A 224 -15.77 -37.59 -34.33
CA TYR A 224 -15.72 -38.71 -33.42
C TYR A 224 -16.44 -38.42 -32.10
N GLN A 225 -17.14 -37.29 -32.01
CA GLN A 225 -17.79 -36.83 -30.78
C GLN A 225 -16.93 -37.07 -29.56
N LEU A 226 -15.74 -36.51 -29.59
CA LEU A 226 -14.80 -36.60 -28.48
C LEU A 226 -14.74 -35.25 -27.77
N ARG A 227 -14.47 -35.25 -26.47
CA ARG A 227 -14.24 -33.98 -25.78
C ARG A 227 -12.84 -33.49 -26.06
N ILE A 228 -12.64 -32.16 -25.95
CA ILE A 228 -11.30 -31.57 -25.97
C ILE A 228 -11.10 -30.83 -24.66
N ILE A 229 -10.05 -31.20 -23.91
CA ILE A 229 -9.60 -30.41 -22.75
C ILE A 229 -8.27 -29.83 -23.13
N GLU A 230 -8.14 -28.51 -23.09
CA GLU A 230 -6.88 -27.89 -23.53
C GLU A 230 -5.99 -27.60 -22.35
N ASP A 231 -4.75 -28.11 -22.38
CA ASP A 231 -3.76 -27.75 -21.36
C ASP A 231 -3.17 -26.41 -21.78
N ALA A 232 -3.73 -25.34 -21.23
CA ALA A 232 -3.29 -23.97 -21.49
C ALA A 232 -2.52 -23.42 -20.30
N CYS A 233 -1.85 -24.29 -19.55
CA CYS A 233 -1.16 -23.84 -18.35
C CYS A 233 -0.01 -22.89 -18.63
N GLN A 234 0.50 -22.82 -19.86
CA GLN A 234 1.57 -21.87 -20.21
C GLN A 234 1.08 -20.73 -21.11
N ALA A 235 -0.21 -20.65 -21.39
CA ALA A 235 -0.65 -19.82 -22.51
C ALA A 235 -1.58 -18.67 -22.11
N ILE A 236 -1.62 -18.30 -20.83
CA ILE A 236 -2.57 -17.23 -20.43
C ILE A 236 -2.27 -15.94 -21.20
N GLY A 237 -3.35 -15.29 -21.70
CA GLY A 237 -3.20 -14.09 -22.48
C GLY A 237 -3.22 -14.33 -23.96
N SER A 238 -3.12 -15.58 -24.39
CA SER A 238 -3.13 -15.86 -25.83
C SER A 238 -4.51 -15.56 -26.45
N SER A 239 -4.56 -14.73 -27.52
CA SER A 239 -5.86 -14.32 -28.06
C SER A 239 -6.71 -15.52 -28.48
N ASN A 240 -8.00 -15.44 -28.15
CA ASN A 240 -9.03 -16.41 -28.58
C ASN A 240 -8.79 -17.78 -28.00
N LEU A 241 -8.06 -17.86 -26.90
CA LEU A 241 -7.83 -19.11 -26.19
C LEU A 241 -9.13 -19.80 -25.83
N GLY A 242 -9.22 -21.09 -26.16
CA GLY A 242 -10.36 -21.88 -25.76
C GLY A 242 -11.54 -21.86 -26.69
N GLU A 243 -11.47 -21.15 -27.82
CA GLU A 243 -12.61 -21.01 -28.71
C GLU A 243 -13.23 -22.36 -29.08
N TYR A 244 -12.39 -23.38 -29.28
CA TYR A 244 -12.84 -24.65 -29.78
C TYR A 244 -12.82 -25.76 -28.73
N GLY A 245 -12.48 -25.44 -27.49
CA GLY A 245 -12.26 -26.47 -26.47
C GLY A 245 -13.49 -26.62 -25.60
N ASP A 246 -13.74 -27.84 -25.11
CA ASP A 246 -14.79 -28.03 -24.10
C ASP A 246 -14.41 -27.40 -22.77
N ILE A 247 -13.18 -27.65 -22.32
CA ILE A 247 -12.69 -27.10 -21.07
C ILE A 247 -11.28 -26.63 -21.31
N ILE A 248 -10.93 -25.49 -20.74
CA ILE A 248 -9.56 -24.97 -20.78
C ILE A 248 -8.96 -25.04 -19.39
N ILE A 249 -7.72 -25.52 -19.30
CA ILE A 249 -7.01 -25.58 -18.01
C ILE A 249 -5.98 -24.48 -17.95
N LEU A 250 -5.97 -23.73 -16.83
CA LEU A 250 -4.93 -22.73 -16.60
C LEU A 250 -4.15 -23.13 -15.37
N SER A 251 -2.88 -22.72 -15.33
CA SER A 251 -2.07 -22.77 -14.10
C SER A 251 -1.69 -21.35 -13.71
N PHE A 252 -1.75 -21.08 -12.39
CA PHE A 252 -1.22 -19.82 -11.87
C PHE A 252 0.00 -20.07 -11.00
N ASN A 253 0.79 -21.11 -11.31
CA ASN A 253 1.98 -21.33 -10.51
C ASN A 253 2.92 -20.12 -10.67
N PRO A 254 3.81 -19.91 -9.68
CA PRO A 254 4.52 -18.65 -9.61
C PRO A 254 5.44 -18.40 -10.77
N TYR A 255 5.76 -19.40 -11.56
N TYR A 255 5.81 -19.45 -11.55
CA TYR A 255 6.71 -19.18 -12.64
CA TYR A 255 6.69 -19.36 -12.73
C TYR A 255 5.99 -19.15 -13.99
C TYR A 255 5.95 -18.93 -13.99
N LYS A 256 4.64 -19.07 -13.99
CA LYS A 256 3.89 -18.83 -15.23
C LYS A 256 3.85 -17.35 -15.59
N ASN A 257 3.28 -17.05 -16.79
CA ASN A 257 3.28 -15.65 -17.22
C ASN A 257 2.51 -14.77 -16.26
N PHE A 258 1.49 -15.35 -15.63
CA PHE A 258 0.78 -14.79 -14.48
C PHE A 258 0.76 -15.87 -13.40
N GLY A 259 1.17 -15.50 -12.19
CA GLY A 259 1.19 -16.49 -11.13
C GLY A 259 0.79 -15.87 -9.82
N VAL A 260 0.41 -16.74 -8.90
CA VAL A 260 0.18 -16.33 -7.52
C VAL A 260 1.46 -16.57 -6.70
N CYS A 261 1.35 -16.66 -5.35
CA CYS A 261 2.55 -16.83 -4.52
C CYS A 261 2.45 -18.18 -3.84
N GLY A 262 2.29 -19.19 -4.67
CA GLY A 262 1.96 -20.52 -4.22
C GLY A 262 1.33 -21.22 -5.40
N LYS A 263 0.59 -22.31 -5.12
CA LYS A 263 0.02 -23.07 -6.20
C LYS A 263 -1.44 -22.66 -6.39
N ALA A 264 -1.88 -22.67 -7.65
CA ALA A 264 -3.27 -22.39 -8.01
C ALA A 264 -3.41 -22.62 -9.51
N GLY A 265 -4.66 -22.73 -9.92
CA GLY A 265 -4.95 -22.87 -11.33
C GLY A 265 -6.45 -22.62 -11.56
N ALA A 266 -6.92 -23.02 -12.77
CA ALA A 266 -8.35 -22.83 -13.01
C ALA A 266 -8.86 -23.75 -14.10
N ILE A 267 -10.16 -24.02 -14.01
CA ILE A 267 -10.96 -24.72 -15.02
C ILE A 267 -11.88 -23.68 -15.62
N VAL A 268 -11.89 -23.58 -16.93
CA VAL A 268 -12.70 -22.58 -17.61
C VAL A 268 -13.54 -23.26 -18.69
N THR A 269 -14.84 -22.96 -18.74
CA THR A 269 -15.72 -23.62 -19.71
C THR A 269 -16.97 -22.79 -19.95
N ASN A 270 -17.61 -23.02 -21.10
CA ASN A 270 -18.96 -22.48 -21.32
C ASN A 270 -20.05 -23.48 -20.96
N ASN A 271 -19.66 -24.72 -20.64
CA ASN A 271 -20.61 -25.82 -20.51
C ASN A 271 -21.02 -25.90 -19.04
N GLU A 272 -22.29 -25.58 -18.75
CA GLU A 272 -22.69 -25.52 -17.33
C GLU A 272 -22.71 -26.91 -16.68
N ASN A 273 -23.11 -27.95 -17.43
CA ASN A 273 -23.07 -29.29 -16.86
C ASN A 273 -21.65 -29.67 -16.45
N LEU A 274 -20.69 -29.45 -17.33
CA LEU A 274 -19.31 -29.77 -16.97
C LEU A 274 -18.84 -28.89 -15.81
N ALA A 275 -19.20 -27.60 -15.84
CA ALA A 275 -18.74 -26.71 -14.80
C ALA A 275 -19.29 -27.09 -13.44
N ILE A 276 -20.55 -27.53 -13.39
CA ILE A 276 -21.10 -27.97 -12.10
C ILE A 276 -20.37 -29.20 -11.60
N ARG A 277 -20.14 -30.18 -12.48
CA ARG A 277 -19.42 -31.39 -12.04
C ARG A 277 -18.00 -31.04 -11.58
N CYS A 278 -17.35 -30.11 -12.30
CA CYS A 278 -16.01 -29.67 -11.87
C CYS A 278 -16.05 -29.08 -10.48
N ASN A 279 -17.04 -28.21 -10.23
CA ASN A 279 -17.18 -27.61 -8.90
C ASN A 279 -17.36 -28.70 -7.85
N GLN A 280 -18.24 -29.67 -8.12
CA GLN A 280 -18.48 -30.73 -7.15
C GLN A 280 -17.22 -31.57 -6.93
N TYR A 281 -16.58 -32.03 -8.03
CA TYR A 281 -15.36 -32.84 -7.87
C TYR A 281 -14.24 -32.08 -7.16
N SER A 282 -14.21 -30.76 -7.31
CA SER A 282 -13.09 -30.05 -6.71
C SER A 282 -13.28 -29.82 -5.22
N TYR A 283 -14.45 -30.22 -4.68
CA TYR A 283 -14.65 -30.01 -3.27
C TYR A 283 -15.47 -31.20 -2.78
N HIS A 284 -14.80 -32.36 -2.75
CA HIS A 284 -15.26 -33.56 -2.03
C HIS A 284 -16.50 -34.23 -2.60
N GLY A 285 -16.92 -33.81 -3.79
CA GLY A 285 -18.15 -34.35 -4.35
C GLY A 285 -19.39 -33.74 -3.74
N PHE A 286 -19.25 -32.72 -2.91
CA PHE A 286 -20.43 -32.12 -2.32
C PHE A 286 -21.23 -31.36 -3.37
N GLU A 287 -22.55 -31.35 -3.18
CA GLU A 287 -23.39 -30.46 -3.95
C GLU A 287 -22.91 -29.03 -3.71
N VAL A 288 -23.07 -28.21 -4.74
CA VAL A 288 -22.61 -26.82 -4.71
C VAL A 288 -23.26 -26.12 -3.52
N ASP A 289 -22.42 -25.57 -2.63
CA ASP A 289 -22.81 -24.84 -1.42
C ASP A 289 -23.49 -25.72 -0.37
N LYS A 290 -23.36 -27.04 -0.47
CA LYS A 290 -23.90 -27.95 0.53
C LYS A 290 -22.74 -28.74 1.13
N LYS A 291 -21.96 -28.09 1.99
CA LYS A 291 -20.84 -28.79 2.61
C LYS A 291 -21.38 -30.02 3.33
N ASN A 292 -20.63 -31.13 3.20
CA ASN A 292 -20.85 -32.41 3.87
C ASN A 292 -21.92 -33.25 3.21
N LYS A 293 -22.52 -32.80 2.13
CA LYS A 293 -23.59 -33.55 1.48
C LYS A 293 -23.09 -33.92 0.07
N LYS A 294 -22.70 -35.18 -0.13
CA LYS A 294 -22.17 -35.56 -1.45
C LYS A 294 -23.30 -35.84 -2.43
N VAL A 295 -23.05 -35.42 -3.67
CA VAL A 295 -23.93 -35.80 -4.78
C VAL A 295 -23.14 -36.62 -5.79
N LEU A 296 -21.82 -36.36 -5.92
CA LEU A 296 -20.94 -37.23 -6.69
C LEU A 296 -20.27 -38.24 -5.77
N ASP A 297 -19.69 -39.29 -6.34
CA ASP A 297 -19.29 -40.42 -5.50
C ASP A 297 -18.14 -40.07 -4.57
N PHE A 298 -17.26 -39.18 -5.00
CA PHE A 298 -16.16 -38.69 -4.20
C PHE A 298 -15.71 -37.38 -4.81
N GLY A 299 -14.72 -36.79 -4.18
CA GLY A 299 -14.08 -35.62 -4.78
C GLY A 299 -12.78 -35.34 -4.08
N PHE A 300 -12.21 -34.17 -4.39
CA PHE A 300 -10.87 -33.80 -3.97
C PHE A 300 -10.97 -32.56 -3.10
N ASN A 301 -9.85 -32.11 -2.57
CA ASN A 301 -9.85 -30.84 -1.83
C ASN A 301 -9.02 -29.84 -2.64
N SER A 302 -9.62 -29.35 -3.75
CA SER A 302 -8.87 -28.79 -4.88
C SER A 302 -9.34 -27.42 -5.33
N LYS A 303 -10.05 -26.70 -4.49
CA LYS A 303 -10.33 -25.30 -4.84
C LYS A 303 -9.13 -24.42 -4.51
N ILE A 304 -9.08 -23.22 -5.13
CA ILE A 304 -8.02 -22.28 -4.77
C ILE A 304 -8.21 -21.82 -3.33
N ASP A 305 -7.09 -21.44 -2.72
CA ASP A 305 -7.11 -20.72 -1.43
C ASP A 305 -7.59 -19.29 -1.64
N ASN A 306 -8.58 -18.84 -0.82
CA ASN A 306 -9.01 -17.42 -0.89
C ASN A 306 -7.83 -16.46 -0.77
N LEU A 307 -6.84 -16.77 0.07
CA LEU A 307 -5.68 -15.91 0.19
C LEU A 307 -4.87 -15.85 -1.10
N GLN A 308 -4.67 -16.97 -1.80
CA GLN A 308 -3.97 -16.94 -3.07
C GLN A 308 -4.76 -16.23 -4.14
N ALA A 309 -6.11 -16.34 -4.09
CA ALA A 309 -6.92 -15.61 -5.05
C ALA A 309 -6.75 -14.12 -4.83
N ALA A 310 -6.65 -13.69 -3.56
CA ALA A 310 -6.41 -12.27 -3.31
C ALA A 310 -5.05 -11.85 -3.85
N ILE A 311 -4.02 -12.69 -3.65
CA ILE A 311 -2.71 -12.37 -4.23
C ILE A 311 -2.81 -12.34 -5.74
N GLY A 312 -3.51 -13.33 -6.31
CA GLY A 312 -3.69 -13.37 -7.77
C GLY A 312 -4.32 -12.11 -8.32
N LEU A 313 -5.31 -11.55 -7.61
CA LEU A 313 -5.94 -10.30 -8.09
C LEU A 313 -4.97 -9.12 -8.08
N GLU A 314 -3.95 -9.16 -7.21
CA GLU A 314 -2.92 -8.12 -7.24
C GLU A 314 -1.92 -8.36 -8.34
N ARG A 315 -1.46 -9.62 -8.49
CA ARG A 315 -0.38 -9.88 -9.45
C ARG A 315 -0.87 -9.88 -10.88
N ILE A 316 -2.13 -10.22 -11.12
CA ILE A 316 -2.62 -10.21 -12.51
C ILE A 316 -2.63 -8.81 -13.06
N LYS A 317 -2.55 -7.79 -12.21
CA LYS A 317 -2.39 -6.42 -12.72
C LYS A 317 -1.23 -6.29 -13.69
N PHE A 318 -0.21 -7.13 -13.53
CA PHE A 318 0.98 -6.99 -14.36
C PHE A 318 0.93 -7.83 -15.65
N LEU A 319 -0.14 -8.58 -15.88
CA LEU A 319 -0.10 -9.62 -16.92
C LEU A 319 0.12 -9.04 -18.32
N SER A 320 -0.71 -8.10 -18.75
CA SER A 320 -0.55 -7.67 -20.14
C SER A 320 0.78 -6.97 -20.36
N TYR A 321 1.21 -6.18 -19.36
CA TYR A 321 2.50 -5.48 -19.48
C TYR A 321 3.65 -6.48 -19.49
N ASN A 322 3.64 -7.49 -18.60
CA ASN A 322 4.72 -8.45 -18.65
C ASN A 322 4.67 -9.30 -19.92
N ASN A 323 3.48 -9.60 -20.45
CA ASN A 323 3.42 -10.30 -21.74
C ASN A 323 3.97 -9.42 -22.84
N LEU A 324 3.73 -8.10 -22.79
CA LEU A 324 4.31 -7.21 -23.77
C LEU A 324 5.83 -7.25 -23.73
N LYS A 325 6.40 -7.19 -22.52
CA LYS A 325 7.84 -7.29 -22.40
C LYS A 325 8.35 -8.63 -22.94
N ARG A 326 7.61 -9.72 -22.69
CA ARG A 326 8.03 -10.99 -23.25
C ARG A 326 8.07 -10.97 -24.78
N VAL A 327 7.04 -10.39 -25.44
CA VAL A 327 7.05 -10.46 -26.91
C VAL A 327 8.13 -9.54 -27.48
N PHE A 328 8.41 -8.40 -26.80
CA PHE A 328 9.57 -7.60 -27.18
C PHE A 328 10.87 -8.41 -27.09
N LEU A 329 11.06 -9.15 -26.00
CA LEU A 329 12.28 -9.96 -25.87
C LEU A 329 12.35 -11.03 -26.96
N ALA A 330 11.22 -11.69 -27.23
CA ALA A 330 11.18 -12.74 -28.26
C ALA A 330 11.55 -12.17 -29.61
N GLN A 331 10.95 -11.03 -29.96
CA GLN A 331 11.22 -10.38 -31.24
C GLN A 331 12.70 -10.05 -31.35
N ARG A 332 13.29 -9.59 -30.25
CA ARG A 332 14.70 -9.20 -30.24
C ARG A 332 15.62 -10.40 -30.44
N TYR A 333 15.33 -11.54 -29.80
CA TYR A 333 16.07 -12.78 -30.10
C TYR A 333 15.97 -13.13 -31.59
N ILE A 334 14.75 -13.17 -32.14
CA ILE A 334 14.55 -13.58 -33.53
C ILE A 334 15.36 -12.68 -34.47
N ARG A 335 15.28 -11.38 -34.25
CA ARG A 335 15.98 -10.45 -35.13
C ARG A 335 17.48 -10.60 -35.02
N ASN A 336 18.00 -10.73 -33.80
CA ASN A 336 19.43 -10.66 -33.63
C ASN A 336 20.14 -11.98 -33.84
N LEU A 337 19.40 -13.10 -33.90
CA LEU A 337 19.93 -14.42 -34.20
C LEU A 337 19.68 -14.84 -35.65
N LYS A 338 19.14 -13.92 -36.48
CA LYS A 338 18.78 -14.27 -37.84
C LYS A 338 19.96 -14.77 -38.65
N GLU A 339 21.16 -14.21 -38.43
CA GLU A 339 22.33 -14.65 -39.19
C GLU A 339 22.63 -16.13 -38.96
N LEU A 340 22.44 -16.62 -37.71
CA LEU A 340 22.72 -18.01 -37.39
C LEU A 340 21.76 -18.96 -38.11
N GLU A 341 20.50 -18.55 -38.26
CA GLU A 341 19.58 -19.35 -39.06
C GLU A 341 19.91 -19.24 -40.55
N ASP A 342 20.26 -18.05 -41.03
CA ASP A 342 20.76 -17.93 -42.40
C ASP A 342 21.90 -18.90 -42.69
N ARG A 343 22.81 -19.07 -41.72
CA ARG A 343 23.96 -19.96 -41.84
C ARG A 343 23.59 -21.41 -41.59
N GLU A 344 22.30 -21.70 -41.43
CA GLU A 344 21.78 -23.05 -41.25
C GLU A 344 22.41 -23.73 -40.02
N LEU A 345 22.67 -22.95 -38.97
CA LEU A 345 23.12 -23.50 -37.70
C LEU A 345 21.98 -23.72 -36.71
N ILE A 346 20.93 -22.90 -36.79
CA ILE A 346 19.81 -22.97 -35.87
C ILE A 346 18.53 -22.76 -36.64
N LYS A 347 17.43 -23.17 -36.02
CA LYS A 347 16.11 -22.76 -36.46
C LYS A 347 15.49 -21.93 -35.36
N LEU A 348 14.85 -20.83 -35.75
CA LEU A 348 14.23 -19.88 -34.83
C LEU A 348 12.72 -19.95 -34.91
N PRO A 349 12.04 -19.58 -33.84
CA PRO A 349 10.58 -19.47 -33.88
C PRO A 349 10.19 -18.25 -34.70
N ARG A 350 8.92 -18.24 -35.12
CA ARG A 350 8.38 -17.09 -35.84
C ARG A 350 7.51 -16.25 -34.92
N MET A 351 7.40 -14.96 -35.23
CA MET A 351 6.42 -14.17 -34.49
C MET A 351 5.03 -14.56 -34.98
N THR A 352 4.13 -14.90 -34.05
CA THR A 352 2.72 -15.11 -34.38
C THR A 352 1.88 -14.40 -33.34
N GLU A 353 0.64 -14.09 -33.74
CA GLU A 353 -0.20 -13.27 -32.87
C GLU A 353 -0.70 -14.03 -31.64
N ASP A 354 -0.61 -15.35 -31.61
CA ASP A 354 -1.13 -16.16 -30.49
C ASP A 354 -0.08 -16.44 -29.43
N ASN A 355 1.20 -16.32 -29.74
CA ASN A 355 2.22 -16.78 -28.80
C ASN A 355 2.36 -15.81 -27.62
N VAL A 356 2.37 -16.32 -26.38
CA VAL A 356 2.66 -15.44 -25.25
C VAL A 356 4.06 -15.64 -24.71
N TRP A 357 4.86 -16.54 -25.32
CA TRP A 357 6.32 -16.57 -25.07
C TRP A 357 6.61 -16.85 -23.62
N HIS A 358 5.96 -17.91 -23.11
CA HIS A 358 6.29 -18.38 -21.78
C HIS A 358 7.71 -18.91 -21.75
N LEU A 359 8.06 -19.67 -22.81
CA LEU A 359 9.41 -20.15 -23.01
C LEU A 359 9.82 -19.88 -24.46
N PHE A 360 11.14 -19.77 -24.69
CA PHE A 360 11.66 -19.36 -25.99
C PHE A 360 12.51 -20.47 -26.58
N PRO A 361 11.95 -21.30 -27.45
CA PRO A 361 12.71 -22.43 -28.00
C PRO A 361 13.44 -22.08 -29.28
N ILE A 362 14.65 -22.57 -29.39
CA ILE A 362 15.36 -22.62 -30.67
C ILE A 362 15.74 -24.07 -30.93
N ARG A 363 16.09 -24.36 -32.16
CA ARG A 363 16.64 -25.68 -32.48
C ARG A 363 18.07 -25.53 -32.96
N ILE A 364 18.98 -26.29 -32.34
CA ILE A 364 20.38 -26.37 -32.76
C ILE A 364 20.51 -27.65 -33.58
N ILE A 365 20.77 -27.50 -34.88
CA ILE A 365 20.73 -28.65 -35.77
C ILE A 365 22.15 -29.18 -36.02
N ASN A 366 22.28 -30.17 -36.89
CA ASN A 366 23.56 -30.83 -37.15
C ASN A 366 24.13 -31.45 -35.89
N GLY A 367 23.27 -31.80 -34.92
CA GLY A 367 23.72 -32.55 -33.77
C GLY A 367 24.46 -31.74 -32.74
N ARG A 368 24.47 -30.41 -32.85
CA ARG A 368 25.34 -29.61 -32.01
C ARG A 368 24.67 -29.09 -30.75
N ARG A 369 23.44 -29.54 -30.43
CA ARG A 369 22.72 -28.93 -29.33
C ARG A 369 23.47 -29.04 -28.02
N ASP A 370 23.92 -30.23 -27.66
CA ASP A 370 24.61 -30.43 -26.39
C ASP A 370 25.89 -29.59 -26.31
N GLU A 371 26.66 -29.56 -27.40
CA GLU A 371 27.92 -28.81 -27.34
C GLU A 371 27.65 -27.31 -27.16
N VAL A 372 26.62 -26.77 -27.85
CA VAL A 372 26.26 -25.36 -27.68
C VAL A 372 25.80 -25.10 -26.24
N LYS A 373 24.86 -25.91 -25.75
CA LYS A 373 24.38 -25.72 -24.38
C LYS A 373 25.53 -25.78 -23.38
N ASN A 374 26.42 -26.78 -23.51
CA ASN A 374 27.44 -26.94 -22.49
C ASN A 374 28.51 -25.84 -22.59
N LYS A 375 28.86 -25.46 -23.81
CA LYS A 375 29.82 -24.38 -23.97
C LYS A 375 29.20 -23.06 -23.53
N LEU A 376 27.89 -22.88 -23.76
CA LEU A 376 27.28 -21.62 -23.34
C LEU A 376 27.47 -21.43 -21.83
N TYR A 377 27.30 -22.50 -21.06
CA TYR A 377 27.41 -22.41 -19.61
C TYR A 377 28.86 -22.36 -19.17
N GLN A 378 29.65 -23.35 -19.57
CA GLN A 378 30.99 -23.48 -19.03
C GLN A 378 31.95 -22.43 -19.63
N LEU A 379 31.82 -22.08 -20.91
CA LEU A 379 32.69 -21.05 -21.47
C LEU A 379 32.13 -19.64 -21.29
N TYR A 380 30.82 -19.45 -21.35
CA TYR A 380 30.26 -18.11 -21.42
C TYR A 380 29.40 -17.72 -20.21
N ASN A 381 29.25 -18.61 -19.23
CA ASN A 381 28.49 -18.34 -17.99
C ASN A 381 27.01 -18.04 -18.29
N ILE A 382 26.45 -18.72 -19.29
CA ILE A 382 25.05 -18.54 -19.69
C ILE A 382 24.33 -19.84 -19.44
N GLU A 383 23.33 -19.81 -18.54
CA GLU A 383 22.40 -20.92 -18.32
C GLU A 383 21.38 -20.96 -19.44
N THR A 384 21.27 -22.10 -20.12
CA THR A 384 20.11 -22.43 -20.92
C THR A 384 19.52 -23.71 -20.38
N ASP A 385 18.31 -24.05 -20.83
CA ASP A 385 17.66 -25.24 -20.30
C ASP A 385 16.93 -25.96 -21.42
N ILE A 386 16.55 -27.21 -21.15
CA ILE A 386 15.74 -28.02 -22.06
C ILE A 386 14.44 -28.35 -21.34
N TYR A 387 13.35 -27.69 -21.73
CA TYR A 387 12.00 -28.03 -21.19
C TYR A 387 11.37 -28.93 -22.23
N TYR A 388 11.32 -30.24 -22.01
CA TYR A 388 11.69 -30.96 -20.76
C TYR A 388 12.69 -32.06 -21.08
N PRO A 389 13.50 -32.47 -20.12
CA PRO A 389 14.66 -33.30 -20.49
C PRO A 389 14.34 -34.73 -20.90
N VAL A 390 13.20 -35.28 -20.46
CA VAL A 390 12.85 -36.67 -20.78
C VAL A 390 11.45 -36.67 -21.38
N LEU A 391 11.28 -37.36 -22.51
CA LEU A 391 9.94 -37.47 -23.09
C LEU A 391 9.08 -38.47 -22.31
N SER A 392 7.75 -38.34 -22.47
CA SER A 392 6.84 -39.13 -21.63
C SER A 392 7.02 -40.62 -21.78
N HIS A 393 7.27 -41.09 -23.01
CA HIS A 393 7.40 -42.51 -23.25
C HIS A 393 8.82 -43.03 -22.98
N LYS A 394 9.68 -42.21 -22.38
CA LYS A 394 11.09 -42.57 -22.20
C LYS A 394 11.51 -42.49 -20.72
N HIS A 395 10.58 -42.24 -19.80
CA HIS A 395 10.97 -42.28 -18.39
C HIS A 395 11.35 -43.69 -17.98
N ASN A 396 12.21 -43.77 -16.97
CA ASN A 396 12.61 -45.06 -16.42
C ASN A 396 11.66 -45.47 -15.29
N THR A 397 10.44 -45.84 -15.68
CA THR A 397 9.41 -46.27 -14.74
C THR A 397 8.85 -47.61 -15.16
N LYS A 398 8.24 -48.31 -14.20
CA LYS A 398 7.55 -49.57 -14.51
C LYS A 398 6.46 -49.35 -15.56
N LEU A 399 5.70 -48.25 -15.45
CA LEU A 399 4.65 -47.99 -16.43
C LEU A 399 5.21 -47.87 -17.84
N VAL A 400 6.34 -47.18 -18.00
CA VAL A 400 6.89 -47.02 -19.36
C VAL A 400 7.38 -48.37 -19.87
N LYS A 401 8.05 -49.14 -19.00
CA LYS A 401 8.60 -50.43 -19.39
C LYS A 401 7.53 -51.42 -19.77
N LYS A 402 6.34 -51.32 -19.17
CA LYS A 402 5.24 -52.22 -19.48
C LYS A 402 4.35 -51.76 -20.62
N ASN A 403 4.25 -50.44 -20.86
CA ASN A 403 3.21 -49.94 -21.75
C ASN A 403 3.69 -49.14 -22.95
N TYR A 404 4.89 -48.55 -22.92
CA TYR A 404 5.26 -47.55 -23.92
C TYR A 404 6.55 -47.91 -24.65
N MET A 405 6.98 -49.17 -24.57
CA MET A 405 8.27 -49.55 -25.12
C MET A 405 8.24 -49.57 -26.64
N GLN A 406 7.06 -49.80 -27.23
CA GLN A 406 6.92 -49.79 -28.67
C GLN A 406 6.55 -48.42 -29.25
N ASP A 407 6.38 -47.41 -28.42
CA ASP A 407 6.03 -46.10 -28.93
C ASP A 407 7.21 -45.49 -29.67
N THR A 408 6.97 -45.02 -30.89
CA THR A 408 7.96 -44.29 -31.67
C THR A 408 7.29 -43.00 -32.16
N LEU A 409 7.82 -41.87 -31.75
CA LEU A 409 7.28 -40.56 -32.11
C LEU A 409 8.42 -39.84 -32.81
N LEU A 410 8.51 -40.00 -34.14
CA LEU A 410 9.73 -39.64 -34.85
C LEU A 410 10.05 -38.15 -34.74
N ASN A 411 9.05 -37.28 -34.93
CA ASN A 411 9.34 -35.83 -34.90
C ASN A 411 9.61 -35.39 -33.48
N THR A 412 8.83 -35.88 -32.53
CA THR A 412 9.04 -35.53 -31.13
C THR A 412 10.46 -35.87 -30.71
N GLU A 413 10.92 -37.06 -31.11
CA GLU A 413 12.24 -37.53 -30.69
C GLU A 413 13.33 -36.74 -31.39
N GLN A 414 13.14 -36.46 -32.68
CA GLN A 414 14.16 -35.68 -33.39
C GLN A 414 14.25 -34.27 -32.83
N VAL A 415 13.11 -33.59 -32.70
CA VAL A 415 13.09 -32.23 -32.17
C VAL A 415 13.73 -32.18 -30.77
N HIS A 416 13.47 -33.22 -29.96
CA HIS A 416 14.00 -33.28 -28.60
C HIS A 416 15.52 -33.23 -28.56
N LYS A 417 16.18 -33.75 -29.60
CA LYS A 417 17.64 -33.71 -29.72
C LYS A 417 18.18 -32.33 -30.09
N GLU A 418 17.33 -31.45 -30.63
CA GLU A 418 17.76 -30.14 -31.11
C GLU A 418 17.26 -28.96 -30.28
N ILE A 419 16.27 -29.17 -29.42
CA ILE A 419 15.67 -28.02 -28.74
C ILE A 419 16.58 -27.45 -27.65
N LEU A 420 16.49 -26.12 -27.50
CA LEU A 420 17.19 -25.40 -26.44
C LEU A 420 16.38 -24.15 -26.14
N HIS A 421 16.13 -23.92 -24.87
CA HIS A 421 15.38 -22.75 -24.45
C HIS A 421 16.36 -21.68 -23.95
N LEU A 422 16.15 -20.43 -24.41
CA LEU A 422 16.97 -19.28 -24.04
C LEU A 422 16.30 -18.50 -22.91
N PRO A 423 17.06 -17.87 -22.03
CA PRO A 423 16.44 -17.12 -20.92
C PRO A 423 15.51 -16.06 -21.48
N LEU A 424 14.30 -16.03 -20.91
CA LEU A 424 13.30 -15.04 -21.33
C LEU A 424 12.33 -14.89 -20.17
N HIS A 425 12.39 -13.76 -19.48
CA HIS A 425 11.43 -13.48 -18.44
C HIS A 425 11.31 -11.97 -18.36
N PRO A 426 10.15 -11.44 -17.96
CA PRO A 426 9.86 -10.04 -18.24
C PRO A 426 10.75 -9.07 -17.47
N ASN A 427 11.32 -9.47 -16.33
CA ASN A 427 12.19 -8.53 -15.63
C ASN A 427 13.65 -8.69 -16.02
N MET A 428 13.95 -9.41 -17.10
CA MET A 428 15.29 -9.44 -17.65
C MET A 428 15.68 -8.04 -18.12
N LEU A 429 16.96 -7.72 -17.98
CA LEU A 429 17.55 -6.54 -18.62
C LEU A 429 17.92 -6.83 -20.08
N LEU A 430 17.84 -5.79 -20.89
CA LEU A 430 18.35 -5.91 -22.25
C LEU A 430 19.85 -6.20 -22.26
N GLU A 431 20.57 -5.72 -21.23
CA GLU A 431 21.99 -6.05 -21.12
C GLU A 431 22.19 -7.54 -20.90
N GLU A 432 21.32 -8.16 -20.09
CA GLU A 432 21.33 -9.60 -19.94
C GLU A 432 21.03 -10.31 -21.25
N GLN A 433 20.03 -9.82 -22.00
CA GLN A 433 19.76 -10.44 -23.29
C GLN A 433 20.93 -10.26 -24.26
N ASN A 434 21.58 -9.10 -24.24
CA ASN A 434 22.78 -8.93 -25.06
C ASN A 434 23.86 -9.93 -24.71
N PHE A 435 24.01 -10.23 -23.40
CA PHE A 435 25.04 -11.17 -22.95
C PHE A 435 24.76 -12.55 -23.52
N VAL A 436 23.48 -12.97 -23.49
CA VAL A 436 23.07 -14.24 -24.12
C VAL A 436 23.33 -14.20 -25.61
N LEU A 437 22.87 -13.14 -26.27
CA LEU A 437 23.09 -12.97 -27.71
C LEU A 437 24.57 -13.08 -28.08
N GLU A 438 25.45 -12.34 -27.40
CA GLU A 438 26.86 -12.39 -27.77
C GLU A 438 27.42 -13.81 -27.56
N GLY A 439 26.99 -14.48 -26.49
CA GLY A 439 27.44 -15.84 -26.27
C GLY A 439 27.01 -16.79 -27.37
N LEU A 440 25.75 -16.69 -27.80
CA LEU A 440 25.24 -17.55 -28.86
C LEU A 440 25.95 -17.28 -30.19
N ILE A 441 26.23 -16.00 -30.49
CA ILE A 441 26.99 -15.65 -31.68
C ILE A 441 28.40 -16.25 -31.60
N ASN A 442 29.08 -16.05 -30.48
CA ASN A 442 30.48 -16.48 -30.39
C ASN A 442 30.60 -18.00 -30.43
N VAL A 443 29.68 -18.74 -29.81
CA VAL A 443 29.82 -20.18 -29.80
C VAL A 443 29.53 -20.76 -31.18
N ASN A 444 28.90 -19.99 -32.08
CA ASN A 444 28.57 -20.46 -33.41
C ASN A 444 29.41 -19.81 -34.50
N LYS A 445 30.55 -19.21 -34.16
CA LYS A 445 31.46 -18.68 -35.21
C LYS A 445 31.84 -19.73 -36.25
N LEU B 8 8.76 -30.97 39.69
CA LEU B 8 8.71 -30.11 38.48
C LEU B 8 8.35 -30.84 37.19
N THR B 9 7.41 -30.28 36.42
CA THR B 9 7.01 -30.80 35.13
C THR B 9 7.41 -29.79 34.06
N THR B 10 8.02 -30.27 32.98
CA THR B 10 8.33 -29.44 31.84
C THR B 10 7.19 -29.59 30.83
N ILE B 11 6.48 -28.49 30.58
CA ILE B 11 5.37 -28.50 29.62
C ILE B 11 5.91 -28.69 28.21
N SER B 12 5.52 -29.79 27.57
CA SER B 12 5.96 -30.11 26.22
C SER B 12 5.06 -29.52 25.15
N GLY B 13 3.90 -28.97 25.52
CA GLY B 13 2.94 -28.44 24.58
C GLY B 13 1.89 -29.42 24.11
N HIS B 14 1.84 -30.64 24.69
CA HIS B 14 0.81 -31.58 24.31
C HIS B 14 -0.30 -31.67 25.36
N SER B 15 -1.21 -32.61 25.08
CA SER B 15 -2.50 -32.79 25.74
C SER B 15 -2.34 -33.05 27.23
N LYS B 16 -1.50 -34.02 27.56
CA LYS B 16 -1.38 -34.45 28.96
C LYS B 16 -0.92 -33.31 29.86
N ASP B 17 0.11 -32.59 29.44
CA ASP B 17 0.63 -31.51 30.28
C ASP B 17 -0.36 -30.36 30.37
N ASN B 18 -1.13 -30.11 29.30
CA ASN B 18 -2.12 -29.03 29.41
C ASN B 18 -3.13 -29.33 30.50
N LEU B 19 -3.60 -30.58 30.57
CA LEU B 19 -4.57 -30.90 31.60
C LEU B 19 -3.96 -30.74 32.98
N ALA B 20 -2.70 -31.14 33.14
CA ALA B 20 -2.03 -31.02 34.43
C ALA B 20 -1.90 -29.56 34.83
N LEU B 21 -1.52 -28.70 33.87
CA LEU B 21 -1.35 -27.27 34.12
C LEU B 21 -2.67 -26.61 34.45
N LEU B 22 -3.74 -27.00 33.74
CA LEU B 22 -5.07 -26.46 34.02
C LEU B 22 -5.48 -26.78 35.45
N LYS B 23 -5.28 -28.04 35.86
CA LYS B 23 -5.60 -28.40 37.23
C LYS B 23 -4.77 -27.61 38.23
N CYS B 24 -3.54 -27.25 37.86
CA CYS B 24 -2.73 -26.39 38.71
C CYS B 24 -3.30 -24.96 38.76
N LEU B 25 -3.57 -24.37 37.60
CA LEU B 25 -4.07 -23.00 37.56
C LEU B 25 -5.37 -22.86 38.32
N GLN B 26 -6.18 -23.92 38.37
CA GLN B 26 -7.47 -23.86 39.04
C GLN B 26 -7.39 -24.25 40.51
N GLY B 27 -6.18 -24.45 41.04
CA GLY B 27 -6.06 -24.78 42.45
C GLY B 27 -6.59 -26.14 42.82
N GLU B 28 -6.92 -26.99 41.85
CA GLU B 28 -7.20 -28.40 42.10
C GLU B 28 -5.95 -29.15 42.52
N THR B 29 -4.79 -28.50 42.41
CA THR B 29 -3.48 -28.99 42.78
C THR B 29 -2.53 -27.81 42.63
N LYS B 30 -2.11 -27.20 43.71
CA LYS B 30 -1.14 -26.12 43.61
C LYS B 30 0.02 -26.56 44.46
N GLU B 31 0.73 -27.57 43.98
CA GLU B 31 1.77 -28.15 44.74
C GLU B 31 2.84 -28.61 43.77
N LYS B 32 2.80 -28.09 42.54
CA LYS B 32 3.75 -28.49 41.53
C LYS B 32 4.34 -27.31 40.90
N GLU B 33 5.54 -27.48 40.41
CA GLU B 33 6.18 -26.44 39.74
C GLU B 33 6.16 -26.81 38.26
N PHE B 34 6.14 -25.80 37.42
CA PHE B 34 6.12 -26.00 36.00
C PHE B 34 7.23 -25.19 35.35
N GLU B 35 7.90 -25.81 34.40
CA GLU B 35 8.70 -25.14 33.41
C GLU B 35 8.05 -25.42 32.06
N ILE B 36 8.55 -24.76 31.04
CA ILE B 36 8.01 -24.98 29.71
C ILE B 36 9.14 -25.06 28.68
N SER B 37 8.99 -25.99 27.73
CA SER B 37 10.06 -26.15 26.74
C SER B 37 10.05 -25.00 25.74
N ASN B 38 11.16 -24.90 24.99
CA ASN B 38 11.40 -23.80 24.06
C ASN B 38 10.97 -24.09 22.66
N VAL B 39 10.15 -25.12 22.46
CA VAL B 39 9.70 -25.47 21.12
C VAL B 39 8.68 -24.44 20.61
N LEU B 40 8.61 -24.28 19.29
CA LEU B 40 7.71 -23.29 18.71
C LEU B 40 6.25 -23.42 19.14
N PRO B 41 5.67 -24.62 19.26
CA PRO B 41 4.25 -24.71 19.67
C PRO B 41 3.97 -24.17 21.07
N ASN B 42 5.00 -23.98 21.89
CA ASN B 42 4.85 -23.42 23.22
C ASN B 42 5.06 -21.91 23.29
N HIS B 43 5.33 -21.25 22.15
CA HIS B 43 5.83 -19.88 22.19
C HIS B 43 4.88 -18.90 22.88
N LYS B 44 3.60 -18.92 22.46
CA LYS B 44 2.61 -18.05 23.09
C LYS B 44 2.43 -18.40 24.56
N MET B 45 2.29 -19.70 24.87
CA MET B 45 2.09 -20.04 26.28
C MET B 45 3.27 -19.57 27.14
N LYS B 46 4.51 -19.76 26.64
CA LYS B 46 5.65 -19.34 27.45
C LYS B 46 5.65 -17.84 27.66
N GLU B 47 5.33 -17.09 26.61
CA GLU B 47 5.32 -15.63 26.76
C GLU B 47 4.20 -15.17 27.70
N LYS B 48 3.03 -15.80 27.62
CA LYS B 48 1.84 -15.30 28.31
C LYS B 48 1.81 -15.74 29.77
N LEU B 49 2.17 -16.98 30.04
CA LEU B 49 1.99 -17.59 31.37
C LEU B 49 3.26 -17.77 32.19
N PHE B 50 4.44 -17.59 31.61
CA PHE B 50 5.70 -17.81 32.33
C PHE B 50 6.55 -16.56 32.36
N ARG B 51 7.35 -16.43 33.42
CA ARG B 51 8.44 -15.44 33.47
C ARG B 51 9.68 -16.14 33.96
N GLU B 52 10.76 -16.04 33.21
CA GLU B 52 12.01 -16.69 33.59
C GLU B 52 11.80 -18.18 33.78
N ASN B 53 10.99 -18.78 32.90
CA ASN B 53 10.71 -20.21 32.92
C ASN B 53 10.10 -20.67 34.24
N LYS B 54 9.35 -19.79 34.89
CA LYS B 54 8.52 -20.18 36.02
C LYS B 54 7.12 -19.60 35.81
N LEU B 55 6.13 -20.35 36.25
CA LEU B 55 4.74 -19.93 36.10
C LEU B 55 4.53 -18.58 36.77
N LYS B 56 3.90 -17.64 36.06
CA LYS B 56 3.58 -16.36 36.71
C LYS B 56 2.73 -16.57 37.95
N ILE B 57 2.87 -15.64 38.90
CA ILE B 57 2.16 -15.78 40.18
C ILE B 57 0.71 -15.32 40.07
N ASP B 58 0.45 -14.23 39.34
CA ASP B 58 -0.84 -13.56 39.30
C ASP B 58 -1.93 -14.21 38.43
N ILE B 59 -1.84 -15.48 37.98
CA ILE B 59 -2.68 -15.90 36.86
C ILE B 59 -4.12 -16.10 37.29
N ASP B 60 -5.02 -15.28 36.73
CA ASP B 60 -6.47 -15.46 36.83
C ASP B 60 -6.95 -15.94 35.46
N ILE B 61 -7.36 -17.21 35.37
CA ILE B 61 -7.76 -17.78 34.08
C ILE B 61 -8.84 -16.92 33.43
N GLU B 62 -9.89 -16.61 34.20
CA GLU B 62 -11.02 -15.87 33.65
C GLU B 62 -10.62 -14.49 33.16
N LYS B 63 -9.82 -13.76 33.94
CA LYS B 63 -9.45 -12.39 33.59
C LYS B 63 -8.24 -12.28 32.67
N ASP B 64 -7.17 -13.04 32.92
CA ASP B 64 -5.93 -12.88 32.15
C ASP B 64 -5.94 -13.68 30.86
N ILE B 65 -6.63 -14.81 30.82
CA ILE B 65 -6.61 -15.65 29.63
C ILE B 65 -7.84 -15.41 28.75
N PHE B 66 -9.00 -15.18 29.35
CA PHE B 66 -10.25 -15.00 28.60
C PHE B 66 -10.77 -13.57 28.64
N ASN B 67 -10.12 -12.68 29.37
CA ASN B 67 -10.55 -11.28 29.47
C ASN B 67 -12.04 -11.14 29.81
N TYR B 68 -12.51 -11.91 30.79
CA TYR B 68 -13.90 -11.76 31.18
C TYR B 68 -14.16 -10.31 31.63
N SER B 69 -15.17 -9.66 31.04
CA SER B 69 -15.48 -8.26 31.32
C SER B 69 -16.97 -8.06 31.59
N ARG B 70 -17.69 -9.12 31.91
CA ARG B 70 -19.14 -9.07 32.00
C ARG B 70 -19.76 -8.49 30.73
N LYS B 71 -19.20 -8.85 29.56
CA LYS B 71 -19.75 -8.38 28.29
C LYS B 71 -21.18 -8.90 28.09
N ASN B 72 -22.01 -8.12 27.39
CA ASN B 72 -23.35 -8.57 27.04
C ASN B 72 -23.36 -9.22 25.66
N ILE B 73 -23.98 -10.40 25.58
CA ILE B 73 -23.96 -11.24 24.40
C ILE B 73 -25.38 -11.34 23.86
N GLN B 74 -25.52 -11.14 22.55
CA GLN B 74 -26.82 -11.24 21.88
C GLN B 74 -27.02 -12.54 21.12
N LYS B 75 -25.93 -13.16 20.68
CA LYS B 75 -26.04 -14.29 19.78
C LYS B 75 -24.73 -15.06 19.78
N ILE B 76 -24.78 -16.28 19.27
CA ILE B 76 -23.63 -17.19 19.23
C ILE B 76 -23.61 -17.81 17.85
N GLU B 77 -22.52 -17.62 17.10
CA GLU B 77 -22.27 -18.39 15.90
C GLU B 77 -21.38 -19.59 16.24
N PHE B 78 -21.57 -20.67 15.51
CA PHE B 78 -20.86 -21.88 15.89
C PHE B 78 -19.36 -21.73 15.72
N MET B 79 -18.92 -21.24 14.56
CA MET B 79 -17.49 -21.12 14.26
C MET B 79 -17.31 -19.93 13.35
N PRO B 80 -17.33 -18.73 13.92
CA PRO B 80 -17.14 -17.54 13.09
C PRO B 80 -15.67 -17.43 12.75
N VAL B 81 -15.36 -17.56 11.46
CA VAL B 81 -13.95 -17.70 11.08
C VAL B 81 -13.16 -16.42 11.35
N ASN B 82 -13.82 -15.26 11.33
N ASN B 82 -13.78 -15.25 11.36
CA ASN B 82 -13.19 -13.99 11.67
CA ASN B 82 -13.02 -14.06 11.73
C ASN B 82 -12.85 -13.87 13.22
C ASN B 82 -12.41 -14.16 13.13
N ARG B 83 -13.07 -14.91 14.02
CA ARG B 83 -12.62 -14.96 15.41
C ARG B 83 -11.52 -15.98 15.61
N LEU B 84 -11.22 -16.79 14.59
CA LEU B 84 -10.28 -17.89 14.75
C LEU B 84 -8.82 -17.45 14.61
N ILE B 85 -8.57 -16.22 14.14
CA ILE B 85 -7.21 -15.69 14.01
C ILE B 85 -7.14 -14.39 14.78
N SER B 86 -6.04 -14.17 15.51
CA SER B 86 -5.89 -13.01 16.37
C SER B 86 -5.02 -11.95 15.69
N GLN B 87 -5.14 -10.71 16.16
CA GLN B 87 -4.32 -9.66 15.57
C GLN B 87 -2.83 -9.93 15.77
N SER B 88 -2.45 -10.57 16.89
CA SER B 88 -1.06 -10.92 17.11
C SER B 88 -0.55 -11.86 16.03
N GLU B 89 -1.38 -12.85 15.66
CA GLU B 89 -1.02 -13.75 14.58
C GLU B 89 -0.89 -12.96 13.27
N ILE B 90 -1.85 -12.08 13.02
CA ILE B 90 -1.82 -11.32 11.77
C ILE B 90 -0.55 -10.50 11.68
N ASP B 91 -0.20 -9.79 12.75
CA ASP B 91 1.03 -8.99 12.73
C ASP B 91 2.25 -9.84 12.45
N GLY B 92 2.33 -11.02 13.08
CA GLY B 92 3.47 -11.90 12.84
C GLY B 92 3.48 -12.45 11.42
N ILE B 93 2.31 -12.79 10.87
CA ILE B 93 2.21 -13.26 9.49
C ILE B 93 2.69 -12.18 8.52
N ILE B 94 2.25 -10.93 8.70
CA ILE B 94 2.68 -9.85 7.79
C ILE B 94 4.20 -9.70 7.89
N GLY B 95 4.73 -9.81 9.11
CA GLY B 95 6.16 -9.72 9.28
C GLY B 95 6.92 -10.82 8.54
N THR B 96 6.46 -12.05 8.64
CA THR B 96 7.21 -13.11 7.96
C THR B 96 7.00 -13.04 6.45
N LEU B 97 5.82 -12.62 5.98
CA LEU B 97 5.61 -12.54 4.55
C LEU B 97 6.47 -11.45 3.91
N LYS B 98 6.80 -10.37 4.63
CA LYS B 98 7.74 -9.39 4.08
C LYS B 98 9.13 -9.98 3.86
N GLU B 99 9.46 -11.09 4.54
CA GLU B 99 10.74 -11.77 4.30
C GLU B 99 10.63 -12.83 3.19
N VAL B 100 9.52 -13.55 3.13
CA VAL B 100 9.34 -14.61 2.12
C VAL B 100 9.17 -13.98 0.75
N LEU B 101 8.36 -12.94 0.66
CA LEU B 101 7.97 -12.49 -0.68
C LEU B 101 9.13 -12.06 -1.55
N PRO B 102 10.13 -11.31 -1.10
CA PRO B 102 11.19 -10.92 -2.01
C PRO B 102 12.10 -12.08 -2.44
N THR B 103 12.10 -13.22 -1.74
CA THR B 103 12.87 -14.38 -2.18
C THR B 103 12.32 -14.98 -3.47
N GLY B 104 11.05 -14.74 -3.79
CA GLY B 104 10.41 -15.40 -4.92
C GLY B 104 10.22 -16.91 -4.78
N GLN B 105 10.50 -17.47 -3.60
CA GLN B 105 10.43 -18.91 -3.40
C GLN B 105 9.03 -19.22 -2.91
N PHE B 106 8.20 -19.69 -3.83
CA PHE B 106 6.79 -19.88 -3.53
C PHE B 106 6.31 -21.31 -3.71
N THR B 107 7.14 -22.21 -4.18
CA THR B 107 6.71 -23.61 -4.23
C THR B 107 7.48 -24.32 -3.16
N SER B 108 8.55 -25.02 -3.47
CA SER B 108 9.37 -25.49 -2.38
C SER B 108 10.15 -24.30 -1.81
N GLY B 109 10.77 -24.52 -0.67
CA GLY B 109 11.58 -23.48 -0.10
C GLY B 109 11.94 -23.84 1.33
N PRO B 110 12.71 -22.97 1.96
CA PRO B 110 13.29 -23.30 3.28
C PRO B 110 12.28 -23.28 4.40
N PHE B 111 11.16 -22.57 4.26
CA PHE B 111 10.18 -22.60 5.35
C PHE B 111 9.46 -23.94 5.39
N SER B 112 9.24 -24.56 4.23
CA SER B 112 8.65 -25.90 4.20
C SER B 112 9.49 -26.86 5.00
N LYS B 113 10.81 -26.84 4.78
CA LYS B 113 11.73 -27.74 5.46
C LYS B 113 11.74 -27.46 6.96
N LYS B 114 11.70 -26.18 7.34
CA LYS B 114 11.70 -25.85 8.76
C LYS B 114 10.41 -26.33 9.42
N LEU B 115 9.26 -26.13 8.75
CA LEU B 115 8.02 -26.65 9.30
C LEU B 115 8.03 -28.17 9.40
N GLU B 116 8.60 -28.88 8.40
CA GLU B 116 8.67 -30.32 8.58
C GLU B 116 9.54 -30.72 9.77
N GLU B 117 10.59 -29.94 10.04
CA GLU B 117 11.42 -30.20 11.22
C GLU B 117 10.64 -29.95 12.52
N VAL B 118 9.94 -28.82 12.61
CA VAL B 118 9.16 -28.49 13.81
C VAL B 118 8.11 -29.54 14.07
N ILE B 119 7.37 -29.96 13.02
CA ILE B 119 6.35 -30.98 13.21
C ILE B 119 6.98 -32.31 13.60
N GLY B 120 8.08 -32.71 12.96
CA GLY B 120 8.71 -33.98 13.32
C GLY B 120 9.21 -34.03 14.76
N ASP B 121 9.72 -32.91 15.26
CA ASP B 121 10.12 -32.88 16.68
C ASP B 121 8.90 -32.95 17.59
N TYR B 122 7.83 -32.20 17.25
CA TYR B 122 6.61 -32.18 18.05
C TYR B 122 5.94 -33.54 18.09
N LEU B 123 6.00 -34.29 16.98
CA LEU B 123 5.40 -35.60 16.93
C LEU B 123 6.34 -36.73 17.33
N ASN B 124 7.62 -36.43 17.59
CA ASN B 124 8.65 -37.43 17.83
C ASN B 124 8.65 -38.48 16.71
N LYS B 125 8.67 -38.00 15.48
CA LYS B 125 8.78 -38.87 14.31
C LYS B 125 9.89 -38.39 13.40
N LYS B 126 10.48 -39.32 12.63
CA LYS B 126 11.73 -39.05 11.92
C LYS B 126 11.52 -38.30 10.61
N TYR B 127 10.43 -38.60 9.90
CA TYR B 127 10.18 -38.08 8.55
C TYR B 127 8.86 -37.35 8.47
N VAL B 128 8.87 -36.15 7.85
CA VAL B 128 7.66 -35.37 7.68
C VAL B 128 7.65 -34.86 6.26
N ILE B 129 6.55 -35.08 5.54
CA ILE B 129 6.35 -34.49 4.21
C ILE B 129 5.19 -33.52 4.38
N ALA B 130 5.47 -32.22 4.30
CA ALA B 130 4.38 -31.26 4.36
C ALA B 130 3.68 -31.14 3.02
N THR B 131 2.35 -31.20 3.05
CA THR B 131 1.56 -31.38 1.85
C THR B 131 0.64 -30.19 1.66
N SER B 132 -0.05 -30.17 0.53
CA SER B 132 -0.97 -29.09 0.23
C SER B 132 -2.36 -29.23 0.88
N SER B 133 -2.61 -30.35 1.57
CA SER B 133 -3.82 -30.54 2.35
C SER B 133 -3.72 -31.86 3.07
N GLY B 134 -4.58 -32.06 4.08
CA GLY B 134 -4.68 -33.38 4.73
C GLY B 134 -5.26 -34.45 3.82
N THR B 135 -6.25 -34.05 2.98
CA THR B 135 -6.77 -34.99 1.95
C THR B 135 -5.66 -35.51 1.05
N ASP B 136 -4.83 -34.59 0.54
CA ASP B 136 -3.72 -35.00 -0.31
C ASP B 136 -2.72 -35.84 0.43
N ALA B 137 -2.48 -35.51 1.71
CA ALA B 137 -1.56 -36.32 2.50
C ALA B 137 -2.06 -37.75 2.62
N LEU B 138 -3.36 -37.91 2.88
CA LEU B 138 -3.94 -39.25 3.00
C LEU B 138 -3.89 -40.01 1.68
N MET B 139 -4.23 -39.36 0.56
CA MET B 139 -4.17 -40.05 -0.74
C MET B 139 -2.76 -40.53 -1.06
N VAL B 140 -1.76 -39.65 -0.86
CA VAL B 140 -0.38 -40.00 -1.11
C VAL B 140 0.07 -41.12 -0.18
N SER B 141 -0.34 -41.07 1.09
CA SER B 141 0.10 -42.13 1.98
C SER B 141 -0.52 -43.46 1.62
N LEU B 142 -1.80 -43.47 1.23
CA LEU B 142 -2.40 -44.73 0.76
C LEU B 142 -1.61 -45.30 -0.42
N LEU B 143 -1.19 -44.44 -1.36
CA LEU B 143 -0.42 -44.95 -2.47
C LEU B 143 0.96 -45.44 -2.02
N SER B 144 1.53 -44.79 -1.01
CA SER B 144 2.88 -45.15 -0.62
C SER B 144 2.92 -46.54 0.00
N ILE B 145 1.87 -46.94 0.74
CA ILE B 145 1.84 -48.31 1.27
C ILE B 145 1.40 -49.32 0.23
N GLY B 146 1.14 -48.88 -0.98
CA GLY B 146 0.92 -49.83 -2.04
C GLY B 146 -0.52 -50.13 -2.39
N ILE B 147 -1.45 -49.28 -1.95
CA ILE B 147 -2.87 -49.50 -2.25
C ILE B 147 -3.10 -49.44 -3.75
N GLN B 148 -3.82 -50.43 -4.27
CA GLN B 148 -4.18 -50.58 -5.67
C GLN B 148 -5.69 -50.56 -5.81
N PRO B 149 -6.21 -50.19 -6.97
CA PRO B 149 -7.67 -50.23 -7.14
C PRO B 149 -8.21 -51.59 -6.74
N GLY B 150 -9.32 -51.53 -6.02
CA GLY B 150 -9.97 -52.68 -5.52
C GLY B 150 -9.52 -53.13 -4.14
N ASP B 151 -8.40 -52.63 -3.64
CA ASP B 151 -7.96 -52.99 -2.30
C ASP B 151 -8.94 -52.39 -1.30
N GLU B 152 -9.12 -53.08 -0.16
CA GLU B 152 -10.07 -52.63 0.86
C GLU B 152 -9.39 -51.89 2.02
N VAL B 153 -10.06 -50.86 2.53
CA VAL B 153 -9.57 -50.05 3.66
C VAL B 153 -10.68 -49.93 4.70
N ILE B 154 -10.40 -50.37 5.93
CA ILE B 154 -11.39 -50.38 6.99
C ILE B 154 -11.39 -49.02 7.66
N MET B 155 -12.57 -48.46 7.88
CA MET B 155 -12.67 -47.09 8.37
C MET B 155 -14.06 -46.88 9.00
N PRO B 156 -14.21 -45.88 9.88
CA PRO B 156 -15.56 -45.53 10.37
C PRO B 156 -16.33 -44.78 9.30
N ALA B 157 -17.64 -44.67 9.54
CA ALA B 157 -18.54 -44.02 8.59
C ALA B 157 -19.00 -42.66 9.06
N ASN B 158 -18.43 -42.14 10.16
CA ASN B 158 -18.86 -40.88 10.75
C ASN B 158 -17.78 -39.80 10.66
N SER B 159 -16.79 -39.96 9.76
CA SER B 159 -15.75 -38.93 9.69
C SER B 159 -16.12 -37.85 8.66
N PHE B 160 -15.28 -36.82 8.55
CA PHE B 160 -15.42 -35.88 7.45
C PHE B 160 -15.27 -36.63 6.14
N ALA B 161 -15.95 -36.15 5.08
CA ALA B 161 -15.92 -36.92 3.82
C ALA B 161 -14.52 -37.14 3.26
N ALA B 162 -13.56 -36.30 3.62
CA ALA B 162 -12.20 -36.44 3.10
C ALA B 162 -11.60 -37.82 3.35
N THR B 163 -11.95 -38.46 4.48
CA THR B 163 -11.35 -39.75 4.80
C THR B 163 -11.72 -40.80 3.76
N GLU B 164 -13.03 -40.95 3.51
N GLU B 164 -13.03 -40.93 3.49
CA GLU B 164 -13.48 -41.88 2.48
CA GLU B 164 -13.49 -41.88 2.49
C GLU B 164 -13.03 -41.45 1.09
C GLU B 164 -13.09 -41.44 1.08
N ASN B 165 -13.06 -40.14 0.83
CA ASN B 165 -12.76 -39.64 -0.51
C ASN B 165 -11.34 -39.99 -0.94
N ALA B 166 -10.38 -39.90 -0.01
CA ALA B 166 -9.01 -40.20 -0.37
C ALA B 166 -8.87 -41.67 -0.79
N VAL B 167 -9.61 -42.55 -0.12
CA VAL B 167 -9.60 -43.96 -0.50
C VAL B 167 -10.22 -44.12 -1.89
N LEU B 168 -11.41 -43.53 -2.11
CA LEU B 168 -12.13 -43.68 -3.37
C LEU B 168 -11.37 -43.08 -4.53
N ALA B 169 -10.64 -41.98 -4.27
CA ALA B 169 -10.01 -41.28 -5.38
C ALA B 169 -8.92 -42.13 -6.03
N ILE B 170 -8.29 -43.02 -5.27
CA ILE B 170 -7.28 -43.92 -5.84
C ILE B 170 -7.87 -45.28 -6.19
N GLY B 171 -9.19 -45.41 -6.18
CA GLY B 171 -9.79 -46.64 -6.66
C GLY B 171 -9.92 -47.72 -5.62
N ALA B 172 -9.66 -47.40 -4.36
CA ALA B 172 -9.77 -48.40 -3.31
C ALA B 172 -11.19 -48.39 -2.78
N LYS B 173 -11.50 -49.37 -1.92
CA LYS B 173 -12.87 -49.59 -1.44
C LYS B 173 -12.97 -49.44 0.05
N PRO B 174 -13.68 -48.41 0.52
CA PRO B 174 -13.95 -48.29 1.96
C PRO B 174 -14.79 -49.45 2.43
N VAL B 175 -14.44 -49.95 3.61
CA VAL B 175 -15.21 -50.97 4.30
C VAL B 175 -15.55 -50.39 5.66
N PHE B 176 -16.84 -50.15 5.91
CA PHE B 176 -17.19 -49.37 7.09
C PHE B 176 -17.39 -50.28 8.29
N VAL B 177 -16.89 -49.82 9.43
CA VAL B 177 -17.03 -50.51 10.71
C VAL B 177 -17.68 -49.58 11.72
N ASP B 178 -18.49 -50.16 12.64
CA ASP B 178 -19.25 -49.38 13.61
C ASP B 178 -18.35 -48.70 14.65
N ILE B 179 -18.87 -47.63 15.25
CA ILE B 179 -18.10 -46.97 16.31
C ILE B 179 -18.39 -47.60 17.67
N ASP B 180 -17.59 -47.20 18.66
CA ASP B 180 -17.72 -47.72 20.02
C ASP B 180 -18.83 -46.96 20.76
N HIS B 181 -18.94 -47.19 22.08
CA HIS B 181 -20.02 -46.58 22.86
C HIS B 181 -19.49 -45.54 23.85
N LYS B 182 -18.38 -44.88 23.53
CA LYS B 182 -17.73 -44.06 24.54
C LYS B 182 -17.00 -42.88 23.95
N SER B 183 -16.60 -42.97 22.68
CA SER B 183 -15.60 -42.04 22.19
C SER B 183 -15.83 -41.56 20.77
N TYR B 184 -16.86 -42.04 20.05
CA TYR B 184 -17.09 -41.71 18.64
C TYR B 184 -16.03 -42.28 17.70
N CYS B 185 -15.19 -43.18 18.19
CA CYS B 185 -14.10 -43.74 17.41
C CYS B 185 -14.41 -45.18 17.00
N ILE B 186 -13.72 -45.61 15.94
CA ILE B 186 -13.84 -46.97 15.40
C ILE B 186 -13.75 -47.97 16.52
N ASP B 187 -14.69 -48.93 16.54
CA ASP B 187 -14.69 -49.95 17.60
C ASP B 187 -13.66 -51.03 17.28
N PRO B 188 -12.59 -51.14 18.12
CA PRO B 188 -11.65 -52.17 17.71
C PRO B 188 -12.18 -53.62 17.77
N LEU B 189 -13.28 -53.83 18.47
CA LEU B 189 -13.89 -55.15 18.54
C LEU B 189 -14.78 -55.46 17.36
N LYS B 190 -14.86 -54.55 16.42
CA LYS B 190 -15.60 -54.82 15.24
C LYS B 190 -14.67 -54.83 14.00
N ILE B 191 -13.39 -54.57 14.19
CA ILE B 191 -12.50 -54.49 13.01
C ILE B 191 -12.26 -55.88 12.44
N GLU B 192 -11.95 -56.84 13.31
CA GLU B 192 -11.50 -58.16 12.88
C GLU B 192 -12.48 -58.80 11.90
N GLU B 193 -13.78 -58.72 12.22
CA GLU B 193 -14.77 -59.43 11.40
C GLU B 193 -14.94 -58.80 10.04
N ALA B 194 -14.38 -57.60 9.82
CA ALA B 194 -14.46 -56.93 8.53
C ALA B 194 -13.25 -57.21 7.64
N ILE B 195 -12.24 -57.89 8.16
CA ILE B 195 -11.04 -58.12 7.39
C ILE B 195 -11.31 -59.25 6.40
N THR B 196 -10.95 -59.02 5.13
CA THR B 196 -11.02 -60.01 4.06
C THR B 196 -9.63 -60.17 3.45
N GLN B 197 -9.49 -61.05 2.45
CA GLN B 197 -8.19 -61.11 1.82
C GLN B 197 -7.86 -59.86 1.01
N LYS B 198 -8.83 -58.98 0.77
CA LYS B 198 -8.57 -57.73 0.06
C LYS B 198 -8.14 -56.60 1.01
N THR B 199 -8.29 -56.77 2.32
CA THR B 199 -7.94 -55.68 3.22
C THR B 199 -6.44 -55.39 3.15
N LYS B 200 -6.09 -54.12 3.13
CA LYS B 200 -4.68 -53.69 3.12
C LYS B 200 -4.36 -52.68 4.22
N CYS B 201 -5.35 -51.98 4.74
CA CYS B 201 -5.08 -50.86 5.62
C CYS B 201 -6.27 -50.71 6.58
N ILE B 202 -5.98 -50.36 7.83
CA ILE B 202 -6.99 -49.82 8.73
C ILE B 202 -6.75 -48.33 8.86
N LEU B 203 -7.83 -47.54 8.71
CA LEU B 203 -7.76 -46.09 8.69
C LEU B 203 -8.61 -45.53 9.83
N PRO B 204 -8.08 -45.56 11.06
CA PRO B 204 -8.83 -45.01 12.19
C PRO B 204 -8.82 -43.49 12.13
N VAL B 205 -9.86 -42.89 12.69
CA VAL B 205 -10.05 -41.44 12.71
C VAL B 205 -10.08 -40.99 14.15
N HIS B 206 -9.18 -40.05 14.49
CA HIS B 206 -9.20 -39.49 15.86
C HIS B 206 -10.21 -38.34 15.89
N LEU B 207 -11.48 -38.74 15.99
CA LEU B 207 -12.55 -37.81 15.65
C LEU B 207 -12.74 -36.80 16.77
N TYR B 208 -12.85 -35.54 16.39
CA TYR B 208 -13.21 -34.42 17.24
C TYR B 208 -12.03 -34.05 18.14
N GLY B 209 -10.86 -34.64 17.90
CA GLY B 209 -9.69 -34.42 18.72
C GLY B 209 -9.40 -35.49 19.76
N LYS B 210 -10.16 -36.59 19.77
CA LYS B 210 -10.01 -37.68 20.71
C LYS B 210 -9.28 -38.82 20.02
N GLN B 211 -8.30 -39.41 20.69
CA GLN B 211 -7.60 -40.55 20.08
C GLN B 211 -8.39 -41.84 20.19
N CYS B 212 -8.37 -42.60 19.08
CA CYS B 212 -8.78 -44.00 19.07
C CYS B 212 -7.88 -44.86 19.96
N ASP B 213 -8.36 -46.08 20.26
CA ASP B 213 -7.65 -47.08 21.07
C ASP B 213 -6.62 -47.80 20.18
N MET B 214 -5.50 -47.11 19.96
CA MET B 214 -4.57 -47.56 18.92
C MET B 214 -3.83 -48.83 19.33
N LYS B 215 -3.57 -49.03 20.63
CA LYS B 215 -2.87 -50.25 21.08
C LYS B 215 -3.60 -51.50 20.62
N ARG B 216 -4.92 -51.54 20.82
CA ARG B 216 -5.64 -52.74 20.40
C ARG B 216 -5.75 -52.83 18.89
N ILE B 217 -5.91 -51.69 18.20
CA ILE B 217 -6.02 -51.73 16.74
C ILE B 217 -4.70 -52.25 16.15
N ARG B 218 -3.57 -51.86 16.73
CA ARG B 218 -2.27 -52.36 16.27
C ARG B 218 -2.13 -53.86 16.54
N GLU B 219 -2.72 -54.34 17.64
CA GLU B 219 -2.66 -55.78 17.91
C GLU B 219 -3.35 -56.57 16.81
N ILE B 220 -4.52 -56.11 16.35
CA ILE B 220 -5.18 -56.77 15.21
C ILE B 220 -4.37 -56.57 13.93
N ALA B 221 -3.86 -55.36 13.70
CA ALA B 221 -3.15 -55.12 12.45
C ALA B 221 -1.91 -56.00 12.31
N ASP B 222 -1.23 -56.30 13.43
CA ASP B 222 -0.05 -57.15 13.29
C ASP B 222 -0.45 -58.58 12.97
N VAL B 223 -1.53 -59.08 13.59
CA VAL B 223 -1.99 -60.44 13.35
C VAL B 223 -2.30 -60.63 11.87
N TYR B 224 -2.93 -59.63 11.24
CA TYR B 224 -3.36 -59.71 9.85
C TYR B 224 -2.40 -59.03 8.87
N GLN B 225 -1.22 -58.61 9.33
CA GLN B 225 -0.19 -57.98 8.50
C GLN B 225 -0.76 -56.79 7.72
N LEU B 226 -1.48 -55.91 8.42
CA LEU B 226 -2.06 -54.73 7.80
C LEU B 226 -1.30 -53.47 8.19
N ARG B 227 -1.29 -52.50 7.29
CA ARG B 227 -0.88 -51.16 7.66
C ARG B 227 -1.95 -50.44 8.46
N ILE B 228 -1.49 -49.47 9.24
CA ILE B 228 -2.35 -48.47 9.88
C ILE B 228 -1.94 -47.10 9.40
N ILE B 229 -2.89 -46.36 8.81
CA ILE B 229 -2.71 -44.94 8.55
C ILE B 229 -3.72 -44.20 9.41
N GLU B 230 -3.25 -43.29 10.25
CA GLU B 230 -4.13 -42.65 11.22
C GLU B 230 -4.56 -41.29 10.70
N ASP B 231 -5.88 -41.10 10.61
CA ASP B 231 -6.39 -39.78 10.27
C ASP B 231 -6.39 -38.98 11.55
N ALA B 232 -5.36 -38.15 11.70
CA ALA B 232 -5.20 -37.31 12.89
C ALA B 232 -5.42 -35.86 12.53
N CYS B 233 -6.22 -35.63 11.50
CA CYS B 233 -6.40 -34.26 11.00
C CYS B 233 -7.06 -33.34 12.00
N GLN B 234 -7.75 -33.87 13.05
CA GLN B 234 -8.35 -33.06 14.09
C GLN B 234 -7.62 -33.13 15.44
N ALA B 235 -6.48 -33.82 15.51
CA ALA B 235 -5.94 -34.22 16.82
C ALA B 235 -4.52 -33.70 17.08
N ILE B 236 -4.04 -32.67 16.36
CA ILE B 236 -2.70 -32.12 16.64
C ILE B 236 -2.56 -31.69 18.10
N GLY B 237 -1.42 -32.06 18.74
CA GLY B 237 -1.21 -31.79 20.17
C GLY B 237 -1.59 -32.93 21.09
N SER B 238 -2.29 -33.97 20.59
CA SER B 238 -2.65 -35.11 21.42
C SER B 238 -1.41 -35.88 21.87
N SER B 239 -1.28 -36.10 23.17
CA SER B 239 -0.10 -36.77 23.68
C SER B 239 0.04 -38.16 23.07
N ASN B 240 1.28 -38.50 22.70
CA ASN B 240 1.66 -39.81 22.17
C ASN B 240 1.01 -40.14 20.86
N LEU B 241 0.50 -39.15 20.15
CA LEU B 241 -0.12 -39.40 18.86
C LEU B 241 0.83 -40.18 17.96
N GLY B 242 0.29 -41.24 17.34
CA GLY B 242 1.00 -41.96 16.31
C GLY B 242 1.90 -43.07 16.79
N GLU B 243 1.87 -43.39 18.08
CA GLU B 243 2.79 -44.37 18.64
C GLU B 243 2.69 -45.71 17.91
N TYR B 244 1.49 -46.10 17.50
CA TYR B 244 1.25 -47.41 16.91
C TYR B 244 1.01 -47.41 15.40
N GLY B 245 1.02 -46.25 14.74
CA GLY B 245 0.62 -46.17 13.34
C GLY B 245 1.82 -46.21 12.41
N ASP B 246 1.62 -46.72 11.19
CA ASP B 246 2.70 -46.64 10.21
C ASP B 246 2.90 -45.21 9.72
N ILE B 247 1.80 -44.53 9.39
CA ILE B 247 1.81 -43.15 8.91
C ILE B 247 0.72 -42.41 9.68
N ILE B 248 0.99 -41.15 10.06
CA ILE B 248 0.02 -40.28 10.72
C ILE B 248 -0.26 -39.13 9.75
N ILE B 249 -1.55 -38.87 9.49
CA ILE B 249 -1.97 -37.77 8.62
C ILE B 249 -2.41 -36.59 9.47
N LEU B 250 -1.83 -35.43 9.20
CA LEU B 250 -2.21 -34.15 9.79
C LEU B 250 -2.84 -33.24 8.75
N SER B 251 -3.75 -32.35 9.23
CA SER B 251 -4.29 -31.24 8.45
C SER B 251 -3.92 -29.95 9.17
N PHE B 252 -3.48 -28.98 8.39
CA PHE B 252 -3.29 -27.62 8.89
C PHE B 252 -4.30 -26.71 8.23
N ASN B 253 -5.47 -27.27 7.93
CA ASN B 253 -6.59 -26.43 7.50
C ASN B 253 -6.84 -25.30 8.51
N PRO B 254 -7.26 -24.14 8.03
CA PRO B 254 -7.23 -22.95 8.89
C PRO B 254 -8.19 -23.04 10.06
N TYR B 255 -9.16 -23.96 10.04
CA TYR B 255 -10.10 -24.08 11.16
C TYR B 255 -9.72 -25.21 12.12
N LYS B 256 -8.55 -25.84 11.93
CA LYS B 256 -8.06 -26.86 12.86
C LYS B 256 -7.42 -26.22 14.09
N ASN B 257 -7.14 -27.05 15.13
CA ASN B 257 -6.59 -26.48 16.35
C ASN B 257 -5.34 -25.66 16.07
N PHE B 258 -4.60 -26.03 15.02
CA PHE B 258 -3.53 -25.26 14.41
C PHE B 258 -3.81 -25.27 12.92
N GLY B 259 -3.74 -24.10 12.30
CA GLY B 259 -3.89 -24.05 10.85
C GLY B 259 -3.01 -22.97 10.26
N VAL B 260 -2.85 -23.03 8.93
CA VAL B 260 -2.19 -21.96 8.18
C VAL B 260 -3.28 -21.02 7.68
N CYS B 261 -3.02 -20.23 6.61
CA CYS B 261 -4.02 -19.35 6.07
C CYS B 261 -4.41 -19.81 4.66
N GLY B 262 -4.79 -21.07 4.56
CA GLY B 262 -4.98 -21.74 3.28
C GLY B 262 -4.95 -23.21 3.59
N LYS B 263 -4.85 -24.02 2.54
CA LYS B 263 -4.80 -25.47 2.71
C LYS B 263 -3.36 -25.98 2.90
N ALA B 264 -3.21 -26.94 3.82
CA ALA B 264 -1.94 -27.59 4.07
C ALA B 264 -2.18 -28.81 4.93
N GLY B 265 -1.21 -29.69 4.93
CA GLY B 265 -1.24 -30.79 5.87
C GLY B 265 0.10 -31.48 5.97
N ALA B 266 0.11 -32.70 6.48
CA ALA B 266 1.40 -33.39 6.52
C ALA B 266 1.23 -34.89 6.61
N ILE B 267 2.30 -35.56 6.17
CA ILE B 267 2.48 -37.00 6.30
C ILE B 267 3.60 -37.17 7.30
N VAL B 268 3.36 -37.96 8.34
CA VAL B 268 4.37 -38.17 9.38
C VAL B 268 4.62 -39.66 9.56
N THR B 269 5.90 -40.06 9.57
CA THR B 269 6.22 -41.49 9.68
C THR B 269 7.63 -41.70 10.22
N ASN B 270 7.87 -42.88 10.80
CA ASN B 270 9.24 -43.29 11.07
C ASN B 270 9.81 -44.20 9.99
N ASN B 271 9.01 -44.53 8.96
CA ASN B 271 9.37 -45.52 7.95
C ASN B 271 10.00 -44.78 6.77
N GLU B 272 11.30 -44.97 6.58
CA GLU B 272 12.00 -44.18 5.56
C GLU B 272 11.56 -44.57 4.17
N ASN B 273 11.39 -45.87 3.91
CA ASN B 273 10.89 -46.29 2.61
C ASN B 273 9.53 -45.64 2.30
N LEU B 274 8.62 -45.60 3.29
CA LEU B 274 7.33 -44.97 3.02
C LEU B 274 7.51 -43.48 2.79
N ALA B 275 8.40 -42.85 3.57
CA ALA B 275 8.57 -41.39 3.44
C ALA B 275 9.13 -41.01 2.07
N ILE B 276 10.10 -41.78 1.56
CA ILE B 276 10.66 -41.50 0.23
C ILE B 276 9.58 -41.62 -0.83
N ARG B 277 8.76 -42.69 -0.78
CA ARG B 277 7.65 -42.81 -1.75
C ARG B 277 6.64 -41.69 -1.60
N CYS B 278 6.28 -41.31 -0.36
CA CYS B 278 5.38 -40.17 -0.16
C CYS B 278 5.95 -38.90 -0.79
N ASN B 279 7.27 -38.67 -0.61
CA ASN B 279 7.87 -37.49 -1.20
C ASN B 279 7.76 -37.53 -2.72
N GLN B 280 8.10 -38.65 -3.33
CA GLN B 280 8.01 -38.75 -4.79
C GLN B 280 6.59 -38.58 -5.27
N TYR B 281 5.63 -39.23 -4.60
CA TYR B 281 4.24 -39.13 -5.07
C TYR B 281 3.71 -37.73 -4.88
N SER B 282 4.24 -36.99 -3.91
N SER B 282 4.25 -36.99 -3.92
CA SER B 282 3.71 -35.65 -3.69
CA SER B 282 3.74 -35.64 -3.68
C SER B 282 4.25 -34.62 -4.69
C SER B 282 4.19 -34.65 -4.74
N TYR B 283 5.20 -35.00 -5.58
CA TYR B 283 5.71 -34.10 -6.60
C TYR B 283 6.02 -34.95 -7.85
N HIS B 284 4.94 -35.34 -8.53
CA HIS B 284 4.95 -35.81 -9.92
C HIS B 284 5.64 -37.15 -10.13
N GLY B 285 5.98 -37.87 -9.04
CA GLY B 285 6.71 -39.11 -9.22
C GLY B 285 8.20 -38.90 -9.42
N PHE B 286 8.66 -37.67 -9.33
CA PHE B 286 10.07 -37.41 -9.66
C PHE B 286 10.95 -37.90 -8.53
N GLU B 287 12.18 -38.23 -8.88
CA GLU B 287 13.18 -38.45 -7.84
C GLU B 287 13.36 -37.17 -7.04
N VAL B 288 13.54 -37.32 -5.73
CA VAL B 288 13.68 -36.14 -4.88
C VAL B 288 14.92 -35.37 -5.30
N ASP B 289 14.78 -34.07 -5.46
CA ASP B 289 15.88 -33.21 -5.94
C ASP B 289 16.36 -33.61 -7.34
N LYS B 290 15.44 -34.07 -8.19
CA LYS B 290 15.71 -34.15 -9.62
C LYS B 290 14.41 -34.04 -10.40
N LYS B 291 13.88 -32.83 -10.46
CA LYS B 291 12.69 -32.52 -11.24
C LYS B 291 12.82 -33.06 -12.67
N ASN B 292 11.67 -33.40 -13.25
CA ASN B 292 11.50 -33.86 -14.63
C ASN B 292 12.03 -35.27 -14.90
N LYS B 293 12.54 -35.99 -13.87
CA LYS B 293 13.03 -37.37 -13.97
C LYS B 293 12.13 -38.27 -13.12
N LYS B 294 11.16 -38.96 -13.75
CA LYS B 294 10.22 -39.74 -12.95
C LYS B 294 10.86 -41.05 -12.51
N VAL B 295 10.64 -41.43 -11.25
CA VAL B 295 10.93 -42.78 -10.77
C VAL B 295 9.66 -43.57 -10.46
N LEU B 296 8.57 -42.91 -10.07
CA LEU B 296 7.25 -43.53 -9.90
C LEU B 296 6.41 -43.31 -11.16
N ASP B 297 5.35 -44.10 -11.30
CA ASP B 297 4.62 -44.10 -12.56
C ASP B 297 3.94 -42.76 -12.77
N PHE B 298 3.49 -42.12 -11.69
CA PHE B 298 2.89 -40.80 -11.75
C PHE B 298 3.03 -40.19 -10.37
N GLY B 299 2.55 -38.98 -10.24
CA GLY B 299 2.46 -38.34 -8.93
C GLY B 299 1.55 -37.15 -9.04
N PHE B 300 1.51 -36.40 -7.96
CA PHE B 300 0.59 -35.27 -7.80
C PHE B 300 1.40 -34.01 -7.67
N ASN B 301 0.72 -32.88 -7.52
CA ASN B 301 1.40 -31.65 -7.24
C ASN B 301 0.95 -31.21 -5.86
N SER B 302 1.49 -31.86 -4.82
CA SER B 302 0.84 -31.91 -3.51
C SER B 302 1.74 -31.56 -2.34
N LYS B 303 2.88 -30.91 -2.55
CA LYS B 303 3.68 -30.39 -1.44
C LYS B 303 3.05 -29.12 -0.89
N ILE B 304 3.37 -28.79 0.36
CA ILE B 304 2.95 -27.50 0.93
C ILE B 304 3.57 -26.35 0.12
N ASP B 305 2.85 -25.20 0.10
CA ASP B 305 3.42 -23.95 -0.40
C ASP B 305 4.38 -23.38 0.64
N ASN B 306 5.58 -22.95 0.20
CA ASN B 306 6.58 -22.35 1.09
C ASN B 306 5.95 -21.18 1.85
N LEU B 307 5.11 -20.39 1.17
CA LEU B 307 4.46 -19.26 1.82
C LEU B 307 3.56 -19.72 2.97
N GLN B 308 2.78 -20.79 2.76
CA GLN B 308 1.95 -21.29 3.85
C GLN B 308 2.79 -21.91 4.96
N ALA B 309 3.89 -22.58 4.62
CA ALA B 309 4.79 -23.07 5.68
C ALA B 309 5.26 -21.91 6.55
N ALA B 310 5.57 -20.77 5.91
CA ALA B 310 6.04 -19.61 6.67
C ALA B 310 4.94 -19.12 7.59
N ILE B 311 3.69 -19.07 7.10
CA ILE B 311 2.55 -18.67 7.94
C ILE B 311 2.38 -19.68 9.06
N GLY B 312 2.49 -20.97 8.74
CA GLY B 312 2.36 -22.00 9.77
C GLY B 312 3.37 -21.85 10.90
N LEU B 313 4.59 -21.45 10.59
CA LEU B 313 5.63 -21.27 11.61
C LEU B 313 5.32 -20.10 12.52
N GLU B 314 4.51 -19.17 12.05
CA GLU B 314 4.00 -18.10 12.91
C GLU B 314 2.81 -18.58 13.72
N ARG B 315 1.84 -19.23 13.07
CA ARG B 315 0.59 -19.53 13.77
C ARG B 315 0.76 -20.67 14.78
N ILE B 316 1.72 -21.56 14.54
CA ILE B 316 1.88 -22.68 15.47
C ILE B 316 2.37 -22.19 16.81
N LYS B 317 2.85 -20.94 16.89
CA LYS B 317 3.30 -20.43 18.21
C LYS B 317 2.16 -20.44 19.21
N PHE B 318 0.93 -20.37 18.72
CA PHE B 318 -0.24 -20.31 19.59
C PHE B 318 -0.81 -21.68 19.93
N LEU B 319 -0.23 -22.77 19.44
CA LEU B 319 -0.92 -24.06 19.50
C LEU B 319 -1.13 -24.53 20.96
N SER B 320 -0.08 -24.57 21.76
CA SER B 320 -0.31 -25.15 23.09
C SER B 320 -1.24 -24.27 23.90
N TYR B 321 -1.11 -22.94 23.73
CA TYR B 321 -1.94 -22.01 24.48
C TYR B 321 -3.39 -22.11 24.07
N ASN B 322 -3.65 -22.10 22.75
CA ASN B 322 -5.01 -22.29 22.29
C ASN B 322 -5.56 -23.68 22.70
N ASN B 323 -4.72 -24.73 22.71
CA ASN B 323 -5.19 -26.05 23.19
C ASN B 323 -5.55 -26.00 24.66
N LEU B 324 -4.80 -25.23 25.43
CA LEU B 324 -5.15 -25.06 26.84
C LEU B 324 -6.48 -24.36 27.01
N LYS B 325 -6.72 -23.30 26.24
CA LYS B 325 -8.01 -22.63 26.35
C LYS B 325 -9.14 -23.58 25.99
N ARG B 326 -8.93 -24.43 24.96
CA ARG B 326 -9.96 -25.40 24.57
C ARG B 326 -10.29 -26.33 25.71
N VAL B 327 -9.27 -26.85 26.40
CA VAL B 327 -9.57 -27.83 27.44
C VAL B 327 -10.22 -27.16 28.64
N PHE B 328 -9.86 -25.90 28.95
CA PHE B 328 -10.61 -25.16 29.97
C PHE B 328 -12.08 -25.03 29.59
N LEU B 329 -12.35 -24.69 28.31
CA LEU B 329 -13.74 -24.53 27.85
C LEU B 329 -14.52 -25.84 27.92
N ALA B 330 -13.90 -26.94 27.48
CA ALA B 330 -14.53 -28.25 27.57
C ALA B 330 -14.88 -28.64 29.01
N GLN B 331 -13.92 -28.47 29.91
CA GLN B 331 -14.15 -28.75 31.31
C GLN B 331 -15.30 -27.89 31.86
N ARG B 332 -15.40 -26.66 31.38
CA ARG B 332 -16.47 -25.75 31.80
C ARG B 332 -17.84 -26.22 31.31
N TYR B 333 -17.96 -26.64 30.04
CA TYR B 333 -19.20 -27.26 29.59
C TYR B 333 -19.55 -28.49 30.44
N ILE B 334 -18.55 -29.35 30.67
CA ILE B 334 -18.81 -30.61 31.37
C ILE B 334 -19.34 -30.35 32.78
N ARG B 335 -18.70 -29.42 33.50
CA ARG B 335 -19.10 -29.18 34.88
C ARG B 335 -20.44 -28.47 34.94
N ASN B 336 -20.70 -27.55 34.02
CA ASN B 336 -21.91 -26.76 34.11
C ASN B 336 -23.11 -27.32 33.35
N LEU B 337 -22.97 -28.44 32.64
CA LEU B 337 -24.11 -29.17 32.09
C LEU B 337 -24.37 -30.50 32.79
N LYS B 338 -23.64 -30.79 33.88
CA LYS B 338 -23.82 -32.07 34.58
C LYS B 338 -25.27 -32.26 34.99
N GLU B 339 -25.94 -31.17 35.39
CA GLU B 339 -27.38 -31.14 35.65
C GLU B 339 -28.14 -31.98 34.64
N LEU B 340 -27.90 -31.68 33.37
CA LEU B 340 -28.73 -32.21 32.31
C LEU B 340 -28.47 -33.68 32.07
N GLU B 341 -27.26 -34.15 32.38
CA GLU B 341 -26.92 -35.55 32.24
C GLU B 341 -27.46 -36.34 33.42
N ASP B 342 -27.41 -35.73 34.60
CA ASP B 342 -27.91 -36.36 35.80
C ASP B 342 -29.40 -36.66 35.68
N ARG B 343 -30.13 -35.78 35.00
CA ARG B 343 -31.55 -35.94 34.69
C ARG B 343 -31.79 -36.76 33.43
N GLU B 344 -30.77 -37.40 32.87
CA GLU B 344 -30.95 -38.28 31.71
C GLU B 344 -31.54 -37.54 30.50
N LEU B 345 -31.14 -36.29 30.32
CA LEU B 345 -31.51 -35.53 29.13
C LEU B 345 -30.42 -35.56 28.07
N ILE B 346 -29.16 -35.54 28.50
CA ILE B 346 -28.04 -35.54 27.59
C ILE B 346 -26.99 -36.51 28.12
N LYS B 347 -26.03 -36.84 27.24
CA LYS B 347 -24.80 -37.50 27.60
C LYS B 347 -23.66 -36.56 27.27
N LEU B 348 -22.77 -36.32 28.23
CA LEU B 348 -21.62 -35.43 28.08
C LEU B 348 -20.35 -36.22 27.81
N PRO B 349 -19.34 -35.62 27.18
CA PRO B 349 -18.01 -36.25 27.14
C PRO B 349 -17.36 -36.21 28.53
N ARG B 350 -16.31 -37.01 28.69
CA ARG B 350 -15.55 -37.05 29.92
C ARG B 350 -14.18 -36.44 29.67
N MET B 351 -13.54 -35.96 30.73
CA MET B 351 -12.20 -35.43 30.52
C MET B 351 -11.21 -36.60 30.34
N THR B 352 -10.36 -36.50 29.32
CA THR B 352 -9.27 -37.46 29.18
C THR B 352 -8.01 -36.71 28.79
N GLU B 353 -6.85 -37.32 29.08
CA GLU B 353 -5.61 -36.62 28.86
C GLU B 353 -5.24 -36.52 27.39
N ASP B 354 -5.89 -37.26 26.50
CA ASP B 354 -5.54 -37.27 25.07
C ASP B 354 -6.40 -36.34 24.24
N ASN B 355 -7.58 -35.96 24.72
CA ASN B 355 -8.48 -35.14 23.90
C ASN B 355 -7.94 -33.72 23.73
N VAL B 356 -7.85 -33.26 22.48
CA VAL B 356 -7.52 -31.85 22.26
C VAL B 356 -8.73 -30.98 21.94
N TRP B 357 -9.93 -31.54 21.95
CA TRP B 357 -11.14 -30.72 21.99
C TRP B 357 -11.27 -29.83 20.75
N HIS B 358 -11.05 -30.45 19.58
CA HIS B 358 -11.31 -29.73 18.33
C HIS B 358 -12.81 -29.43 18.17
N LEU B 359 -13.66 -30.37 18.56
CA LEU B 359 -15.12 -30.24 18.55
C LEU B 359 -15.61 -30.80 19.86
N PHE B 360 -16.76 -30.29 20.34
CA PHE B 360 -17.33 -30.67 21.64
C PHE B 360 -18.64 -31.36 21.42
N PRO B 361 -18.69 -32.70 21.50
CA PRO B 361 -19.95 -33.41 21.24
C PRO B 361 -20.71 -33.71 22.52
N ILE B 362 -22.02 -33.48 22.47
CA ILE B 362 -22.94 -34.06 23.44
C ILE B 362 -23.97 -34.90 22.72
N ARG B 363 -24.63 -35.78 23.48
CA ARG B 363 -25.73 -36.56 22.93
C ARG B 363 -27.02 -36.11 23.60
N ILE B 364 -27.99 -35.73 22.79
CA ILE B 364 -29.33 -35.47 23.31
C ILE B 364 -30.17 -36.69 23.04
N ILE B 365 -30.68 -37.28 24.10
CA ILE B 365 -31.28 -38.60 23.96
C ILE B 365 -32.80 -38.46 23.98
N ASN B 366 -33.49 -39.61 23.99
CA ASN B 366 -34.94 -39.69 23.83
C ASN B 366 -35.47 -38.83 22.69
N GLY B 367 -34.78 -38.85 21.56
CA GLY B 367 -35.27 -38.18 20.35
C GLY B 367 -35.33 -36.70 20.27
N ARG B 368 -34.82 -36.03 21.27
CA ARG B 368 -34.96 -34.60 21.34
C ARG B 368 -33.96 -33.72 20.59
N ARG B 369 -32.88 -34.31 20.14
CA ARG B 369 -31.83 -33.54 19.46
C ARG B 369 -32.30 -32.50 18.49
N ASP B 370 -33.13 -32.88 17.54
CA ASP B 370 -33.48 -31.91 16.51
C ASP B 370 -34.32 -30.77 17.06
N GLU B 371 -35.22 -31.07 18.02
CA GLU B 371 -35.99 -30.04 18.71
C GLU B 371 -35.06 -29.08 19.44
N VAL B 372 -34.14 -29.63 20.23
CA VAL B 372 -33.19 -28.81 21.00
C VAL B 372 -32.36 -27.91 20.07
N LYS B 373 -31.83 -28.48 18.98
CA LYS B 373 -31.00 -27.69 18.05
C LYS B 373 -31.81 -26.56 17.41
N ASN B 374 -33.05 -26.86 17.04
CA ASN B 374 -33.88 -25.85 16.40
C ASN B 374 -34.30 -24.76 17.39
N LYS B 375 -34.70 -25.14 18.60
CA LYS B 375 -35.11 -24.15 19.59
C LYS B 375 -33.92 -23.30 20.05
N LEU B 376 -32.75 -23.92 20.25
CA LEU B 376 -31.58 -23.15 20.62
C LEU B 376 -31.30 -22.07 19.59
N TYR B 377 -31.54 -22.38 18.31
CA TYR B 377 -31.33 -21.36 17.29
C TYR B 377 -32.50 -20.40 17.17
N GLN B 378 -33.73 -20.91 17.09
CA GLN B 378 -34.88 -20.04 16.88
C GLN B 378 -35.19 -19.21 18.12
N LEU B 379 -35.09 -19.80 19.31
CA LEU B 379 -35.49 -19.09 20.51
C LEU B 379 -34.34 -18.42 21.26
N TYR B 380 -33.10 -18.90 21.10
CA TYR B 380 -32.00 -18.36 21.90
C TYR B 380 -30.88 -17.78 21.05
N ASN B 381 -30.99 -17.79 19.72
CA ASN B 381 -29.97 -17.26 18.81
C ASN B 381 -28.62 -17.95 19.04
N ILE B 382 -28.66 -19.22 19.45
CA ILE B 382 -27.46 -20.04 19.62
C ILE B 382 -27.36 -20.99 18.43
N GLU B 383 -26.29 -20.87 17.63
CA GLU B 383 -25.97 -21.87 16.61
C GLU B 383 -25.32 -23.10 17.24
N THR B 384 -25.83 -24.27 16.92
CA THR B 384 -25.11 -25.51 17.16
C THR B 384 -25.00 -26.20 15.82
N ASP B 385 -24.24 -27.29 15.78
CA ASP B 385 -24.01 -27.91 14.49
C ASP B 385 -23.88 -29.40 14.69
N ILE B 386 -23.98 -30.15 13.60
CA ILE B 386 -23.83 -31.59 13.67
C ILE B 386 -22.68 -31.90 12.71
N TYR B 387 -21.50 -32.28 13.24
CA TYR B 387 -20.36 -32.73 12.45
C TYR B 387 -20.37 -34.26 12.55
N TYR B 388 -20.87 -34.99 11.52
CA TYR B 388 -21.26 -34.51 10.19
C TYR B 388 -22.71 -34.95 9.91
N PRO B 389 -23.43 -34.18 9.07
CA PRO B 389 -24.88 -34.37 8.93
C PRO B 389 -25.29 -35.65 8.22
N VAL B 390 -24.43 -36.24 7.38
CA VAL B 390 -24.73 -37.46 6.62
C VAL B 390 -23.61 -38.46 6.86
N LEU B 391 -23.96 -39.68 7.31
CA LEU B 391 -23.00 -40.79 7.38
C LEU B 391 -22.54 -41.28 5.99
N SER B 392 -21.34 -41.88 5.96
CA SER B 392 -20.70 -42.24 4.67
C SER B 392 -21.58 -43.14 3.81
N HIS B 393 -22.29 -44.08 4.42
CA HIS B 393 -23.10 -45.03 3.67
C HIS B 393 -24.50 -44.51 3.40
N LYS B 394 -24.73 -43.21 3.56
CA LYS B 394 -26.06 -42.64 3.45
C LYS B 394 -26.15 -41.49 2.45
N HIS B 395 -25.07 -41.13 1.74
CA HIS B 395 -25.10 -40.00 0.83
C HIS B 395 -25.98 -40.29 -0.38
N ASN B 396 -26.49 -39.22 -1.01
CA ASN B 396 -27.38 -39.35 -2.17
C ASN B 396 -26.53 -39.59 -3.41
N THR B 397 -25.83 -40.73 -3.47
CA THR B 397 -24.86 -40.94 -4.55
C THR B 397 -25.09 -42.27 -5.26
N LYS B 398 -24.59 -42.34 -6.49
CA LYS B 398 -24.67 -43.58 -7.26
C LYS B 398 -23.85 -44.68 -6.59
N LEU B 399 -22.73 -44.30 -5.97
CA LEU B 399 -21.88 -45.26 -5.29
C LEU B 399 -22.61 -45.89 -4.11
N VAL B 400 -23.26 -45.06 -3.30
CA VAL B 400 -24.02 -45.59 -2.17
C VAL B 400 -25.13 -46.52 -2.65
N LYS B 401 -25.81 -46.17 -3.74
CA LYS B 401 -26.91 -47.00 -4.23
C LYS B 401 -26.41 -48.34 -4.78
N LYS B 402 -25.18 -48.36 -5.30
CA LYS B 402 -24.56 -49.54 -5.90
C LYS B 402 -23.91 -50.46 -4.87
N ASN B 403 -23.33 -49.91 -3.80
CA ASN B 403 -22.37 -50.64 -2.98
C ASN B 403 -22.68 -50.70 -1.49
N TYR B 404 -23.40 -49.74 -0.93
CA TYR B 404 -23.51 -49.64 0.53
C TYR B 404 -24.94 -49.74 1.05
N MET B 405 -25.89 -50.18 0.23
N MET B 405 -25.87 -50.18 0.21
CA MET B 405 -27.27 -50.27 0.71
CA MET B 405 -27.26 -50.33 0.65
C MET B 405 -27.47 -51.41 1.71
C MET B 405 -27.38 -51.32 1.79
N GLN B 406 -26.53 -52.35 1.82
CA GLN B 406 -26.64 -53.41 2.82
C GLN B 406 -26.02 -53.04 4.17
N ASP B 407 -25.19 -52.00 4.22
CA ASP B 407 -24.45 -51.68 5.44
C ASP B 407 -25.41 -51.18 6.53
N THR B 408 -25.37 -51.83 7.68
CA THR B 408 -26.03 -51.33 8.87
C THR B 408 -24.97 -51.21 9.94
N LEU B 409 -24.88 -50.02 10.52
CA LEU B 409 -23.90 -49.63 11.51
C LEU B 409 -24.72 -49.14 12.68
N LEU B 410 -25.13 -50.08 13.55
CA LEU B 410 -26.15 -49.79 14.55
C LEU B 410 -25.78 -48.62 15.46
N ASN B 411 -24.60 -48.70 16.09
CA ASN B 411 -24.19 -47.68 17.04
C ASN B 411 -23.92 -46.36 16.34
N THR B 412 -23.25 -46.42 15.19
CA THR B 412 -23.02 -45.18 14.45
C THR B 412 -24.34 -44.49 14.13
N GLU B 413 -25.32 -45.27 13.69
CA GLU B 413 -26.57 -44.69 13.20
C GLU B 413 -27.42 -44.16 14.36
N GLN B 414 -27.45 -44.88 15.49
CA GLN B 414 -28.17 -44.36 16.65
C GLN B 414 -27.53 -43.10 17.20
N VAL B 415 -26.21 -43.13 17.41
CA VAL B 415 -25.51 -41.94 17.89
C VAL B 415 -25.76 -40.76 16.94
N HIS B 416 -25.83 -41.03 15.64
CA HIS B 416 -26.01 -39.96 14.66
C HIS B 416 -27.30 -39.19 14.90
N LYS B 417 -28.36 -39.87 15.37
CA LYS B 417 -29.64 -39.28 15.72
C LYS B 417 -29.55 -38.40 16.99
N GLU B 418 -28.46 -38.49 17.74
CA GLU B 418 -28.34 -37.93 19.08
C GLU B 418 -27.29 -36.83 19.15
N ILE B 419 -26.28 -36.87 18.29
CA ILE B 419 -25.10 -36.00 18.43
C ILE B 419 -25.46 -34.53 18.18
N LEU B 420 -24.85 -33.64 18.95
CA LEU B 420 -24.89 -32.21 18.73
C LEU B 420 -23.58 -31.65 19.22
N HIS B 421 -23.00 -30.74 18.45
CA HIS B 421 -21.75 -30.07 18.82
C HIS B 421 -21.99 -28.66 19.36
N LEU B 422 -21.31 -28.33 20.43
CA LEU B 422 -21.45 -27.04 21.11
C LEU B 422 -20.32 -26.11 20.70
N PRO B 423 -20.59 -24.82 20.52
CA PRO B 423 -19.52 -23.92 20.08
C PRO B 423 -18.35 -23.97 21.04
N LEU B 424 -17.15 -24.13 20.46
CA LEU B 424 -15.96 -24.24 21.29
C LEU B 424 -14.79 -23.83 20.42
N HIS B 425 -14.27 -22.64 20.67
CA HIS B 425 -13.06 -22.27 19.95
C HIS B 425 -12.31 -21.32 20.87
N PRO B 426 -10.99 -21.24 20.75
CA PRO B 426 -10.18 -20.72 21.85
C PRO B 426 -10.31 -19.24 22.05
N ASN B 427 -10.70 -18.48 21.03
CA ASN B 427 -10.97 -17.06 21.19
C ASN B 427 -12.41 -16.74 21.53
N MET B 428 -13.21 -17.73 21.93
CA MET B 428 -14.54 -17.38 22.38
C MET B 428 -14.44 -16.72 23.76
N LEU B 429 -15.43 -15.89 24.08
CA LEU B 429 -15.54 -15.27 25.38
C LEU B 429 -16.20 -16.22 26.36
N LEU B 430 -15.76 -16.17 27.61
CA LEU B 430 -16.49 -16.89 28.64
C LEU B 430 -17.93 -16.42 28.71
N GLU B 431 -18.18 -15.13 28.40
CA GLU B 431 -19.56 -14.64 28.36
C GLU B 431 -20.36 -15.34 27.29
N GLU B 432 -19.72 -15.68 26.16
CA GLU B 432 -20.38 -16.40 25.09
C GLU B 432 -20.65 -17.85 25.51
N GLN B 433 -19.70 -18.48 26.18
CA GLN B 433 -20.00 -19.84 26.65
C GLN B 433 -21.12 -19.85 27.69
N ASN B 434 -21.15 -18.85 28.57
CA ASN B 434 -22.26 -18.72 29.52
C ASN B 434 -23.59 -18.61 28.80
N PHE B 435 -23.61 -17.85 27.70
CA PHE B 435 -24.83 -17.70 26.92
C PHE B 435 -25.28 -19.06 26.39
N VAL B 436 -24.33 -19.85 25.89
CA VAL B 436 -24.64 -21.22 25.49
C VAL B 436 -25.17 -22.03 26.68
N LEU B 437 -24.45 -21.98 27.82
CA LEU B 437 -24.84 -22.75 28.99
C LEU B 437 -26.25 -22.41 29.43
N GLU B 438 -26.61 -21.12 29.40
CA GLU B 438 -27.93 -20.72 29.86
C GLU B 438 -29.02 -21.16 28.88
N GLY B 439 -28.76 -21.11 27.58
CA GLY B 439 -29.76 -21.57 26.61
C GLY B 439 -30.00 -23.06 26.70
N LEU B 440 -28.92 -23.83 26.84
CA LEU B 440 -29.06 -25.28 26.95
C LEU B 440 -29.75 -25.69 28.25
N ILE B 441 -29.53 -24.95 29.35
CA ILE B 441 -30.32 -25.19 30.57
C ILE B 441 -31.77 -24.86 30.31
N ASN B 442 -32.02 -23.68 29.76
CA ASN B 442 -33.39 -23.18 29.69
C ASN B 442 -34.23 -24.01 28.72
N VAL B 443 -33.64 -24.45 27.61
CA VAL B 443 -34.41 -25.21 26.63
C VAL B 443 -34.80 -26.57 27.17
N ASN B 444 -34.08 -27.08 28.18
CA ASN B 444 -34.31 -28.39 28.77
C ASN B 444 -35.08 -28.33 30.09
N LYS B 445 -35.69 -27.19 30.43
CA LYS B 445 -36.41 -27.06 31.69
C LYS B 445 -37.79 -27.73 31.65
N LEU C 8 -29.53 2.32 19.23
CA LEU C 8 -28.58 2.38 18.11
C LEU C 8 -28.15 3.81 17.79
N THR C 9 -26.85 4.08 17.85
CA THR C 9 -26.34 5.40 17.51
C THR C 9 -25.26 5.23 16.46
N THR C 10 -25.21 6.19 15.54
CA THR C 10 -24.21 6.21 14.46
C THR C 10 -23.04 7.06 14.93
N ILE C 11 -21.85 6.46 15.03
CA ILE C 11 -20.65 7.19 15.38
C ILE C 11 -20.27 8.12 14.23
N SER C 12 -20.30 9.44 14.48
CA SER C 12 -20.00 10.42 13.44
C SER C 12 -18.51 10.72 13.30
N GLY C 13 -17.70 10.33 14.27
CA GLY C 13 -16.30 10.66 14.30
C GLY C 13 -15.96 11.90 15.11
N HIS C 14 -16.94 12.50 15.78
CA HIS C 14 -16.69 13.70 16.59
C HIS C 14 -16.66 13.34 18.07
N SER C 15 -16.43 14.37 18.88
CA SER C 15 -16.02 14.14 20.28
C SER C 15 -17.18 13.58 21.10
N LYS C 16 -18.41 14.05 20.85
CA LYS C 16 -19.53 13.61 21.68
C LYS C 16 -19.77 12.12 21.51
N ASP C 17 -19.80 11.64 20.26
CA ASP C 17 -19.96 10.19 20.03
C ASP C 17 -18.76 9.41 20.56
N ASN C 18 -17.55 9.99 20.53
CA ASN C 18 -16.40 9.25 21.05
C ASN C 18 -16.56 9.02 22.54
N LEU C 19 -17.09 10.02 23.25
CA LEU C 19 -17.32 9.83 24.68
C LEU C 19 -18.35 8.74 24.94
N ALA C 20 -19.41 8.72 24.14
CA ALA C 20 -20.40 7.65 24.29
C ALA C 20 -19.78 6.28 24.01
N LEU C 21 -18.95 6.20 22.97
CA LEU C 21 -18.35 4.92 22.63
C LEU C 21 -17.40 4.45 23.73
N LEU C 22 -16.59 5.38 24.27
CA LEU C 22 -15.68 5.05 25.36
C LEU C 22 -16.42 4.47 26.55
N LYS C 23 -17.50 5.14 26.97
CA LYS C 23 -18.28 4.63 28.09
C LYS C 23 -18.79 3.22 27.81
N CYS C 24 -19.23 2.96 26.59
CA CYS C 24 -19.73 1.63 26.27
C CYS C 24 -18.59 0.62 26.25
N LEU C 25 -17.45 0.97 25.64
CA LEU C 25 -16.30 0.07 25.65
C LEU C 25 -15.85 -0.27 27.07
N GLN C 26 -15.96 0.68 27.99
CA GLN C 26 -15.48 0.43 29.33
C GLN C 26 -16.51 -0.24 30.21
N GLY C 27 -17.65 -0.65 29.66
CA GLY C 27 -18.67 -1.33 30.48
C GLY C 27 -19.44 -0.43 31.42
N GLU C 28 -19.59 0.83 31.05
CA GLU C 28 -20.22 1.80 31.93
C GLU C 28 -21.56 2.23 31.40
N THR C 29 -22.11 1.44 30.50
CA THR C 29 -23.37 1.81 29.89
C THR C 29 -24.37 0.72 29.86
N LYS C 30 -25.56 1.07 29.44
CA LYS C 30 -26.57 0.07 29.29
C LYS C 30 -26.29 -0.68 28.02
N GLU C 31 -27.05 -1.72 27.76
CA GLU C 31 -26.93 -2.45 26.53
C GLU C 31 -27.21 -1.51 25.40
N LYS C 32 -26.17 -0.99 24.78
CA LYS C 32 -26.28 -0.08 23.65
C LYS C 32 -25.55 -0.65 22.45
N GLU C 33 -25.98 -0.23 21.27
CA GLU C 33 -25.41 -0.72 20.02
C GLU C 33 -24.95 0.46 19.18
N PHE C 34 -23.97 0.21 18.33
CA PHE C 34 -23.35 1.27 17.57
C PHE C 34 -23.18 0.87 16.11
N GLU C 35 -23.43 1.82 15.21
CA GLU C 35 -22.95 1.66 13.85
C GLU C 35 -22.00 2.81 13.62
N ILE C 36 -21.21 2.74 12.58
CA ILE C 36 -20.20 3.79 12.38
C ILE C 36 -20.40 4.39 10.99
N SER C 37 -20.44 5.72 10.94
CA SER C 37 -20.59 6.40 9.66
C SER C 37 -19.38 6.15 8.79
N ASN C 38 -19.64 5.88 7.51
CA ASN C 38 -18.57 5.54 6.55
C ASN C 38 -17.99 6.81 5.94
N VAL C 39 -17.51 7.70 6.81
CA VAL C 39 -16.82 8.89 6.39
C VAL C 39 -15.33 8.68 6.59
N LEU C 40 -14.53 9.44 5.87
CA LEU C 40 -13.11 9.17 5.89
C LEU C 40 -12.49 9.31 7.27
N PRO C 41 -12.86 10.28 8.11
CA PRO C 41 -12.25 10.35 9.44
C PRO C 41 -12.51 9.15 10.33
N ASN C 42 -13.46 8.27 9.98
CA ASN C 42 -13.74 7.03 10.72
C ASN C 42 -13.08 5.80 10.14
N HIS C 43 -12.26 5.95 9.11
CA HIS C 43 -11.73 4.77 8.41
C HIS C 43 -11.00 3.80 9.35
N LYS C 44 -10.10 4.33 10.18
CA LYS C 44 -9.34 3.46 11.05
C LYS C 44 -10.24 2.88 12.15
N MET C 45 -11.07 3.71 12.76
CA MET C 45 -11.94 3.21 13.83
C MET C 45 -12.83 2.08 13.29
N LYS C 46 -13.29 2.22 12.05
CA LYS C 46 -14.15 1.19 11.48
C LYS C 46 -13.38 -0.11 11.31
N GLU C 47 -12.14 -0.03 10.83
CA GLU C 47 -11.36 -1.26 10.66
C GLU C 47 -11.02 -1.91 12.01
N LYS C 48 -10.65 -1.10 13.00
CA LYS C 48 -10.06 -1.61 14.24
C LYS C 48 -11.14 -2.10 15.20
N LEU C 49 -12.25 -1.37 15.31
CA LEU C 49 -13.27 -1.63 16.31
C LEU C 49 -14.55 -2.25 15.78
N PHE C 50 -14.79 -2.27 14.46
CA PHE C 50 -16.09 -2.70 13.93
C PHE C 50 -15.93 -3.90 13.02
N ARG C 51 -16.99 -4.70 12.96
CA ARG C 51 -17.04 -5.89 12.12
C ARG C 51 -18.49 -6.02 11.69
N GLU C 52 -18.75 -6.14 10.40
CA GLU C 52 -20.10 -6.20 9.83
C GLU C 52 -21.01 -5.11 10.43
N ASN C 53 -20.60 -3.86 10.20
CA ASN C 53 -21.07 -2.59 10.75
C ASN C 53 -21.58 -2.64 12.18
N LYS C 54 -21.00 -3.48 13.03
CA LYS C 54 -21.32 -3.41 14.44
C LYS C 54 -20.03 -3.46 15.25
N LEU C 55 -20.13 -3.01 16.50
CA LEU C 55 -18.99 -3.10 17.40
C LEU C 55 -18.51 -4.54 17.49
N LYS C 56 -17.19 -4.73 17.46
CA LYS C 56 -16.64 -6.07 17.68
C LYS C 56 -16.99 -6.52 19.10
N ILE C 57 -17.38 -7.77 19.27
CA ILE C 57 -17.79 -8.22 20.60
C ILE C 57 -16.58 -8.39 21.52
N ASP C 58 -15.39 -8.46 20.93
CA ASP C 58 -14.19 -9.00 21.55
C ASP C 58 -13.15 -7.91 21.80
N ILE C 59 -13.58 -6.66 21.94
CA ILE C 59 -12.66 -5.54 22.09
C ILE C 59 -12.19 -5.45 23.53
N ASP C 60 -10.87 -5.46 23.74
CA ASP C 60 -10.28 -5.08 25.02
C ASP C 60 -9.39 -3.85 24.84
N ILE C 61 -9.78 -2.76 25.51
CA ILE C 61 -9.10 -1.47 25.28
C ILE C 61 -7.61 -1.61 25.58
N GLU C 62 -7.26 -2.14 26.75
CA GLU C 62 -5.86 -2.17 27.14
C GLU C 62 -5.02 -3.01 26.19
N LYS C 63 -5.47 -4.23 25.86
CA LYS C 63 -4.61 -5.04 25.02
C LYS C 63 -4.75 -4.71 23.53
N ASP C 64 -5.96 -4.44 23.06
CA ASP C 64 -6.12 -4.26 21.62
C ASP C 64 -5.86 -2.83 21.17
N ILE C 65 -6.32 -1.86 21.95
CA ILE C 65 -6.16 -0.49 21.50
C ILE C 65 -4.79 0.06 21.91
N PHE C 66 -4.35 -0.24 23.12
CA PHE C 66 -3.12 0.31 23.63
C PHE C 66 -1.95 -0.67 23.64
N ASN C 67 -2.19 -1.94 23.32
CA ASN C 67 -1.12 -2.94 23.28
C ASN C 67 -0.28 -2.96 24.57
N TYR C 68 -0.98 -2.90 25.71
CA TYR C 68 -0.31 -3.05 26.99
C TYR C 68 0.42 -4.38 27.02
N SER C 69 1.68 -4.36 27.47
CA SER C 69 2.47 -5.58 27.64
C SER C 69 3.41 -5.50 28.85
N ARG C 70 3.09 -4.68 29.85
CA ARG C 70 3.96 -4.45 31.03
C ARG C 70 5.38 -4.09 30.61
N LYS C 71 5.50 -3.27 29.56
CA LYS C 71 6.80 -2.79 29.11
C LYS C 71 7.49 -1.99 30.21
N ASN C 72 8.79 -2.22 30.37
CA ASN C 72 9.58 -1.43 31.30
C ASN C 72 9.87 -0.05 30.71
N ILE C 73 9.55 0.98 31.48
CA ILE C 73 9.68 2.38 31.09
C ILE C 73 10.68 3.05 32.03
N GLN C 74 11.66 3.75 31.47
CA GLN C 74 12.68 4.43 32.26
C GLN C 74 12.60 5.95 32.20
N LYS C 75 11.83 6.48 31.27
CA LYS C 75 11.79 7.92 31.07
C LYS C 75 10.58 8.23 30.19
N ILE C 76 10.16 9.49 30.24
CA ILE C 76 9.04 9.99 29.43
C ILE C 76 9.44 11.28 28.74
N GLU C 77 9.23 11.32 27.41
CA GLU C 77 9.36 12.54 26.64
C GLU C 77 7.96 13.08 26.37
N PHE C 78 7.85 14.39 26.24
CA PHE C 78 6.53 14.98 26.20
C PHE C 78 5.83 14.67 24.88
N MET C 79 6.53 14.84 23.76
CA MET C 79 5.93 14.61 22.43
C MET C 79 7.05 14.23 21.46
N PRO C 80 7.52 12.97 21.53
CA PRO C 80 8.52 12.48 20.58
C PRO C 80 7.89 12.42 19.19
N VAL C 81 8.40 13.24 18.25
CA VAL C 81 7.62 13.36 17.01
C VAL C 81 7.61 12.08 16.18
N ASN C 82 8.61 11.20 16.31
CA ASN C 82 8.53 9.94 15.58
C ASN C 82 7.36 9.06 16.04
N ARG C 83 6.76 9.32 17.21
CA ARG C 83 5.63 8.49 17.67
C ARG C 83 4.27 9.01 17.21
N LEU C 84 4.22 10.16 16.54
CA LEU C 84 2.95 10.70 16.07
C LEU C 84 2.50 10.11 14.75
N ILE C 85 3.37 9.39 14.06
CA ILE C 85 3.01 8.78 12.79
C ILE C 85 3.26 7.29 12.92
N SER C 86 2.30 6.52 12.46
CA SER C 86 2.39 5.06 12.54
C SER C 86 2.86 4.47 11.22
N GLN C 87 3.35 3.22 11.24
CA GLN C 87 3.80 2.59 9.99
C GLN C 87 2.65 2.39 8.98
N SER C 88 1.44 2.11 9.46
CA SER C 88 0.30 1.99 8.55
C SER C 88 0.04 3.31 7.83
N GLU C 89 0.17 4.43 8.55
CA GLU C 89 0.08 5.73 7.92
C GLU C 89 1.15 5.90 6.84
N ILE C 90 2.38 5.47 7.13
CA ILE C 90 3.47 5.64 6.17
C ILE C 90 3.23 4.83 4.91
N ASP C 91 2.79 3.58 5.05
CA ASP C 91 2.51 2.74 3.86
C ASP C 91 1.42 3.36 3.00
N GLY C 92 0.35 3.83 3.65
CA GLY C 92 -0.71 4.51 2.90
C GLY C 92 -0.22 5.80 2.25
N ILE C 93 0.63 6.55 2.94
CA ILE C 93 1.17 7.79 2.36
C ILE C 93 2.01 7.47 1.14
N ILE C 94 2.89 6.45 1.24
CA ILE C 94 3.71 6.10 0.10
C ILE C 94 2.81 5.72 -1.08
N GLY C 95 1.75 4.96 -0.79
CA GLY C 95 0.82 4.57 -1.83
C GLY C 95 0.17 5.74 -2.54
N THR C 96 -0.31 6.73 -1.77
CA THR C 96 -0.96 7.85 -2.45
C THR C 96 0.06 8.77 -3.12
N LEU C 97 1.26 8.90 -2.56
CA LEU C 97 2.31 9.66 -3.26
C LEU C 97 2.65 9.05 -4.61
N LYS C 98 2.60 7.72 -4.74
CA LYS C 98 2.85 7.13 -6.05
C LYS C 98 1.73 7.43 -7.03
N GLU C 99 0.55 7.79 -6.53
CA GLU C 99 -0.50 8.25 -7.44
C GLU C 99 -0.37 9.76 -7.76
N VAL C 100 -0.01 10.59 -6.77
CA VAL C 100 -0.01 12.03 -7.02
C VAL C 100 1.19 12.42 -7.84
N LEU C 101 2.35 11.76 -7.60
CA LEU C 101 3.58 12.28 -8.18
C LEU C 101 3.55 12.28 -9.70
N PRO C 102 3.13 11.23 -10.39
CA PRO C 102 3.16 11.30 -11.87
C PRO C 102 2.14 12.25 -12.49
N THR C 103 1.15 12.74 -11.73
CA THR C 103 0.26 13.77 -12.28
C THR C 103 1.00 15.08 -12.47
N GLY C 104 2.07 15.32 -11.71
CA GLY C 104 2.77 16.58 -11.77
C GLY C 104 2.00 17.72 -11.20
N GLN C 105 0.84 17.46 -10.58
CA GLN C 105 -0.01 18.51 -10.04
C GLN C 105 0.41 18.78 -8.61
N PHE C 106 1.17 19.86 -8.42
CA PHE C 106 1.80 20.11 -7.14
C PHE C 106 1.41 21.45 -6.55
N THR C 107 0.53 22.19 -7.21
CA THR C 107 0.05 23.40 -6.57
C THR C 107 -1.41 23.11 -6.24
N SER C 108 -2.31 23.67 -7.01
CA SER C 108 -3.69 23.23 -6.91
C SER C 108 -3.83 21.80 -7.44
N GLY C 109 -4.95 21.17 -7.13
CA GLY C 109 -5.23 19.93 -7.79
C GLY C 109 -6.39 19.21 -7.15
N PRO C 110 -6.67 18.01 -7.64
CA PRO C 110 -7.89 17.32 -7.21
C PRO C 110 -7.85 16.82 -5.79
N PHE C 111 -6.66 16.51 -5.26
CA PHE C 111 -6.59 16.11 -3.84
C PHE C 111 -6.92 17.28 -2.94
N SER C 112 -6.53 18.49 -3.33
CA SER C 112 -6.90 19.68 -2.56
C SER C 112 -8.42 19.79 -2.49
N LYS C 113 -9.08 19.69 -3.67
CA LYS C 113 -10.53 19.81 -3.72
C LYS C 113 -11.17 18.69 -2.91
N LYS C 114 -10.59 17.48 -2.95
CA LYS C 114 -11.21 16.37 -2.24
C LYS C 114 -11.10 16.60 -0.73
N LEU C 115 -9.95 17.08 -0.27
CA LEU C 115 -9.80 17.36 1.18
C LEU C 115 -10.76 18.45 1.61
N GLU C 116 -10.93 19.47 0.77
CA GLU C 116 -11.90 20.49 1.11
C GLU C 116 -13.30 19.90 1.26
N GLU C 117 -13.67 18.97 0.38
CA GLU C 117 -15.00 18.34 0.47
C GLU C 117 -15.13 17.53 1.76
N VAL C 118 -14.08 16.75 2.07
CA VAL C 118 -14.05 15.90 3.26
C VAL C 118 -14.14 16.74 4.51
N ILE C 119 -13.37 17.84 4.55
CA ILE C 119 -13.43 18.72 5.72
C ILE C 119 -14.78 19.40 5.81
N GLY C 120 -15.34 19.83 4.65
CA GLY C 120 -16.63 20.47 4.68
C GLY C 120 -17.71 19.54 5.21
N ASP C 121 -17.64 18.26 4.83
CA ASP C 121 -18.65 17.30 5.31
C ASP C 121 -18.48 17.07 6.81
N TYR C 122 -17.22 16.96 7.26
CA TYR C 122 -16.95 16.68 8.66
C TYR C 122 -17.37 17.85 9.55
N LEU C 123 -17.18 19.09 9.08
CA LEU C 123 -17.56 20.24 9.87
C LEU C 123 -18.99 20.68 9.59
N ASN C 124 -19.67 20.04 8.64
CA ASN C 124 -21.03 20.43 8.23
CA ASN C 124 -21.03 20.43 8.26
C ASN C 124 -21.08 21.92 7.88
N LYS C 125 -20.17 22.31 7.00
CA LYS C 125 -20.09 23.69 6.53
C LYS C 125 -19.96 23.68 5.02
N LYS C 126 -20.47 24.73 4.39
CA LYS C 126 -20.66 24.73 2.93
C LYS C 126 -19.38 24.99 2.13
N TYR C 127 -18.41 25.75 2.68
CA TYR C 127 -17.26 26.22 1.94
C TYR C 127 -15.99 25.95 2.71
N VAL C 128 -14.99 25.39 2.03
CA VAL C 128 -13.68 25.17 2.67
C VAL C 128 -12.59 25.61 1.70
N ILE C 129 -11.65 26.42 2.18
CA ILE C 129 -10.45 26.77 1.46
C ILE C 129 -9.28 26.16 2.21
N ALA C 130 -8.66 25.13 1.61
CA ALA C 130 -7.49 24.54 2.25
C ALA C 130 -6.27 25.40 1.98
N THR C 131 -5.51 25.64 3.03
CA THR C 131 -4.43 26.60 3.04
C THR C 131 -3.11 25.95 3.35
N SER C 132 -2.07 26.78 3.26
CA SER C 132 -0.72 26.33 3.46
C SER C 132 -0.33 26.28 4.95
N SER C 133 -1.18 26.82 5.81
CA SER C 133 -0.97 26.74 7.27
C SER C 133 -2.20 27.32 7.94
N GLY C 134 -2.38 26.98 9.21
CA GLY C 134 -3.42 27.64 9.97
C GLY C 134 -3.15 29.12 10.16
N THR C 135 -1.88 29.50 10.33
CA THR C 135 -1.51 30.91 10.43
C THR C 135 -2.01 31.64 9.20
N ASP C 136 -1.72 31.07 8.03
CA ASP C 136 -2.14 31.71 6.80
C ASP C 136 -3.66 31.74 6.67
N ALA C 137 -4.34 30.67 7.07
CA ALA C 137 -5.81 30.67 7.05
C ALA C 137 -6.37 31.84 7.87
N LEU C 138 -5.80 32.04 9.08
CA LEU C 138 -6.27 33.13 9.93
C LEU C 138 -6.01 34.49 9.31
N MET C 139 -4.82 34.69 8.73
CA MET C 139 -4.49 35.97 8.07
C MET C 139 -5.46 36.26 6.93
N VAL C 140 -5.70 35.25 6.11
CA VAL C 140 -6.60 35.43 4.97
C VAL C 140 -8.01 35.69 5.43
N SER C 141 -8.47 34.98 6.46
N SER C 141 -8.48 34.97 6.46
CA SER C 141 -9.84 35.15 6.94
CA SER C 141 -9.85 35.15 6.92
C SER C 141 -10.07 36.54 7.50
C SER C 141 -10.07 36.54 7.51
N LEU C 142 -9.08 37.07 8.23
CA LEU C 142 -9.17 38.44 8.74
C LEU C 142 -9.29 39.42 7.59
N LEU C 143 -8.48 39.23 6.53
CA LEU C 143 -8.65 40.12 5.37
C LEU C 143 -10.04 40.00 4.74
N SER C 144 -10.55 38.78 4.67
CA SER C 144 -11.82 38.56 3.99
C SER C 144 -12.97 39.25 4.69
N ILE C 145 -12.90 39.40 6.01
CA ILE C 145 -13.98 40.13 6.67
C ILE C 145 -13.77 41.65 6.61
N GLY C 146 -12.70 42.12 5.98
CA GLY C 146 -12.51 43.52 5.78
C GLY C 146 -11.57 44.20 6.74
N ILE C 147 -10.79 43.45 7.52
CA ILE C 147 -9.83 44.03 8.45
C ILE C 147 -8.85 44.92 7.70
N GLN C 148 -8.72 46.16 8.17
CA GLN C 148 -7.81 47.16 7.67
C GLN C 148 -6.75 47.46 8.73
N PRO C 149 -5.59 47.99 8.35
CA PRO C 149 -4.60 48.34 9.37
C PRO C 149 -5.21 49.32 10.36
N GLY C 150 -4.97 49.06 11.65
CA GLY C 150 -5.54 49.84 12.71
C GLY C 150 -6.77 49.22 13.35
N ASP C 151 -7.44 48.29 12.68
CA ASP C 151 -8.65 47.74 13.27
C ASP C 151 -8.27 46.87 14.46
N GLU C 152 -9.15 46.83 15.45
CA GLU C 152 -8.89 46.01 16.64
C GLU C 152 -9.54 44.63 16.54
N VAL C 153 -8.88 43.64 17.14
CA VAL C 153 -9.39 42.26 17.17
C VAL C 153 -9.25 41.81 18.63
N ILE C 154 -10.38 41.48 19.26
CA ILE C 154 -10.41 41.03 20.65
C ILE C 154 -10.02 39.55 20.71
N MET C 155 -9.04 39.21 21.56
CA MET C 155 -8.56 37.83 21.61
C MET C 155 -7.90 37.60 22.95
N PRO C 156 -7.70 36.35 23.33
CA PRO C 156 -7.02 36.07 24.60
C PRO C 156 -5.52 36.24 24.44
N ALA C 157 -4.81 36.25 25.58
CA ALA C 157 -3.36 36.43 25.61
C ALA C 157 -2.59 35.16 25.90
N ASN C 158 -3.25 34.02 25.87
CA ASN C 158 -2.60 32.78 26.28
C ASN C 158 -2.55 31.76 25.16
N SER C 159 -2.76 32.19 23.92
CA SER C 159 -2.68 31.28 22.79
C SER C 159 -1.24 31.16 22.26
N PHE C 160 -1.06 30.20 21.33
CA PHE C 160 0.19 30.15 20.57
C PHE C 160 0.36 31.46 19.82
N ALA C 161 1.63 31.89 19.67
CA ALA C 161 1.94 33.19 19.04
C ALA C 161 1.29 33.38 17.68
N ALA C 162 0.99 32.27 16.95
CA ALA C 162 0.41 32.43 15.61
C ALA C 162 -0.88 33.23 15.64
N THR C 163 -1.69 33.13 16.70
CA THR C 163 -2.97 33.79 16.70
C THR C 163 -2.78 35.30 16.64
N GLU C 164 -1.96 35.84 17.56
CA GLU C 164 -1.72 37.27 17.53
C GLU C 164 -0.91 37.66 16.27
N ASN C 165 -0.02 36.78 15.82
CA ASN C 165 0.81 37.14 14.68
C ASN C 165 -0.01 37.35 13.42
N ALA C 166 -1.06 36.54 13.23
CA ALA C 166 -1.88 36.74 12.02
C ALA C 166 -2.55 38.12 12.05
N VAL C 167 -3.01 38.54 13.22
CA VAL C 167 -3.58 39.88 13.39
C VAL C 167 -2.53 40.93 13.11
N LEU C 168 -1.32 40.78 13.70
CA LEU C 168 -0.28 41.80 13.51
C LEU C 168 0.25 41.85 12.08
N ALA C 169 0.32 40.70 11.39
CA ALA C 169 0.94 40.70 10.07
C ALA C 169 0.17 41.55 9.08
N ILE C 170 -1.15 41.69 9.27
CA ILE C 170 -1.94 42.50 8.37
C ILE C 170 -2.17 43.91 8.91
N GLY C 171 -1.43 44.29 9.96
CA GLY C 171 -1.49 45.63 10.47
C GLY C 171 -2.58 45.90 11.48
N ALA C 172 -3.32 44.87 11.91
CA ALA C 172 -4.38 45.10 12.88
C ALA C 172 -3.83 45.02 14.31
N LYS C 173 -4.70 45.33 15.28
CA LYS C 173 -4.32 45.54 16.67
C LYS C 173 -4.98 44.56 17.61
N PRO C 174 -4.23 43.60 18.17
CA PRO C 174 -4.81 42.76 19.21
C PRO C 174 -5.24 43.59 20.42
N VAL C 175 -6.42 43.24 20.94
CA VAL C 175 -6.92 43.82 22.18
C VAL C 175 -7.18 42.63 23.10
N PHE C 176 -6.38 42.50 24.19
CA PHE C 176 -6.41 41.29 24.99
C PHE C 176 -7.49 41.37 26.07
N VAL C 177 -8.22 40.26 26.22
CA VAL C 177 -9.28 40.09 27.20
C VAL C 177 -8.97 38.86 28.02
N ASP C 178 -9.32 38.92 29.32
CA ASP C 178 -8.91 37.90 30.27
C ASP C 178 -9.69 36.59 30.01
N ILE C 179 -9.12 35.49 30.48
CA ILE C 179 -9.79 34.21 30.35
C ILE C 179 -10.71 33.94 31.53
N ASP C 180 -11.53 32.90 31.40
N ASP C 180 -11.52 32.89 31.39
CA ASP C 180 -12.49 32.48 32.42
CA ASP C 180 -12.47 32.39 32.37
C ASP C 180 -11.75 31.78 33.56
C ASP C 180 -11.76 31.55 33.44
N HIS C 181 -12.52 31.16 34.46
N HIS C 181 -12.50 31.27 34.52
CA HIS C 181 -12.03 30.59 35.69
CA HIS C 181 -12.02 30.57 35.71
C HIS C 181 -11.99 29.07 35.65
C HIS C 181 -12.22 29.07 35.65
N LYS C 182 -12.11 28.46 34.47
CA LYS C 182 -12.26 27.02 34.42
C LYS C 182 -11.53 26.43 33.22
N SER C 183 -11.85 26.97 32.05
N SER C 183 -11.89 26.82 32.00
CA SER C 183 -11.62 26.23 30.82
CA SER C 183 -11.41 26.05 30.85
C SER C 183 -10.48 26.77 29.98
C SER C 183 -10.53 26.85 29.91
N TYR C 184 -9.77 27.82 30.44
CA TYR C 184 -8.63 28.47 29.76
C TYR C 184 -9.06 29.29 28.55
N CYS C 185 -10.35 29.54 28.42
CA CYS C 185 -10.85 30.21 27.23
C CYS C 185 -11.25 31.64 27.58
N ILE C 186 -11.34 32.46 26.54
CA ILE C 186 -11.70 33.86 26.72
C ILE C 186 -13.00 34.01 27.48
N ASP C 187 -13.00 34.93 28.45
CA ASP C 187 -14.19 35.14 29.26
C ASP C 187 -15.23 35.98 28.52
N PRO C 188 -16.38 35.41 28.16
CA PRO C 188 -17.39 36.24 27.47
C PRO C 188 -17.81 37.44 28.30
N LEU C 189 -17.75 37.33 29.63
CA LEU C 189 -18.17 38.44 30.49
C LEU C 189 -17.22 39.62 30.46
N LYS C 190 -16.03 39.46 29.85
CA LYS C 190 -15.04 40.53 29.74
C LYS C 190 -14.94 41.12 28.34
N ILE C 191 -15.72 40.61 27.38
CA ILE C 191 -15.52 41.03 25.99
C ILE C 191 -16.13 42.40 25.73
N GLU C 192 -17.37 42.62 26.19
CA GLU C 192 -18.08 43.83 25.85
C GLU C 192 -17.33 45.07 26.32
N GLU C 193 -16.73 45.02 27.51
CA GLU C 193 -16.04 46.20 28.02
C GLU C 193 -14.83 46.56 27.18
N ALA C 194 -14.34 45.64 26.33
CA ALA C 194 -13.20 45.91 25.48
C ALA C 194 -13.58 46.38 24.08
N ILE C 195 -14.87 46.37 23.74
CA ILE C 195 -15.29 46.79 22.41
C ILE C 195 -15.15 48.31 22.26
N THR C 196 -14.57 48.73 21.14
CA THR C 196 -14.46 50.16 20.81
C THR C 196 -15.00 50.36 19.40
N GLN C 197 -14.91 51.61 18.92
CA GLN C 197 -15.32 51.82 17.56
C GLN C 197 -14.38 51.19 16.55
N LYS C 198 -13.15 50.87 16.93
CA LYS C 198 -12.25 50.16 16.03
C LYS C 198 -12.43 48.65 16.05
N THR C 199 -13.18 48.10 17.01
CA THR C 199 -13.32 46.63 17.05
C THR C 199 -14.02 46.13 15.79
N LYS C 200 -13.44 45.13 15.16
CA LYS C 200 -14.09 44.51 14.00
C LYS C 200 -14.28 43.01 14.13
N CYS C 201 -13.66 42.37 15.11
CA CYS C 201 -13.70 40.92 15.12
C CYS C 201 -13.42 40.46 16.53
N ILE C 202 -14.04 39.35 16.91
CA ILE C 202 -13.71 38.63 18.13
C ILE C 202 -13.08 37.35 17.65
N LEU C 203 -11.89 37.04 18.20
CA LEU C 203 -11.06 35.89 17.84
C LEU C 203 -10.90 34.98 19.06
N PRO C 204 -11.94 34.20 19.40
CA PRO C 204 -11.80 33.24 20.49
C PRO C 204 -10.90 32.10 20.05
N VAL C 205 -10.19 31.50 21.01
CA VAL C 205 -9.34 30.33 20.73
C VAL C 205 -9.87 29.14 21.50
N HIS C 206 -10.10 28.03 20.80
CA HIS C 206 -10.50 26.79 21.47
C HIS C 206 -9.26 26.06 21.97
N LEU C 207 -8.73 26.61 23.04
CA LEU C 207 -7.39 26.26 23.45
C LEU C 207 -7.34 24.84 24.05
N TYR C 208 -6.29 24.14 23.70
CA TYR C 208 -5.99 22.76 24.17
C TYR C 208 -6.98 21.73 23.65
N GLY C 209 -7.85 22.11 22.76
CA GLY C 209 -8.89 21.19 22.29
C GLY C 209 -10.26 21.41 22.89
N LYS C 210 -10.41 22.37 23.78
CA LYS C 210 -11.68 22.63 24.43
C LYS C 210 -12.37 23.81 23.79
N GLN C 211 -13.68 23.73 23.57
CA GLN C 211 -14.34 24.87 22.94
C GLN C 211 -14.68 26.00 23.91
N CYS C 212 -14.57 27.25 23.41
CA CYS C 212 -15.08 28.42 24.13
C CYS C 212 -16.60 28.39 24.18
N ASP C 213 -17.18 29.27 25.02
CA ASP C 213 -18.64 29.41 25.14
C ASP C 213 -19.14 30.31 24.01
N MET C 214 -19.34 29.70 22.87
CA MET C 214 -19.59 30.46 21.65
C MET C 214 -21.00 31.04 21.60
N LYS C 215 -21.98 30.36 22.19
CA LYS C 215 -23.33 30.92 22.19
C LYS C 215 -23.35 32.30 22.83
N ARG C 216 -22.66 32.46 23.95
CA ARG C 216 -22.63 33.74 24.63
C ARG C 216 -21.82 34.77 23.86
N ILE C 217 -20.69 34.34 23.29
CA ILE C 217 -19.88 35.28 22.50
C ILE C 217 -20.67 35.76 21.29
N ARG C 218 -21.48 34.89 20.69
CA ARG C 218 -22.27 35.30 19.54
C ARG C 218 -23.35 36.31 19.94
N GLU C 219 -23.92 36.15 21.13
CA GLU C 219 -24.88 37.12 21.61
C GLU C 219 -24.29 38.53 21.64
N ILE C 220 -23.09 38.67 22.21
CA ILE C 220 -22.41 39.96 22.24
C ILE C 220 -22.06 40.42 20.83
N ALA C 221 -21.53 39.52 20.00
CA ALA C 221 -21.13 39.92 18.65
C ALA C 221 -22.29 40.49 17.86
N ASP C 222 -23.47 39.86 17.96
CA ASP C 222 -24.63 40.38 17.25
C ASP C 222 -25.06 41.75 17.76
N VAL C 223 -24.90 42.03 19.06
CA VAL C 223 -25.32 43.34 19.58
C VAL C 223 -24.46 44.44 18.95
N TYR C 224 -23.18 44.15 18.74
CA TYR C 224 -22.22 45.13 18.28
C TYR C 224 -21.88 44.95 16.81
N GLN C 225 -22.63 44.08 16.13
CA GLN C 225 -22.43 43.76 14.71
C GLN C 225 -20.97 43.42 14.38
N LEU C 226 -20.38 42.53 15.18
CA LEU C 226 -19.01 42.10 14.99
C LEU C 226 -18.96 40.74 14.35
N ARG C 227 -17.88 40.48 13.59
CA ARG C 227 -17.64 39.12 13.13
C ARG C 227 -16.99 38.29 14.22
N ILE C 228 -17.15 36.97 14.11
CA ILE C 228 -16.40 36.01 14.93
C ILE C 228 -15.59 35.12 14.00
N ILE C 229 -14.27 35.08 14.19
CA ILE C 229 -13.41 34.09 13.54
C ILE C 229 -12.86 33.20 14.65
N GLU C 230 -13.10 31.90 14.55
CA GLU C 230 -12.72 31.02 15.64
C GLU C 230 -11.38 30.38 15.33
N ASP C 231 -10.41 30.48 16.25
CA ASP C 231 -9.17 29.74 16.12
C ASP C 231 -9.43 28.35 16.68
N ALA C 232 -9.76 27.42 15.77
CA ALA C 232 -9.96 26.02 16.11
C ALA C 232 -8.78 25.15 15.70
N CYS C 233 -7.58 25.73 15.68
CA CYS C 233 -6.42 25.01 15.18
C CYS C 233 -6.10 23.81 16.05
N GLN C 234 -6.59 23.78 17.31
CA GLN C 234 -6.33 22.63 18.17
C GLN C 234 -7.56 21.74 18.38
N ALA C 235 -8.67 22.01 17.70
CA ALA C 235 -9.96 21.46 18.14
C ALA C 235 -10.65 20.61 17.08
N ILE C 236 -9.92 20.10 16.08
CA ILE C 236 -10.58 19.28 15.04
C ILE C 236 -11.29 18.08 15.67
N GLY C 237 -12.51 17.83 15.25
CA GLY C 237 -13.30 16.73 15.80
C GLY C 237 -14.23 17.14 16.92
N SER C 238 -14.09 18.36 17.47
CA SER C 238 -14.99 18.80 18.53
C SER C 238 -16.43 18.93 18.03
N SER C 239 -17.40 18.29 18.72
CA SER C 239 -18.75 18.27 18.19
C SER C 239 -19.32 19.69 18.09
N ASN C 240 -20.00 19.96 16.99
CA ASN C 240 -20.72 21.21 16.74
C ASN C 240 -19.79 22.39 16.60
N LEU C 241 -18.53 22.15 16.24
CA LEU C 241 -17.57 23.22 16.05
C LEU C 241 -18.07 24.21 15.02
N GLY C 242 -18.04 25.49 15.37
CA GLY C 242 -18.33 26.52 14.39
C GLY C 242 -19.78 26.93 14.27
N GLU C 243 -20.68 26.37 15.11
CA GLU C 243 -22.10 26.65 14.97
C GLU C 243 -22.39 28.15 14.96
N TYR C 244 -21.63 28.93 15.73
CA TYR C 244 -21.93 30.33 15.91
C TYR C 244 -20.89 31.27 15.29
N GLY C 245 -19.85 30.75 14.62
CA GLY C 245 -18.79 31.57 14.08
C GLY C 245 -19.04 31.92 12.61
N ASP C 246 -18.56 33.08 12.20
CA ASP C 246 -18.58 33.40 10.76
C ASP C 246 -17.60 32.51 10.01
N ILE C 247 -16.39 32.40 10.52
CA ILE C 247 -15.34 31.60 9.89
C ILE C 247 -14.66 30.80 10.98
N ILE C 248 -14.31 29.55 10.65
CA ILE C 248 -13.55 28.66 11.55
C ILE C 248 -12.19 28.36 10.91
N ILE C 249 -11.13 28.48 11.69
CA ILE C 249 -9.77 28.22 11.23
C ILE C 249 -9.32 26.88 11.76
N LEU C 250 -8.78 26.05 10.89
CA LEU C 250 -8.19 24.78 11.29
C LEU C 250 -6.71 24.80 10.96
N SER C 251 -5.91 24.03 11.69
CA SER C 251 -4.51 23.77 11.35
C SER C 251 -4.37 22.27 11.13
N PHE C 252 -3.64 21.89 10.08
CA PHE C 252 -3.27 20.47 9.94
C PHE C 252 -1.77 20.29 10.16
N ASN C 253 -1.14 21.09 11.03
N ASN C 253 -1.15 21.12 11.02
CA ASN C 253 0.29 20.89 11.22
CA ASN C 253 0.24 20.97 11.45
C ASN C 253 0.49 19.52 11.86
C ASN C 253 0.48 19.53 11.90
N PRO C 254 1.70 18.97 11.72
CA PRO C 254 1.91 17.53 12.02
C PRO C 254 1.69 17.18 13.46
N TYR C 255 1.74 18.16 14.38
N TYR C 255 1.70 18.13 14.35
CA TYR C 255 1.54 17.96 15.83
CA TYR C 255 1.57 17.76 15.75
C TYR C 255 0.07 17.83 16.19
C TYR C 255 0.15 18.05 16.27
N LYS C 256 -0.80 18.32 15.33
CA LYS C 256 -2.21 18.45 15.71
C LYS C 256 -2.89 17.08 15.78
N ASN C 257 -4.13 17.10 16.31
CA ASN C 257 -4.84 15.83 16.46
C ASN C 257 -4.99 15.11 15.12
N PHE C 258 -5.04 15.88 14.03
CA PHE C 258 -4.96 15.40 12.67
C PHE C 258 -3.96 16.33 11.99
N GLY C 259 -2.94 15.75 11.36
CA GLY C 259 -2.00 16.59 10.63
C GLY C 259 -1.57 15.94 9.34
N VAL C 260 -0.96 16.77 8.47
CA VAL C 260 -0.33 16.30 7.24
C VAL C 260 1.16 16.07 7.53
N CYS C 261 2.01 16.06 6.50
CA CYS C 261 3.45 15.82 6.70
C CYS C 261 4.20 17.06 6.25
N GLY C 262 3.84 18.16 6.89
CA GLY C 262 4.26 19.49 6.50
C GLY C 262 3.22 20.45 7.03
N LYS C 263 3.22 21.67 6.47
CA LYS C 263 2.26 22.63 6.94
C LYS C 263 1.03 22.68 6.04
N ALA C 264 -0.12 22.91 6.67
CA ALA C 264 -1.40 23.05 6.03
C ALA C 264 -2.43 23.53 7.05
N GLY C 265 -3.53 24.00 6.52
CA GLY C 265 -4.65 24.37 7.36
C GLY C 265 -5.90 24.55 6.52
N ALA C 266 -6.91 25.20 7.11
CA ALA C 266 -8.12 25.45 6.32
C ALA C 266 -8.96 26.56 6.92
N ILE C 267 -9.70 27.18 6.01
CA ILE C 267 -10.73 28.17 6.29
C ILE C 267 -12.08 27.52 6.03
N VAL C 268 -13.01 27.56 7.01
CA VAL C 268 -14.30 26.91 6.86
C VAL C 268 -15.41 27.90 7.13
N THR C 269 -16.42 27.95 6.24
CA THR C 269 -17.45 28.97 6.44
C THR C 269 -18.69 28.57 5.67
N ASN C 270 -19.84 29.07 6.13
CA ASN C 270 -21.06 28.97 5.34
C ASN C 270 -21.32 30.20 4.48
N ASN C 271 -20.48 31.23 4.60
CA ASN C 271 -20.74 32.54 4.00
C ASN C 271 -20.02 32.57 2.66
N GLU C 272 -20.80 32.51 1.57
CA GLU C 272 -20.19 32.45 0.24
C GLU C 272 -19.35 33.67 -0.07
N ASN C 273 -19.83 34.86 0.32
CA ASN C 273 -19.05 36.06 0.05
C ASN C 273 -17.68 36.00 0.72
N LEU C 274 -17.67 35.60 2.00
CA LEU C 274 -16.40 35.48 2.68
C LEU C 274 -15.54 34.40 2.04
N ALA C 275 -16.16 33.27 1.69
CA ALA C 275 -15.42 32.16 1.11
C ALA C 275 -14.76 32.57 -0.22
N ILE C 276 -15.48 33.31 -1.08
CA ILE C 276 -14.87 33.75 -2.34
C ILE C 276 -13.68 34.65 -2.06
N ARG C 277 -13.84 35.64 -1.18
CA ARG C 277 -12.71 36.52 -0.85
C ARG C 277 -11.54 35.74 -0.27
N CYS C 278 -11.83 34.72 0.56
CA CYS C 278 -10.75 33.90 1.10
C CYS C 278 -9.99 33.20 -0.01
N ASN C 279 -10.73 32.64 -0.97
CA ASN C 279 -10.13 31.97 -2.11
C ASN C 279 -9.28 32.95 -2.90
N GLN C 280 -9.79 34.16 -3.10
CA GLN C 280 -9.04 35.17 -3.86
C GLN C 280 -7.79 35.62 -3.11
N TYR C 281 -7.93 35.97 -1.82
CA TYR C 281 -6.75 36.40 -1.06
C TYR C 281 -5.73 35.28 -0.88
N SER C 282 -6.18 34.01 -0.85
CA SER C 282 -5.21 32.94 -0.64
C SER C 282 -4.41 32.67 -1.90
N TYR C 283 -4.74 33.33 -3.03
CA TYR C 283 -3.96 33.04 -4.24
C TYR C 283 -3.86 34.37 -5.04
N HIS C 284 -3.06 35.27 -4.48
CA HIS C 284 -2.55 36.47 -5.14
C HIS C 284 -3.60 37.50 -5.49
N GLY C 285 -4.82 37.34 -4.98
CA GLY C 285 -5.85 38.27 -5.32
C GLY C 285 -6.49 37.97 -6.66
N PHE C 286 -6.14 36.87 -7.27
CA PHE C 286 -6.72 36.54 -8.57
C PHE C 286 -8.20 36.15 -8.42
N GLU C 287 -8.99 36.42 -9.47
CA GLU C 287 -10.33 35.86 -9.56
C GLU C 287 -10.19 34.34 -9.53
N VAL C 288 -11.17 33.70 -8.91
CA VAL C 288 -11.22 32.24 -8.81
C VAL C 288 -11.06 31.61 -10.20
N ASP C 289 -10.04 30.76 -10.36
CA ASP C 289 -9.69 30.04 -11.58
C ASP C 289 -9.21 30.96 -12.71
N LYS C 290 -8.78 32.17 -12.41
CA LYS C 290 -8.27 33.11 -13.41
C LYS C 290 -6.87 33.55 -12.98
N LYS C 291 -5.91 32.64 -13.10
CA LYS C 291 -4.53 32.96 -12.79
C LYS C 291 -4.10 34.22 -13.57
N ASN C 292 -3.35 35.09 -12.89
CA ASN C 292 -2.75 36.31 -13.39
C ASN C 292 -3.73 37.47 -13.51
N LYS C 293 -5.01 37.30 -13.20
CA LYS C 293 -6.00 38.36 -13.30
C LYS C 293 -6.50 38.73 -11.90
N LYS C 294 -5.97 39.81 -11.33
CA LYS C 294 -6.36 40.18 -9.98
C LYS C 294 -7.75 40.83 -9.97
N VAL C 295 -8.55 40.48 -8.96
CA VAL C 295 -9.76 41.21 -8.63
C VAL C 295 -9.64 41.92 -7.30
N LEU C 296 -8.95 41.33 -6.33
CA LEU C 296 -8.63 42.01 -5.09
C LEU C 296 -7.27 42.69 -5.21
N ASP C 297 -6.99 43.61 -4.30
CA ASP C 297 -5.84 44.48 -4.52
C ASP C 297 -4.50 43.74 -4.48
N PHE C 298 -4.42 42.66 -3.70
CA PHE C 298 -3.23 41.86 -3.55
C PHE C 298 -3.67 40.56 -2.93
N GLY C 299 -2.75 39.62 -2.84
CA GLY C 299 -3.03 38.40 -2.10
C GLY C 299 -1.74 37.70 -1.78
N PHE C 300 -1.88 36.47 -1.28
CA PHE C 300 -0.82 35.65 -0.74
C PHE C 300 -0.66 34.41 -1.59
N ASN C 301 0.35 33.63 -1.27
CA ASN C 301 0.48 32.33 -1.96
C ASN C 301 0.26 31.23 -0.93
N SER C 302 -1.02 31.02 -0.55
CA SER C 302 -1.39 30.37 0.73
C SER C 302 -2.44 29.27 0.57
N LYS C 303 -2.60 28.72 -0.63
CA LYS C 303 -3.39 27.48 -0.72
C LYS C 303 -2.57 26.28 -0.25
N ILE C 304 -3.27 25.21 0.13
CA ILE C 304 -2.58 23.96 0.42
C ILE C 304 -1.85 23.44 -0.81
N ASP C 305 -0.75 22.71 -0.56
CA ASP C 305 -0.11 21.86 -1.59
C ASP C 305 -0.98 20.64 -1.88
N ASN C 306 -1.24 20.36 -3.17
CA ASN C 306 -2.01 19.17 -3.57
C ASN C 306 -1.39 17.91 -2.96
N LEU C 307 -0.06 17.86 -2.92
CA LEU C 307 0.61 16.70 -2.33
C LEU C 307 0.28 16.56 -0.87
N GLN C 308 0.29 17.68 -0.10
CA GLN C 308 -0.07 17.57 1.31
C GLN C 308 -1.55 17.24 1.48
N ALA C 309 -2.39 17.70 0.56
CA ALA C 309 -3.80 17.34 0.64
C ALA C 309 -3.96 15.82 0.46
N ALA C 310 -3.18 15.24 -0.47
CA ALA C 310 -3.21 13.79 -0.69
C ALA C 310 -2.76 13.08 0.59
N ILE C 311 -1.70 13.58 1.22
CA ILE C 311 -1.24 12.99 2.49
C ILE C 311 -2.32 13.13 3.55
N GLY C 312 -2.96 14.30 3.58
CA GLY C 312 -4.04 14.58 4.52
C GLY C 312 -5.20 13.60 4.38
N LEU C 313 -5.56 13.26 3.14
CA LEU C 313 -6.64 12.29 2.94
C LEU C 313 -6.27 10.91 3.46
N GLU C 314 -4.97 10.56 3.48
CA GLU C 314 -4.57 9.29 4.10
C GLU C 314 -4.51 9.40 5.62
N ARG C 315 -3.92 10.47 6.15
CA ARG C 315 -3.77 10.54 7.62
C ARG C 315 -5.09 10.82 8.35
N ILE C 316 -6.04 11.53 7.72
CA ILE C 316 -7.30 11.78 8.40
C ILE C 316 -8.06 10.47 8.66
N LYS C 317 -7.70 9.38 7.99
CA LYS C 317 -8.37 8.11 8.30
C LYS C 317 -8.28 7.79 9.77
N PHE C 318 -7.22 8.28 10.43
CA PHE C 318 -6.98 7.91 11.83
C PHE C 318 -7.60 8.86 12.83
N LEU C 319 -8.28 9.92 12.37
CA LEU C 319 -8.66 11.00 13.30
C LEU C 319 -9.59 10.53 14.40
N SER C 320 -10.72 9.92 14.05
CA SER C 320 -11.67 9.62 15.14
C SER C 320 -11.07 8.59 16.11
N TYR C 321 -10.33 7.60 15.57
CA TYR C 321 -9.69 6.59 16.41
C TYR C 321 -8.65 7.24 17.34
N ASN C 322 -7.79 8.10 16.78
CA ASN C 322 -6.79 8.72 17.64
C ASN C 322 -7.41 9.66 18.65
N ASN C 323 -8.52 10.33 18.26
CA ASN C 323 -9.24 11.16 19.22
C ASN C 323 -9.86 10.32 20.32
N LEU C 324 -10.31 9.11 19.97
CA LEU C 324 -10.86 8.23 21.00
C LEU C 324 -9.78 7.80 21.98
N LYS C 325 -8.57 7.47 21.49
CA LYS C 325 -7.46 7.15 22.39
C LYS C 325 -7.10 8.32 23.29
N ARG C 326 -7.10 9.54 22.74
CA ARG C 326 -6.86 10.73 23.56
C ARG C 326 -7.86 10.86 24.70
N VAL C 327 -9.17 10.69 24.43
CA VAL C 327 -10.15 10.88 25.51
C VAL C 327 -10.00 9.79 26.57
N PHE C 328 -9.67 8.56 26.14
CA PHE C 328 -9.37 7.52 27.10
C PHE C 328 -8.21 7.92 28.00
N LEU C 329 -7.12 8.43 27.41
CA LEU C 329 -5.98 8.84 28.22
C LEU C 329 -6.35 9.99 29.15
N ALA C 330 -7.13 10.95 28.66
CA ALA C 330 -7.53 12.08 29.50
C ALA C 330 -8.33 11.61 30.69
N GLN C 331 -9.35 10.81 30.42
CA GLN C 331 -10.15 10.24 31.49
C GLN C 331 -9.27 9.48 32.50
N ARG C 332 -8.27 8.76 32.02
CA ARG C 332 -7.43 7.96 32.91
C ARG C 332 -6.58 8.86 33.80
N TYR C 333 -6.05 9.96 33.27
CA TYR C 333 -5.40 10.96 34.11
C TYR C 333 -6.36 11.51 35.15
N ILE C 334 -7.56 11.94 34.74
CA ILE C 334 -8.52 12.53 35.68
C ILE C 334 -8.84 11.54 36.80
N ARG C 335 -9.14 10.29 36.44
CA ARG C 335 -9.55 9.32 37.45
C ARG C 335 -8.41 8.99 38.40
N ASN C 336 -7.18 8.90 37.87
CA ASN C 336 -6.08 8.38 38.69
C ASN C 336 -5.39 9.47 39.50
N LEU C 337 -5.57 10.75 39.16
CA LEU C 337 -5.03 11.88 39.90
C LEU C 337 -6.03 12.47 40.89
N LYS C 338 -7.21 11.85 41.06
CA LYS C 338 -8.29 12.46 41.81
C LYS C 338 -7.87 12.76 43.25
N GLU C 339 -7.05 11.89 43.84
CA GLU C 339 -6.61 12.02 45.22
C GLU C 339 -5.82 13.30 45.43
N LEU C 340 -5.00 13.68 44.43
CA LEU C 340 -4.19 14.90 44.53
C LEU C 340 -5.04 16.16 44.51
N GLU C 341 -6.18 16.15 43.80
CA GLU C 341 -7.12 17.25 43.84
C GLU C 341 -7.96 17.23 45.13
N ASP C 342 -8.32 16.05 45.61
CA ASP C 342 -8.98 15.96 46.93
C ASP C 342 -8.13 16.61 48.02
N ARG C 343 -6.81 16.42 47.95
CA ARG C 343 -5.87 16.96 48.92
C ARG C 343 -5.52 18.43 48.65
N GLU C 344 -6.20 19.03 47.66
CA GLU C 344 -6.01 20.44 47.35
C GLU C 344 -4.57 20.74 46.93
N LEU C 345 -3.95 19.82 46.19
CA LEU C 345 -2.64 20.10 45.62
C LEU C 345 -2.72 20.49 44.16
N ILE C 346 -3.73 20.01 43.44
CA ILE C 346 -3.86 20.29 42.01
C ILE C 346 -5.33 20.57 41.70
N LYS C 347 -5.55 21.15 40.53
CA LYS C 347 -6.89 21.18 39.94
C LYS C 347 -6.81 20.45 38.61
N LEU C 348 -7.78 19.57 38.38
CA LEU C 348 -7.81 18.75 37.18
C LEU C 348 -8.86 19.26 36.22
N PRO C 349 -8.74 18.97 34.92
CA PRO C 349 -9.86 19.25 34.03
C PRO C 349 -11.01 18.27 34.24
N ARG C 350 -12.18 18.65 33.76
CA ARG C 350 -13.32 17.75 33.79
C ARG C 350 -13.57 17.15 32.41
N MET C 351 -14.21 16.00 32.41
CA MET C 351 -14.61 15.41 31.12
C MET C 351 -15.78 16.21 30.56
N THR C 352 -15.67 16.71 29.34
CA THR C 352 -16.82 17.32 28.69
C THR C 352 -16.94 16.75 27.27
N GLU C 353 -18.12 16.89 26.67
CA GLU C 353 -18.33 16.25 25.39
C GLU C 353 -17.64 16.97 24.24
N ASP C 354 -17.20 18.21 24.44
CA ASP C 354 -16.60 18.96 23.34
C ASP C 354 -15.08 18.85 23.27
N ASN C 355 -14.41 18.43 24.34
CA ASN C 355 -12.95 18.49 24.37
C ASN C 355 -12.36 17.36 23.50
N VAL C 356 -11.41 17.71 22.62
CA VAL C 356 -10.69 16.66 21.90
C VAL C 356 -9.31 16.42 22.48
N TRP C 357 -8.96 17.09 23.60
CA TRP C 357 -7.75 16.72 24.35
C TRP C 357 -6.51 16.75 23.46
N HIS C 358 -6.32 17.88 22.78
CA HIS C 358 -5.06 18.10 22.10
C HIS C 358 -3.93 18.24 23.13
N LEU C 359 -4.19 18.98 24.20
CA LEU C 359 -3.23 19.07 25.30
C LEU C 359 -4.00 18.87 26.59
N PHE C 360 -3.29 18.39 27.63
CA PHE C 360 -3.92 18.01 28.90
C PHE C 360 -3.40 18.93 30.00
N PRO C 361 -4.10 19.99 30.34
CA PRO C 361 -3.63 20.86 31.41
C PRO C 361 -4.09 20.45 32.78
N ILE C 362 -3.18 20.62 33.73
CA ILE C 362 -3.54 20.63 35.15
C ILE C 362 -3.05 21.94 35.75
N ARG C 363 -3.55 22.26 36.96
CA ARG C 363 -3.03 23.40 37.68
C ARG C 363 -2.39 22.91 38.97
N ILE C 364 -1.14 23.30 39.21
CA ILE C 364 -0.44 23.02 40.47
C ILE C 364 -0.58 24.28 41.31
N ILE C 365 -1.29 24.19 42.44
CA ILE C 365 -1.56 25.44 43.17
C ILE C 365 -0.59 25.62 44.33
N ASN C 366 -0.81 26.65 45.16
CA ASN C 366 0.07 26.94 46.30
C ASN C 366 1.51 27.23 45.85
N GLY C 367 1.64 27.77 44.64
CA GLY C 367 2.91 28.14 44.07
C GLY C 367 3.88 27.02 43.77
N ARG C 368 3.41 25.77 43.75
CA ARG C 368 4.30 24.63 43.63
C ARG C 368 4.58 24.21 42.18
N ARG C 369 4.15 24.98 41.18
CA ARG C 369 4.21 24.44 39.82
C ARG C 369 5.64 24.21 39.36
N ASP C 370 6.51 25.20 39.52
CA ASP C 370 7.89 25.05 39.05
C ASP C 370 8.61 23.92 39.77
N GLU C 371 8.45 23.83 41.09
CA GLU C 371 9.13 22.75 41.82
C GLU C 371 8.64 21.39 41.33
N VAL C 372 7.34 21.26 41.06
CA VAL C 372 6.80 19.97 40.59
C VAL C 372 7.31 19.66 39.20
N LYS C 373 7.26 20.65 38.29
CA LYS C 373 7.75 20.43 36.93
C LYS C 373 9.23 20.05 36.93
N ASN C 374 10.06 20.81 37.65
CA ASN C 374 11.49 20.51 37.71
C ASN C 374 11.80 19.19 38.39
N LYS C 375 11.15 18.88 39.54
CA LYS C 375 11.44 17.60 40.15
C LYS C 375 10.98 16.47 39.25
N LEU C 376 9.87 16.66 38.52
CA LEU C 376 9.35 15.57 37.69
C LEU C 376 10.41 15.18 36.67
N TYR C 377 11.12 16.18 36.13
CA TYR C 377 12.13 15.89 35.12
C TYR C 377 13.40 15.39 35.77
N GLN C 378 13.90 16.13 36.77
CA GLN C 378 15.20 15.85 37.36
C GLN C 378 15.19 14.58 38.19
N LEU C 379 14.15 14.40 39.00
CA LEU C 379 14.07 13.24 39.88
C LEU C 379 13.43 12.04 39.21
N TYR C 380 12.41 12.23 38.35
CA TYR C 380 11.55 11.14 37.91
C TYR C 380 11.68 10.88 36.41
N ASN C 381 12.50 11.68 35.71
CA ASN C 381 12.78 11.50 34.27
C ASN C 381 11.49 11.64 33.47
N ILE C 382 10.62 12.57 33.89
CA ILE C 382 9.38 12.86 33.17
C ILE C 382 9.43 14.28 32.64
N GLU C 383 9.30 14.42 31.32
CA GLU C 383 9.10 15.72 30.69
C GLU C 383 7.65 16.14 30.83
N THR C 384 7.44 17.36 31.34
CA THR C 384 6.17 18.07 31.19
C THR C 384 6.48 19.43 30.58
N ASP C 385 5.45 20.13 30.09
CA ASP C 385 5.73 21.40 29.41
C ASP C 385 4.64 22.39 29.77
N ILE C 386 4.88 23.67 29.42
CA ILE C 386 3.92 24.74 29.67
C ILE C 386 3.55 25.32 28.33
N TYR C 387 2.35 25.03 27.86
CA TYR C 387 1.90 25.62 26.58
C TYR C 387 1.04 26.81 26.99
N TYR C 388 1.55 28.05 26.94
CA TYR C 388 2.82 28.50 26.37
C TYR C 388 3.59 29.30 27.42
N PRO C 389 4.91 29.38 27.28
CA PRO C 389 5.72 29.88 28.41
C PRO C 389 5.64 31.38 28.65
N VAL C 390 5.25 32.17 27.64
CA VAL C 390 5.22 33.62 27.77
C VAL C 390 3.87 34.10 27.27
N LEU C 391 3.17 34.92 28.09
CA LEU C 391 1.88 35.43 27.63
C LEU C 391 2.09 36.56 26.61
N SER C 392 1.04 36.83 25.85
CA SER C 392 1.18 37.73 24.71
C SER C 392 1.68 39.11 25.11
N HIS C 393 1.24 39.61 26.27
CA HIS C 393 1.58 40.97 26.66
C HIS C 393 2.88 41.01 27.45
N LYS C 394 3.69 39.95 27.40
CA LYS C 394 4.88 39.85 28.24
C LYS C 394 6.16 39.49 27.46
N HIS C 395 6.12 39.44 26.12
CA HIS C 395 7.36 39.34 25.35
C HIS C 395 8.14 40.64 25.40
N ASN C 396 9.49 40.53 25.31
CA ASN C 396 10.36 41.69 25.18
C ASN C 396 10.43 42.06 23.71
N THR C 397 9.34 42.62 23.22
CA THR C 397 9.37 43.18 21.87
C THR C 397 9.02 44.65 21.92
N LYS C 398 9.43 45.39 20.87
CA LYS C 398 9.02 46.79 20.83
C LYS C 398 7.52 46.92 20.91
N LEU C 399 6.78 46.03 20.23
CA LEU C 399 5.33 46.16 20.21
C LEU C 399 4.76 46.11 21.63
N VAL C 400 5.23 45.14 22.42
CA VAL C 400 4.71 44.98 23.79
C VAL C 400 5.11 46.17 24.63
N LYS C 401 6.39 46.58 24.52
CA LYS C 401 6.89 47.70 25.30
C LYS C 401 6.20 49.02 24.92
N LYS C 402 5.70 49.15 23.66
CA LYS C 402 5.00 50.37 23.26
C LYS C 402 3.50 50.35 23.52
N ASN C 403 2.87 49.17 23.62
CA ASN C 403 1.41 49.08 23.55
C ASN C 403 0.72 48.30 24.66
N TYR C 404 1.42 47.36 25.28
CA TYR C 404 0.73 46.43 26.18
C TYR C 404 1.25 46.51 27.60
N MET C 405 1.97 47.56 27.93
CA MET C 405 2.59 47.58 29.25
C MET C 405 1.59 47.87 30.36
N GLN C 406 0.41 48.40 30.02
CA GLN C 406 -0.60 48.68 31.04
C GLN C 406 -1.66 47.58 31.10
N ASP C 407 -1.56 46.56 30.24
CA ASP C 407 -2.53 45.49 30.24
C ASP C 407 -2.39 44.68 31.51
N THR C 408 -3.51 44.45 32.19
CA THR C 408 -3.51 43.54 33.33
C THR C 408 -4.60 42.52 33.09
N LEU C 409 -4.21 41.26 33.05
CA LEU C 409 -5.08 40.13 32.74
C LEU C 409 -4.96 39.19 33.94
N LEU C 410 -5.74 39.47 35.00
CA LEU C 410 -5.45 38.92 36.31
C LEU C 410 -5.58 37.40 36.32
N ASN C 411 -6.68 36.86 35.74
CA ASN C 411 -6.88 35.41 35.70
C ASN C 411 -5.85 34.75 34.81
N THR C 412 -5.62 35.32 33.62
CA THR C 412 -4.64 34.75 32.70
C THR C 412 -3.28 34.65 33.37
N GLU C 413 -2.85 35.73 34.04
CA GLU C 413 -1.54 35.74 34.70
C GLU C 413 -1.49 34.78 35.87
N GLN C 414 -2.57 34.67 36.64
CA GLN C 414 -2.55 33.74 37.78
C GLN C 414 -2.55 32.30 37.28
N VAL C 415 -3.45 31.97 36.35
CA VAL C 415 -3.46 30.59 35.83
C VAL C 415 -2.11 30.26 35.20
N HIS C 416 -1.44 31.24 34.56
CA HIS C 416 -0.14 30.99 33.95
C HIS C 416 0.93 30.54 34.95
N LYS C 417 0.85 31.01 36.20
CA LYS C 417 1.76 30.56 37.26
C LYS C 417 1.50 29.12 37.70
N GLU C 418 0.34 28.54 37.34
CA GLU C 418 -0.08 27.24 37.88
C GLU C 418 -0.19 26.15 36.84
N ILE C 419 -0.33 26.49 35.57
CA ILE C 419 -0.61 25.45 34.58
C ILE C 419 0.59 24.57 34.29
N LEU C 420 0.31 23.30 33.99
CA LEU C 420 1.29 22.30 33.62
C LEU C 420 0.59 21.31 32.69
N HIS C 421 1.21 20.99 31.55
CA HIS C 421 0.66 20.01 30.64
C HIS C 421 1.37 18.67 30.80
N LEU C 422 0.59 17.62 30.84
CA LEU C 422 1.05 16.24 30.97
C LEU C 422 1.09 15.55 29.61
N PRO C 423 2.09 14.68 29.39
CA PRO C 423 2.18 14.01 28.09
C PRO C 423 0.87 13.30 27.77
N LEU C 424 0.39 13.56 26.55
CA LEU C 424 -0.83 12.93 26.07
C LEU C 424 -0.77 12.94 24.54
N HIS C 425 -0.54 11.76 23.98
CA HIS C 425 -0.58 11.64 22.54
C HIS C 425 -1.05 10.22 22.22
N PRO C 426 -1.74 10.04 21.11
CA PRO C 426 -2.53 8.80 20.94
C PRO C 426 -1.68 7.54 20.85
N ASN C 427 -0.41 7.64 20.48
CA ASN C 427 0.39 6.42 20.45
C ASN C 427 1.17 6.21 21.74
N MET C 428 0.84 6.92 22.80
CA MET C 428 1.60 6.60 24.00
C MET C 428 1.11 5.28 24.59
N LEU C 429 1.98 4.63 25.35
CA LEU C 429 1.58 3.40 26.01
C LEU C 429 0.90 3.71 27.33
N LEU C 430 0.00 2.81 27.74
CA LEU C 430 -0.51 2.92 29.10
C LEU C 430 0.59 2.71 30.12
N GLU C 431 1.64 1.95 29.77
CA GLU C 431 2.80 1.83 30.65
C GLU C 431 3.49 3.18 30.84
N GLU C 432 3.56 3.96 29.75
CA GLU C 432 4.11 5.31 29.84
C GLU C 432 3.24 6.21 30.69
N GLN C 433 1.92 6.16 30.48
CA GLN C 433 1.05 6.98 31.30
C GLN C 433 1.14 6.58 32.78
N ASN C 434 1.25 5.29 33.08
CA ASN C 434 1.45 4.87 34.47
C ASN C 434 2.74 5.45 35.05
N PHE C 435 3.79 5.54 34.22
CA PHE C 435 5.04 6.12 34.70
C PHE C 435 4.87 7.59 35.05
N VAL C 436 4.18 8.36 34.21
CA VAL C 436 3.84 9.74 34.56
C VAL C 436 3.00 9.77 35.83
N LEU C 437 1.96 8.95 35.89
CA LEU C 437 1.11 8.93 37.10
C LEU C 437 1.89 8.66 38.38
N GLU C 438 2.79 7.68 38.38
CA GLU C 438 3.54 7.37 39.60
C GLU C 438 4.44 8.55 40.00
N GLY C 439 5.02 9.24 39.01
CA GLY C 439 5.87 10.39 39.31
C GLY C 439 5.08 11.53 39.92
N LEU C 440 3.89 11.79 39.39
CA LEU C 440 3.04 12.86 39.91
C LEU C 440 2.57 12.55 41.32
N ILE C 441 2.21 11.29 41.57
CA ILE C 441 1.83 10.91 42.92
C ILE C 441 3.02 11.08 43.85
N ASN C 442 4.18 10.56 43.43
CA ASN C 442 5.34 10.50 44.34
C ASN C 442 5.86 11.89 44.66
N VAL C 443 5.81 12.82 43.67
CA VAL C 443 6.34 14.15 43.89
C VAL C 443 5.39 14.98 44.73
N ASN C 444 4.15 14.51 44.92
CA ASN C 444 3.19 15.21 45.75
C ASN C 444 2.85 14.48 47.05
N LYS C 445 3.71 13.58 47.50
CA LYS C 445 3.53 12.99 48.81
C LYS C 445 3.37 14.08 49.87
N THR D 7 42.57 24.83 -21.30
CA THR D 7 42.33 23.58 -22.01
C THR D 7 41.31 22.73 -21.25
N LEU D 8 40.95 23.16 -20.03
CA LEU D 8 40.03 22.38 -19.21
C LEU D 8 39.07 23.31 -18.48
N THR D 9 37.77 23.05 -18.66
CA THR D 9 36.70 23.75 -17.95
C THR D 9 36.06 22.76 -16.97
N THR D 10 35.91 23.17 -15.71
CA THR D 10 35.16 22.39 -14.74
C THR D 10 33.75 22.96 -14.73
N ILE D 11 32.79 22.16 -15.17
CA ILE D 11 31.38 22.56 -15.21
C ILE D 11 30.88 22.77 -13.79
N SER D 12 30.46 24.01 -13.49
CA SER D 12 29.97 24.38 -12.18
C SER D 12 28.47 24.22 -12.03
N GLY D 13 27.77 23.91 -13.12
CA GLY D 13 26.33 23.76 -13.11
C GLY D 13 25.54 25.02 -13.39
N HIS D 14 26.21 26.13 -13.72
CA HIS D 14 25.54 27.38 -14.00
C HIS D 14 25.47 27.65 -15.50
N SER D 15 24.87 28.78 -15.86
CA SER D 15 24.52 29.01 -17.26
C SER D 15 25.75 29.22 -18.13
N LYS D 16 26.77 29.92 -17.63
CA LYS D 16 27.95 30.20 -18.46
C LYS D 16 28.56 28.90 -19.00
N ASP D 17 28.79 27.94 -18.11
CA ASP D 17 29.42 26.71 -18.53
C ASP D 17 28.49 25.89 -19.40
N ASN D 18 27.17 26.01 -19.18
CA ASN D 18 26.24 25.24 -20.00
C ASN D 18 26.25 25.73 -21.45
N LEU D 19 26.39 27.04 -21.65
CA LEU D 19 26.51 27.53 -23.02
C LEU D 19 27.81 27.05 -23.65
N ALA D 20 28.88 26.99 -22.86
CA ALA D 20 30.16 26.53 -23.41
C ALA D 20 30.09 25.05 -23.75
N LEU D 21 29.51 24.25 -22.84
CA LEU D 21 29.36 22.81 -23.04
C LEU D 21 28.55 22.50 -24.30
N LEU D 22 27.43 23.20 -24.49
CA LEU D 22 26.61 23.00 -25.67
C LEU D 22 27.41 23.22 -26.96
N LYS D 23 28.16 24.33 -27.03
CA LYS D 23 28.97 24.60 -28.20
C LYS D 23 29.97 23.47 -28.45
N CYS D 24 30.51 22.89 -27.38
CA CYS D 24 31.39 21.75 -27.54
C CYS D 24 30.64 20.57 -28.14
N LEU D 25 29.49 20.23 -27.54
CA LEU D 25 28.69 19.08 -27.98
C LEU D 25 28.27 19.21 -29.43
N GLN D 26 27.92 20.41 -29.88
CA GLN D 26 27.52 20.62 -31.26
C GLN D 26 28.70 20.83 -32.19
N GLY D 27 29.92 20.57 -31.71
CA GLY D 27 31.07 20.78 -32.55
C GLY D 27 31.30 22.22 -32.96
N GLU D 28 30.82 23.17 -32.19
CA GLU D 28 30.94 24.57 -32.56
C GLU D 28 32.26 25.05 -32.03
N THR D 29 33.00 24.17 -31.37
CA THR D 29 34.33 24.50 -30.87
C THR D 29 35.17 23.25 -30.85
N LYS D 30 34.64 22.15 -30.30
CA LYS D 30 35.42 20.90 -30.15
C LYS D 30 36.95 21.00 -30.09
N GLU D 31 37.50 21.68 -29.08
CA GLU D 31 38.94 21.86 -28.92
C GLU D 31 39.13 22.16 -27.44
N LYS D 32 38.06 22.01 -26.64
CA LYS D 32 38.12 22.22 -25.20
C LYS D 32 37.75 20.93 -24.48
N GLU D 33 38.20 20.81 -23.24
CA GLU D 33 37.96 19.62 -22.46
C GLU D 33 37.18 19.98 -21.19
N PHE D 34 36.33 19.06 -20.75
CA PHE D 34 35.48 19.34 -19.61
C PHE D 34 35.63 18.30 -18.51
N GLU D 35 35.60 18.79 -17.29
CA GLU D 35 35.33 18.02 -16.10
C GLU D 35 34.07 18.63 -15.49
N ILE D 36 33.53 17.97 -14.48
CA ILE D 36 32.32 18.49 -13.87
C ILE D 36 32.43 18.39 -12.36
N SER D 37 31.91 19.39 -11.65
CA SER D 37 32.03 19.37 -10.19
C SER D 37 31.02 18.40 -9.60
N ASN D 38 31.23 18.09 -8.31
CA ASN D 38 30.50 17.04 -7.61
C ASN D 38 29.34 17.58 -6.78
N VAL D 39 28.97 18.83 -7.03
CA VAL D 39 27.85 19.41 -6.31
C VAL D 39 26.54 18.77 -6.78
N LEU D 40 25.55 18.79 -5.91
CA LEU D 40 24.29 18.13 -6.22
C LEU D 40 23.61 18.62 -7.49
N PRO D 41 23.61 19.92 -7.83
CA PRO D 41 22.93 20.34 -9.06
C PRO D 41 23.53 19.75 -10.34
N ASN D 42 24.74 19.18 -10.26
CA ASN D 42 25.38 18.54 -11.40
C ASN D 42 25.13 17.04 -11.45
N HIS D 43 24.40 16.46 -10.50
CA HIS D 43 24.38 15.00 -10.36
C HIS D 43 23.89 14.31 -11.63
N LYS D 44 22.73 14.70 -12.17
CA LYS D 44 22.25 14.03 -13.38
C LYS D 44 23.17 14.29 -14.57
N MET D 45 23.68 15.52 -14.71
CA MET D 45 24.60 15.76 -15.83
C MET D 45 25.84 14.88 -15.71
N LYS D 46 26.39 14.76 -14.51
CA LYS D 46 27.61 13.95 -14.40
C LYS D 46 27.31 12.50 -14.74
N GLU D 47 26.19 11.98 -14.25
CA GLU D 47 25.84 10.60 -14.55
C GLU D 47 25.58 10.36 -16.04
N LYS D 48 24.93 11.31 -16.72
CA LYS D 48 24.45 11.10 -18.09
C LYS D 48 25.51 11.37 -19.15
N LEU D 49 26.30 12.41 -18.96
CA LEU D 49 27.20 12.90 -20.02
C LEU D 49 28.67 12.67 -19.74
N PHE D 50 29.04 12.20 -18.55
CA PHE D 50 30.45 12.05 -18.17
C PHE D 50 30.75 10.61 -17.79
N ARG D 51 32.02 10.23 -17.98
CA ARG D 51 32.52 8.92 -17.54
C ARG D 51 33.91 9.14 -16.97
N GLU D 52 34.09 8.79 -15.69
CA GLU D 52 35.36 9.00 -14.98
C GLU D 52 35.77 10.46 -15.06
N ASN D 53 34.79 11.35 -14.92
CA ASN D 53 35.01 12.79 -14.93
C ASN D 53 35.65 13.27 -16.24
N LYS D 54 35.25 12.64 -17.35
CA LYS D 54 35.53 13.16 -18.68
C LYS D 54 34.28 13.00 -19.52
N LEU D 55 34.10 13.95 -20.44
CA LEU D 55 32.93 13.95 -21.31
C LEU D 55 32.89 12.68 -22.14
N LYS D 56 31.74 12.06 -22.21
CA LYS D 56 31.59 10.83 -22.98
C LYS D 56 31.86 11.11 -24.43
N ILE D 57 32.34 10.10 -25.12
CA ILE D 57 32.71 10.28 -26.53
C ILE D 57 31.55 10.14 -27.48
N ASP D 58 31.42 11.10 -28.40
CA ASP D 58 30.31 11.13 -29.36
C ASP D 58 28.92 11.05 -28.76
N ILE D 59 28.55 12.08 -28.02
CA ILE D 59 27.24 12.12 -27.47
C ILE D 59 26.43 12.68 -28.61
N ASP D 60 25.27 12.10 -28.84
CA ASP D 60 24.38 12.59 -29.89
C ASP D 60 23.26 13.29 -29.13
N ILE D 61 23.27 14.63 -29.16
CA ILE D 61 22.30 15.39 -28.38
C ILE D 61 20.89 14.94 -28.72
N GLU D 62 20.59 14.87 -30.02
CA GLU D 62 19.23 14.56 -30.47
C GLU D 62 18.82 13.16 -30.04
N LYS D 63 19.69 12.17 -30.20
CA LYS D 63 19.31 10.82 -29.82
C LYS D 63 19.57 10.50 -28.36
N ASP D 64 20.70 10.92 -27.79
CA ASP D 64 21.02 10.51 -26.42
C ASP D 64 20.34 11.39 -25.38
N ILE D 65 20.13 12.66 -25.68
CA ILE D 65 19.57 13.56 -24.68
C ILE D 65 18.06 13.74 -24.86
N PHE D 66 17.59 13.84 -26.10
CA PHE D 66 16.17 14.04 -26.38
C PHE D 66 15.46 12.80 -26.91
N ASN D 67 16.16 11.69 -27.09
CA ASN D 67 15.60 10.46 -27.63
C ASN D 67 14.73 10.69 -28.87
N TYR D 68 15.27 11.47 -29.81
CA TYR D 68 14.60 11.71 -31.07
C TYR D 68 14.41 10.39 -31.82
N SER D 69 13.16 10.09 -32.19
CA SER D 69 12.87 8.82 -32.84
C SER D 69 11.74 8.97 -33.85
N ARG D 70 11.60 10.15 -34.43
CA ARG D 70 10.60 10.45 -35.46
C ARG D 70 9.18 10.14 -34.99
N LYS D 71 8.92 10.37 -33.70
CA LYS D 71 7.56 10.29 -33.18
C LYS D 71 6.68 11.30 -33.90
N ASN D 72 5.44 10.89 -34.20
CA ASN D 72 4.46 11.79 -34.78
C ASN D 72 3.67 12.51 -33.69
N ILE D 73 3.52 13.83 -33.87
CA ILE D 73 2.94 14.75 -32.90
C ILE D 73 1.62 15.30 -33.44
N GLN D 74 0.59 15.29 -32.60
CA GLN D 74 -0.72 15.82 -32.96
C GLN D 74 -1.03 17.19 -32.37
N LYS D 75 -0.37 17.56 -31.28
CA LYS D 75 -0.76 18.74 -30.52
C LYS D 75 0.37 19.09 -29.58
N ILE D 76 0.39 20.35 -29.15
CA ILE D 76 1.39 20.86 -28.21
C ILE D 76 0.67 21.65 -27.12
N GLU D 77 0.83 21.23 -25.87
CA GLU D 77 0.43 22.03 -24.70
C GLU D 77 1.60 22.87 -24.23
N PHE D 78 1.29 24.05 -23.67
CA PHE D 78 2.37 24.96 -23.34
C PHE D 78 3.22 24.41 -22.19
N MET D 79 2.58 23.94 -21.14
CA MET D 79 3.30 23.45 -19.96
C MET D 79 2.51 22.35 -19.30
N PRO D 80 2.54 21.17 -19.89
CA PRO D 80 1.80 20.04 -19.33
C PRO D 80 2.52 19.59 -18.09
N VAL D 81 1.89 19.78 -16.94
CA VAL D 81 2.64 19.57 -15.71
C VAL D 81 2.98 18.11 -15.53
N ASN D 82 2.20 17.18 -16.12
CA ASN D 82 2.58 15.78 -15.98
C ASN D 82 3.86 15.44 -16.73
N ARG D 83 4.39 16.35 -17.57
CA ARG D 83 5.65 16.13 -18.27
C ARG D 83 6.85 16.74 -17.56
N LEU D 84 6.65 17.51 -16.50
CA LEU D 84 7.74 18.27 -15.92
C LEU D 84 8.52 17.50 -14.86
N ILE D 85 8.01 16.33 -14.45
CA ILE D 85 8.71 15.45 -13.53
C ILE D 85 8.89 14.10 -14.21
N SER D 86 10.07 13.51 -14.03
CA SER D 86 10.46 12.28 -14.69
C SER D 86 10.31 11.10 -13.75
N GLN D 87 10.15 9.92 -14.34
CA GLN D 87 10.03 8.72 -13.51
C GLN D 87 11.27 8.54 -12.64
N SER D 88 12.45 8.91 -13.14
CA SER D 88 13.65 8.81 -12.32
C SER D 88 13.57 9.72 -11.09
N GLU D 89 13.04 10.93 -11.27
CA GLU D 89 12.84 11.80 -10.13
C GLU D 89 11.86 11.17 -9.14
N ILE D 90 10.75 10.65 -9.66
CA ILE D 90 9.74 10.03 -8.81
C ILE D 90 10.34 8.90 -8.00
N ASP D 91 11.12 8.02 -8.65
CA ASP D 91 11.73 6.92 -7.91
C ASP D 91 12.62 7.45 -6.78
N GLY D 92 13.42 8.47 -7.06
CA GLY D 92 14.28 9.01 -6.01
C GLY D 92 13.52 9.69 -4.89
N ILE D 93 12.40 10.34 -5.22
CA ILE D 93 11.54 10.98 -4.23
C ILE D 93 10.95 9.95 -3.29
N ILE D 94 10.39 8.86 -3.85
CA ILE D 94 9.83 7.79 -3.02
C ILE D 94 10.89 7.23 -2.11
N GLY D 95 12.11 7.08 -2.62
CA GLY D 95 13.17 6.52 -1.81
C GLY D 95 13.51 7.41 -0.63
N THR D 96 13.58 8.72 -0.87
CA THR D 96 13.92 9.62 0.23
C THR D 96 12.73 9.81 1.18
N LEU D 97 11.49 9.76 0.69
CA LEU D 97 10.36 9.92 1.61
C LEU D 97 10.25 8.71 2.55
N LYS D 98 10.67 7.53 2.10
CA LYS D 98 10.73 6.38 2.96
C LYS D 98 11.71 6.59 4.11
N GLU D 99 12.71 7.45 3.96
CA GLU D 99 13.57 7.75 5.11
C GLU D 99 13.05 8.91 5.95
N VAL D 100 12.44 9.92 5.32
CA VAL D 100 11.94 11.08 6.07
C VAL D 100 10.71 10.71 6.89
N LEU D 101 9.78 9.94 6.32
CA LEU D 101 8.48 9.77 6.98
C LEU D 101 8.60 9.15 8.37
N PRO D 102 9.40 8.12 8.61
CA PRO D 102 9.41 7.52 9.96
C PRO D 102 10.08 8.41 11.00
N THR D 103 10.80 9.46 10.60
CA THR D 103 11.39 10.36 11.59
C THR D 103 10.34 11.23 12.27
N GLY D 104 9.19 11.44 11.62
CA GLY D 104 8.19 12.33 12.14
C GLY D 104 8.55 13.80 12.06
N GLN D 105 9.69 14.14 11.44
CA GLN D 105 10.15 15.52 11.39
C GLN D 105 9.62 16.13 10.12
N PHE D 106 8.54 16.89 10.26
CA PHE D 106 7.81 17.44 9.15
C PHE D 106 7.70 18.95 9.20
N THR D 107 8.29 19.62 10.15
CA THR D 107 8.35 21.07 10.08
C THR D 107 9.82 21.42 9.87
N SER D 108 10.53 21.83 10.88
CA SER D 108 11.95 21.98 10.64
C SER D 108 12.58 20.60 10.60
N GLY D 109 13.83 20.54 10.18
CA GLY D 109 14.51 19.26 10.17
C GLY D 109 15.81 19.31 9.40
N PRO D 110 16.49 18.17 9.37
CA PRO D 110 17.86 18.15 8.81
C PRO D 110 17.90 18.30 7.32
N PHE D 111 16.85 17.90 6.60
CA PHE D 111 16.88 18.13 5.17
C PHE D 111 16.74 19.62 4.85
N SER D 112 15.98 20.37 5.64
CA SER D 112 15.93 21.81 5.40
C SER D 112 17.33 22.42 5.48
N LYS D 113 18.06 22.09 6.55
CA LYS D 113 19.39 22.63 6.73
C LYS D 113 20.32 22.20 5.60
N LYS D 114 20.22 20.93 5.17
CA LYS D 114 21.06 20.48 4.07
C LYS D 114 20.75 21.26 2.78
N LEU D 115 19.48 21.46 2.48
CA LEU D 115 19.14 22.21 1.28
C LEU D 115 19.64 23.65 1.38
N GLU D 116 19.56 24.26 2.58
CA GLU D 116 20.14 25.60 2.74
C GLU D 116 21.63 25.59 2.43
N GLU D 117 22.32 24.52 2.82
CA GLU D 117 23.76 24.44 2.57
C GLU D 117 24.04 24.27 1.06
N VAL D 118 23.28 23.39 0.40
CA VAL D 118 23.45 23.20 -1.04
C VAL D 118 23.19 24.49 -1.81
N ILE D 119 22.10 25.19 -1.45
CA ILE D 119 21.76 26.41 -2.16
C ILE D 119 22.82 27.47 -1.91
N GLY D 120 23.28 27.58 -0.66
CA GLY D 120 24.33 28.54 -0.35
C GLY D 120 25.61 28.31 -1.13
N ASP D 121 26.03 27.06 -1.23
CA ASP D 121 27.22 26.74 -2.02
C ASP D 121 26.99 27.08 -3.50
N TYR D 122 25.84 26.68 -4.03
CA TYR D 122 25.56 26.88 -5.45
C TYR D 122 25.52 28.35 -5.80
N LEU D 123 25.10 29.21 -4.86
CA LEU D 123 24.97 30.64 -5.11
C LEU D 123 26.17 31.43 -4.60
N ASN D 124 27.12 30.78 -3.89
CA ASN D 124 28.24 31.45 -3.24
C ASN D 124 27.76 32.53 -2.29
N LYS D 125 26.73 32.22 -1.52
CA LYS D 125 26.31 33.16 -0.47
C LYS D 125 26.42 32.50 0.89
N LYS D 126 26.56 33.34 1.92
CA LYS D 126 26.86 32.82 3.25
C LYS D 126 25.63 32.25 3.97
N TYR D 127 24.47 32.91 3.84
CA TYR D 127 23.28 32.61 4.63
C TYR D 127 22.10 32.28 3.73
N VAL D 128 21.38 31.20 4.04
CA VAL D 128 20.22 30.81 3.24
C VAL D 128 19.14 30.45 4.22
N ILE D 129 17.96 31.05 4.05
CA ILE D 129 16.77 30.67 4.78
C ILE D 129 15.80 30.06 3.77
N ALA D 130 15.56 28.75 3.88
CA ALA D 130 14.60 28.10 3.01
C ALA D 130 13.19 28.35 3.54
N THR D 131 12.31 28.77 2.63
CA THR D 131 10.99 29.26 2.99
C THR D 131 9.91 28.41 2.35
N SER D 132 8.67 28.71 2.73
CA SER D 132 7.51 27.97 2.23
C SER D 132 7.04 28.44 0.86
N SER D 133 7.60 29.53 0.32
CA SER D 133 7.40 29.93 -1.08
C SER D 133 8.33 31.09 -1.38
N GLY D 134 8.45 31.40 -2.66
CA GLY D 134 9.17 32.62 -3.05
C GLY D 134 8.44 33.88 -2.66
N THR D 135 7.10 33.85 -2.72
CA THR D 135 6.34 35.01 -2.25
C THR D 135 6.64 35.30 -0.77
N ASP D 136 6.64 34.25 0.05
CA ASP D 136 6.93 34.45 1.47
C ASP D 136 8.35 34.92 1.67
N ALA D 137 9.28 34.35 0.91
CA ALA D 137 10.66 34.79 0.99
C ALA D 137 10.75 36.29 0.73
N LEU D 138 10.04 36.75 -0.30
CA LEU D 138 10.11 38.18 -0.63
C LEU D 138 9.51 39.03 0.49
N MET D 139 8.35 38.64 1.03
CA MET D 139 7.73 39.42 2.12
C MET D 139 8.64 39.53 3.33
N VAL D 140 9.19 38.40 3.77
CA VAL D 140 10.10 38.38 4.90
C VAL D 140 11.31 39.25 4.64
N SER D 141 11.87 39.17 3.44
CA SER D 141 13.08 39.91 3.11
C SER D 141 12.81 41.40 3.14
N LEU D 142 11.63 41.82 2.65
CA LEU D 142 11.27 43.24 2.76
C LEU D 142 11.17 43.67 4.21
N LEU D 143 10.59 42.82 5.05
CA LEU D 143 10.49 43.19 6.46
C LEU D 143 11.88 43.25 7.08
N SER D 144 12.75 42.30 6.71
CA SER D 144 14.07 42.29 7.35
C SER D 144 14.88 43.55 7.05
N ILE D 145 14.70 44.16 5.87
CA ILE D 145 15.47 45.39 5.60
C ILE D 145 14.81 46.60 6.24
N GLY D 146 13.72 46.38 6.98
CA GLY D 146 13.06 47.44 7.72
C GLY D 146 11.96 48.16 6.98
N ILE D 147 11.37 47.55 5.94
CA ILE D 147 10.27 48.17 5.22
C ILE D 147 9.10 48.38 6.16
N GLN D 148 8.54 49.57 6.14
CA GLN D 148 7.41 49.94 6.97
C GLN D 148 6.27 50.40 6.07
N PRO D 149 5.03 50.37 6.55
CA PRO D 149 3.91 50.77 5.68
C PRO D 149 4.13 52.17 5.18
N GLY D 150 3.88 52.35 3.89
CA GLY D 150 4.12 53.62 3.24
C GLY D 150 5.46 53.75 2.56
N ASP D 151 6.42 52.87 2.85
CA ASP D 151 7.71 52.98 2.18
C ASP D 151 7.53 52.59 0.73
N GLU D 152 8.38 53.15 -0.13
CA GLU D 152 8.27 52.92 -1.56
C GLU D 152 9.30 51.88 -2.00
N VAL D 153 8.88 51.00 -2.93
CA VAL D 153 9.73 49.96 -3.53
C VAL D 153 9.64 50.10 -5.06
N ILE D 154 10.77 50.36 -5.71
CA ILE D 154 10.76 50.50 -7.15
C ILE D 154 10.86 49.13 -7.80
N MET D 155 9.99 48.87 -8.76
CA MET D 155 9.91 47.55 -9.39
C MET D 155 9.33 47.69 -10.79
N PRO D 156 9.51 46.69 -11.66
CA PRO D 156 8.85 46.71 -12.98
C PRO D 156 7.39 46.33 -12.82
N ALA D 157 6.63 46.55 -13.91
CA ALA D 157 5.20 46.25 -13.91
C ALA D 157 4.86 45.03 -14.76
N ASN D 158 5.84 44.25 -15.15
CA ASN D 158 5.60 43.12 -16.04
C ASN D 158 5.97 41.79 -15.39
N SER D 159 6.15 41.74 -14.07
CA SER D 159 6.52 40.50 -13.42
C SER D 159 5.26 39.69 -13.05
N PHE D 160 5.47 38.45 -12.54
CA PHE D 160 4.37 37.74 -11.91
C PHE D 160 3.79 38.57 -10.75
N ALA D 161 2.50 38.39 -10.49
CA ALA D 161 1.84 39.21 -9.48
C ALA D 161 2.48 39.11 -8.11
N ALA D 162 3.20 38.03 -7.83
CA ALA D 162 3.76 37.84 -6.50
C ALA D 162 4.70 38.98 -6.12
N THR D 163 5.37 39.58 -7.11
CA THR D 163 6.38 40.57 -6.80
C THR D 163 5.73 41.80 -6.18
N GLU D 164 4.72 42.34 -6.86
CA GLU D 164 3.98 43.47 -6.31
C GLU D 164 3.20 43.07 -5.07
N ASN D 165 2.69 41.84 -5.01
CA ASN D 165 1.83 41.43 -3.88
C ASN D 165 2.60 41.40 -2.58
N ALA D 166 3.85 40.99 -2.62
CA ALA D 166 4.62 40.92 -1.39
C ALA D 166 4.86 42.32 -0.83
N VAL D 167 5.07 43.31 -1.71
CA VAL D 167 5.22 44.69 -1.26
C VAL D 167 3.92 45.18 -0.64
N LEU D 168 2.80 44.94 -1.34
CA LEU D 168 1.50 45.41 -0.86
C LEU D 168 1.07 44.70 0.40
N ALA D 169 1.41 43.42 0.54
CA ALA D 169 0.97 42.65 1.71
C ALA D 169 1.48 43.25 3.02
N ILE D 170 2.64 43.90 3.00
CA ILE D 170 3.21 44.44 4.23
C ILE D 170 2.94 45.94 4.36
N GLY D 171 2.13 46.51 3.46
CA GLY D 171 1.76 47.91 3.54
C GLY D 171 2.64 48.86 2.76
N ALA D 172 3.59 48.37 1.98
CA ALA D 172 4.47 49.26 1.25
C ALA D 172 3.86 49.58 -0.12
N LYS D 173 4.52 50.48 -0.84
CA LYS D 173 3.97 51.08 -2.07
C LYS D 173 4.82 50.78 -3.29
N PRO D 174 4.35 49.93 -4.22
CA PRO D 174 5.08 49.75 -5.47
C PRO D 174 5.18 51.07 -6.21
N VAL D 175 6.34 51.30 -6.82
CA VAL D 175 6.54 52.43 -7.74
C VAL D 175 7.11 51.81 -9.00
N PHE D 176 6.34 51.85 -10.08
CA PHE D 176 6.68 51.08 -11.27
C PHE D 176 7.57 51.91 -12.19
N VAL D 177 8.60 51.26 -12.73
CA VAL D 177 9.56 51.88 -13.64
C VAL D 177 9.57 51.06 -14.92
N ASP D 178 9.85 51.72 -16.03
CA ASP D 178 9.67 51.00 -17.25
C ASP D 178 10.85 50.06 -17.53
N ILE D 179 10.64 49.15 -18.46
CA ILE D 179 11.68 48.23 -18.85
C ILE D 179 12.53 48.73 -19.99
N ASP D 180 13.60 48.02 -20.28
CA ASP D 180 14.42 48.40 -21.37
C ASP D 180 13.92 47.86 -22.69
N HIS D 181 14.69 48.04 -23.73
CA HIS D 181 14.26 47.66 -25.06
C HIS D 181 14.98 46.42 -25.53
N LYS D 182 15.50 45.62 -24.59
CA LYS D 182 16.29 44.49 -24.98
C LYS D 182 16.17 43.25 -24.16
N SER D 183 15.77 43.36 -22.89
CA SER D 183 15.82 42.21 -22.03
C SER D 183 14.56 41.91 -21.24
N TYR D 184 13.51 42.74 -21.34
CA TYR D 184 12.27 42.65 -20.55
C TYR D 184 12.52 42.98 -19.09
N CYS D 185 13.71 43.48 -18.75
CA CYS D 185 14.12 43.81 -17.40
C CYS D 185 14.02 45.32 -17.18
N ILE D 186 13.84 45.67 -15.89
CA ILE D 186 13.85 47.05 -15.40
C ILE D 186 14.91 47.91 -16.05
N ASP D 187 14.51 49.04 -16.58
CA ASP D 187 15.48 49.94 -17.19
C ASP D 187 16.23 50.77 -16.13
N PRO D 188 17.56 50.53 -16.01
CA PRO D 188 18.21 51.24 -14.94
C PRO D 188 18.30 52.73 -15.17
N LEU D 189 18.16 53.17 -16.39
CA LEU D 189 18.27 54.57 -16.68
C LEU D 189 17.00 55.25 -16.42
N LYS D 190 16.04 54.55 -15.81
CA LYS D 190 14.79 55.13 -15.47
C LYS D 190 14.52 55.02 -13.97
N ILE D 191 15.45 54.42 -13.26
CA ILE D 191 15.23 54.20 -11.84
C ILE D 191 15.47 55.46 -11.05
N GLU D 192 16.57 56.14 -11.35
CA GLU D 192 16.92 57.29 -10.52
C GLU D 192 15.78 58.29 -10.48
N GLU D 193 15.11 58.50 -11.62
CA GLU D 193 14.03 59.50 -11.69
C GLU D 193 12.89 59.19 -10.73
N ALA D 194 12.73 57.93 -10.34
CA ALA D 194 11.60 57.53 -9.53
C ALA D 194 11.92 57.49 -8.06
N ILE D 195 13.15 57.81 -7.69
CA ILE D 195 13.54 57.75 -6.29
C ILE D 195 13.01 58.99 -5.59
N THR D 196 12.48 58.75 -4.40
CA THR D 196 11.79 59.73 -3.57
C THR D 196 12.36 59.64 -2.16
N GLN D 197 12.00 60.61 -1.31
CA GLN D 197 12.29 60.50 0.11
C GLN D 197 11.78 59.19 0.70
N LYS D 198 10.73 58.60 0.11
CA LYS D 198 10.14 57.40 0.65
C LYS D 198 10.76 56.11 0.10
N THR D 199 11.65 56.19 -0.89
CA THR D 199 12.18 54.96 -1.47
C THR D 199 13.06 54.24 -0.46
N LYS D 200 12.86 52.94 -0.31
CA LYS D 200 13.72 52.15 0.55
C LYS D 200 14.42 51.02 -0.18
N CYS D 201 13.95 50.62 -1.35
CA CYS D 201 14.39 49.36 -1.92
C CYS D 201 14.20 49.39 -3.43
N ILE D 202 15.16 48.83 -4.16
CA ILE D 202 14.96 48.49 -5.58
C ILE D 202 14.77 46.99 -5.66
N LEU D 203 13.72 46.57 -6.39
CA LEU D 203 13.29 45.19 -6.51
C LEU D 203 13.30 44.83 -8.00
N PRO D 204 14.48 44.59 -8.59
CA PRO D 204 14.52 44.13 -9.98
C PRO D 204 14.07 42.69 -10.08
N VAL D 205 13.54 42.33 -11.24
CA VAL D 205 13.06 40.98 -11.52
C VAL D 205 13.91 40.41 -12.64
N HIS D 206 14.53 39.25 -12.40
CA HIS D 206 15.24 38.54 -13.48
C HIS D 206 14.24 37.72 -14.30
N LEU D 207 13.53 38.42 -15.17
CA LEU D 207 12.34 37.88 -15.80
C LEU D 207 12.68 36.88 -16.89
N TYR D 208 11.95 35.76 -16.89
CA TYR D 208 12.01 34.69 -17.89
C TYR D 208 13.31 33.91 -17.80
N GLY D 209 14.12 34.16 -16.75
CA GLY D 209 15.40 33.51 -16.62
C GLY D 209 16.60 34.37 -17.01
N LYS D 210 16.37 35.63 -17.42
CA LYS D 210 17.40 36.54 -17.89
C LYS D 210 17.74 37.52 -16.78
N GLN D 211 19.02 37.78 -16.58
CA GLN D 211 19.41 38.66 -15.47
C GLN D 211 19.34 40.14 -15.86
N CYS D 212 18.87 40.98 -14.92
CA CYS D 212 18.98 42.44 -15.11
C CYS D 212 20.43 42.90 -15.06
N ASP D 213 20.68 44.14 -15.55
CA ASP D 213 21.99 44.80 -15.44
C ASP D 213 22.16 45.30 -14.00
N MET D 214 22.57 44.37 -13.13
CA MET D 214 22.67 44.65 -11.71
C MET D 214 23.80 45.62 -11.38
N LYS D 215 24.86 45.62 -12.20
CA LYS D 215 25.99 46.51 -11.93
C LYS D 215 25.56 47.95 -11.90
N ARG D 216 24.84 48.40 -12.94
CA ARG D 216 24.37 49.78 -12.96
C ARG D 216 23.29 50.04 -11.93
N ILE D 217 22.44 49.05 -11.64
CA ILE D 217 21.42 49.24 -10.61
C ILE D 217 22.08 49.45 -9.25
N ARG D 218 23.08 48.63 -8.91
CA ARG D 218 23.84 48.81 -7.68
C ARG D 218 24.50 50.18 -7.65
N GLU D 219 24.96 50.66 -8.80
CA GLU D 219 25.58 51.98 -8.82
C GLU D 219 24.60 53.04 -8.31
N ILE D 220 23.36 53.00 -8.78
CA ILE D 220 22.37 53.98 -8.36
C ILE D 220 21.97 53.77 -6.90
N ALA D 221 21.86 52.51 -6.48
CA ALA D 221 21.43 52.25 -5.11
C ALA D 221 22.45 52.74 -4.09
N ASP D 222 23.74 52.64 -4.41
CA ASP D 222 24.77 53.09 -3.46
C ASP D 222 24.74 54.60 -3.29
N VAL D 223 24.46 55.34 -4.37
CA VAL D 223 24.37 56.79 -4.25
C VAL D 223 23.29 57.17 -3.25
N TYR D 224 22.14 56.49 -3.30
CA TYR D 224 21.00 56.84 -2.46
C TYR D 224 20.86 55.94 -1.24
N GLN D 225 21.86 55.09 -0.97
CA GLN D 225 21.86 54.22 0.20
C GLN D 225 20.60 53.36 0.26
N LEU D 226 20.20 52.82 -0.90
CA LEU D 226 19.02 51.97 -1.00
C LEU D 226 19.42 50.50 -0.94
N ARG D 227 18.48 49.66 -0.45
CA ARG D 227 18.64 48.21 -0.51
C ARG D 227 18.25 47.70 -1.90
N ILE D 228 18.87 46.59 -2.29
CA ILE D 228 18.41 45.84 -3.46
C ILE D 228 18.01 44.45 -3.02
N ILE D 229 16.76 44.10 -3.28
CA ILE D 229 16.32 42.72 -3.15
C ILE D 229 16.01 42.20 -4.56
N GLU D 230 16.63 41.10 -4.93
CA GLU D 230 16.56 40.60 -6.31
C GLU D 230 15.53 39.50 -6.38
N ASP D 231 14.52 39.68 -7.23
CA ASP D 231 13.53 38.62 -7.44
C ASP D 231 14.13 37.71 -8.49
N ALA D 232 14.79 36.65 -8.03
CA ALA D 232 15.42 35.67 -8.91
C ALA D 232 14.62 34.39 -8.99
N CYS D 233 13.29 34.50 -8.82
CA CYS D 233 12.47 33.29 -8.73
C CYS D 233 12.44 32.48 -10.01
N GLN D 234 12.77 33.06 -11.17
CA GLN D 234 12.87 32.31 -12.42
C GLN D 234 14.30 32.08 -12.88
N ALA D 235 15.31 32.43 -12.07
CA ALA D 235 16.64 32.53 -12.64
C ALA D 235 17.68 31.62 -11.98
N ILE D 236 17.24 30.56 -11.26
CA ILE D 236 18.17 29.64 -10.62
C ILE D 236 19.11 29.02 -11.66
N GLY D 237 20.43 28.97 -11.34
CA GLY D 237 21.45 28.48 -12.26
C GLY D 237 22.19 29.57 -13.02
N SER D 238 21.68 30.80 -13.00
CA SER D 238 22.29 31.86 -13.77
C SER D 238 23.61 32.28 -13.14
N SER D 239 24.68 32.30 -13.96
CA SER D 239 26.00 32.58 -13.45
C SER D 239 26.05 33.94 -12.78
N ASN D 240 26.68 33.97 -11.60
CA ASN D 240 26.96 35.21 -10.87
C ASN D 240 25.72 35.87 -10.34
N LEU D 241 24.64 35.10 -10.20
CA LEU D 241 23.41 35.61 -9.63
C LEU D 241 23.66 36.18 -8.23
N GLY D 242 23.24 37.42 -8.01
CA GLY D 242 23.29 37.99 -6.68
C GLY D 242 24.52 38.78 -6.35
N GLU D 243 25.43 38.96 -7.29
CA GLU D 243 26.72 39.58 -6.99
C GLU D 243 26.53 40.96 -6.36
N TYR D 244 25.52 41.71 -6.81
CA TYR D 244 25.33 43.09 -6.43
C TYR D 244 24.15 43.34 -5.49
N GLY D 245 23.31 42.30 -5.15
CA GLY D 245 22.12 42.55 -4.36
C GLY D 245 22.35 42.32 -2.87
N ASP D 246 21.53 42.96 -2.03
CA ASP D 246 21.58 42.67 -0.59
C ASP D 246 21.01 41.29 -0.29
N ILE D 247 19.82 40.99 -0.84
CA ILE D 247 19.11 39.73 -0.63
C ILE D 247 18.69 39.24 -2.01
N ILE D 248 18.83 37.94 -2.25
CA ILE D 248 18.34 37.32 -3.47
C ILE D 248 17.18 36.39 -3.10
N ILE D 249 16.07 36.48 -3.83
CA ILE D 249 14.91 35.63 -3.59
C ILE D 249 14.85 34.54 -4.64
N LEU D 250 14.73 33.29 -4.18
CA LEU D 250 14.51 32.14 -5.03
C LEU D 250 13.12 31.58 -4.81
N SER D 251 12.57 30.96 -5.87
CA SER D 251 11.40 30.11 -5.78
C SER D 251 11.75 28.69 -6.17
N PHE D 252 11.24 27.72 -5.42
CA PHE D 252 11.31 26.34 -5.84
C PHE D 252 9.92 25.80 -6.18
N ASN D 253 9.06 26.65 -6.68
CA ASN D 253 7.76 26.21 -7.15
C ASN D 253 7.97 25.09 -8.17
N PRO D 254 7.03 24.17 -8.29
CA PRO D 254 7.30 22.95 -9.04
C PRO D 254 7.48 23.17 -10.52
N TYR D 255 7.08 24.32 -11.04
CA TYR D 255 7.20 24.55 -12.49
C TYR D 255 8.39 25.45 -12.81
N LYS D 256 9.20 25.80 -11.83
CA LYS D 256 10.46 26.50 -12.04
C LYS D 256 11.53 25.57 -12.63
N ASN D 257 12.67 26.16 -13.05
CA ASN D 257 13.70 25.31 -13.66
C ASN D 257 14.16 24.20 -12.71
N PHE D 258 14.14 24.49 -11.41
CA PHE D 258 14.26 23.53 -10.33
C PHE D 258 13.06 23.75 -9.41
N GLY D 259 12.34 22.68 -9.03
CA GLY D 259 11.30 22.88 -8.04
C GLY D 259 11.16 21.66 -7.15
N VAL D 260 10.42 21.84 -6.05
CA VAL D 260 10.03 20.69 -5.22
C VAL D 260 8.66 20.17 -5.66
N CYS D 261 7.96 19.44 -4.79
CA CYS D 261 6.66 18.92 -5.17
C CYS D 261 5.58 19.61 -4.34
N GLY D 262 5.57 20.91 -4.40
CA GLY D 262 4.76 21.74 -3.54
C GLY D 262 5.40 23.12 -3.55
N LYS D 263 5.02 23.96 -2.61
CA LYS D 263 5.56 25.31 -2.55
C LYS D 263 6.80 25.39 -1.67
N ALA D 264 7.77 26.19 -2.10
CA ALA D 264 9.01 26.42 -1.35
C ALA D 264 9.79 27.54 -2.04
N GLY D 265 10.69 28.15 -1.29
CA GLY D 265 11.57 29.14 -1.88
C GLY D 265 12.74 29.38 -0.97
N ALA D 266 13.42 30.50 -1.17
CA ALA D 266 14.54 30.76 -0.26
C ALA D 266 14.95 32.21 -0.30
N ILE D 267 15.51 32.64 0.83
CA ILE D 267 16.18 33.92 1.00
C ILE D 267 17.69 33.69 1.02
N VAL D 268 18.44 34.46 0.22
CA VAL D 268 19.87 34.21 0.11
C VAL D 268 20.59 35.54 0.33
N THR D 269 21.58 35.54 1.22
CA THR D 269 22.29 36.79 1.53
C THR D 269 23.66 36.53 2.13
N ASN D 270 24.54 37.55 2.03
CA ASN D 270 25.79 37.52 2.77
C ASN D 270 25.70 38.34 4.05
N ASN D 271 24.56 38.97 4.30
CA ASN D 271 24.40 39.91 5.39
C ASN D 271 23.80 39.20 6.60
N GLU D 272 24.61 39.02 7.66
CA GLU D 272 24.18 38.20 8.79
C GLU D 272 23.07 38.87 9.59
N ASN D 273 23.18 40.20 9.79
CA ASN D 273 22.07 40.96 10.37
C ASN D 273 20.74 40.69 9.66
N LEU D 274 20.73 40.81 8.32
CA LEU D 274 19.50 40.56 7.59
C LEU D 274 19.10 39.11 7.69
N ALA D 275 20.08 38.20 7.63
CA ALA D 275 19.70 36.78 7.65
C ALA D 275 19.03 36.43 8.98
N ILE D 276 19.55 36.94 10.09
CA ILE D 276 18.97 36.60 11.39
C ILE D 276 17.55 37.14 11.47
N ARG D 277 17.31 38.36 10.99
CA ARG D 277 15.96 38.90 11.01
C ARG D 277 15.04 38.09 10.10
N CYS D 278 15.55 37.64 8.93
CA CYS D 278 14.73 36.81 8.05
C CYS D 278 14.36 35.50 8.73
N ASN D 279 15.31 34.91 9.44
CA ASN D 279 15.00 33.67 10.12
C ASN D 279 13.93 33.91 11.19
N GLN D 280 14.09 34.97 12.01
CA GLN D 280 13.08 35.29 13.01
C GLN D 280 11.72 35.57 12.39
N TYR D 281 11.66 36.43 11.35
CA TYR D 281 10.35 36.73 10.78
C TYR D 281 9.73 35.50 10.12
N SER D 282 10.55 34.55 9.66
CA SER D 282 9.95 33.38 9.00
C SER D 282 9.35 32.38 9.98
N TYR D 283 9.57 32.55 11.31
CA TYR D 283 8.97 31.66 12.26
C TYR D 283 8.55 32.50 13.47
N HIS D 284 7.47 33.27 13.27
CA HIS D 284 6.65 33.85 14.35
C HIS D 284 7.35 34.95 15.12
N GLY D 285 8.50 35.43 14.64
CA GLY D 285 9.24 36.43 15.40
C GLY D 285 10.04 35.86 16.55
N PHE D 286 10.13 34.54 16.66
CA PHE D 286 10.83 33.92 17.79
C PHE D 286 12.32 34.03 17.60
N GLU D 287 13.02 34.10 18.72
CA GLU D 287 14.47 33.94 18.63
C GLU D 287 14.79 32.59 18.02
N VAL D 288 15.83 32.56 17.19
CA VAL D 288 16.24 31.33 16.52
C VAL D 288 16.41 30.20 17.53
N ASP D 289 15.70 29.10 17.31
CA ASP D 289 15.77 27.91 18.17
C ASP D 289 15.46 28.23 19.65
N LYS D 290 14.68 29.28 19.90
CA LYS D 290 14.00 29.49 21.19
C LYS D 290 12.51 29.72 20.88
N LYS D 291 11.81 28.63 20.56
CA LYS D 291 10.38 28.69 20.25
C LYS D 291 9.62 29.38 21.37
N ASN D 292 8.52 30.03 21.01
CA ASN D 292 7.57 30.64 21.96
C ASN D 292 8.11 31.88 22.67
N LYS D 293 9.31 32.36 22.32
CA LYS D 293 9.90 33.57 22.94
C LYS D 293 10.13 34.61 21.82
N LYS D 294 9.23 35.60 21.68
CA LYS D 294 9.34 36.54 20.57
C LYS D 294 10.36 37.64 20.82
N VAL D 295 11.16 37.93 19.79
CA VAL D 295 12.04 39.07 19.81
C VAL D 295 11.65 40.12 18.76
N LEU D 296 10.99 39.73 17.68
CA LEU D 296 10.40 40.65 16.72
C LEU D 296 8.91 40.80 17.05
N ASP D 297 8.28 41.86 16.53
CA ASP D 297 6.90 42.15 16.94
C ASP D 297 5.94 41.05 16.52
N PHE D 298 6.23 40.40 15.42
CA PHE D 298 5.39 39.33 14.90
C PHE D 298 6.25 38.59 13.89
N GLY D 299 5.70 37.50 13.38
CA GLY D 299 6.34 36.84 12.27
C GLY D 299 5.31 35.98 11.56
N PHE D 300 5.82 35.15 10.65
CA PHE D 300 4.93 34.31 9.82
C PHE D 300 5.22 32.86 10.14
N ASN D 301 4.53 31.96 9.44
CA ASN D 301 4.84 30.55 9.56
C ASN D 301 5.34 30.12 8.18
N SER D 302 6.58 30.48 7.87
CA SER D 302 7.02 30.54 6.47
C SER D 302 8.35 29.85 6.21
N LYS D 303 8.78 28.92 7.07
CA LYS D 303 9.94 28.10 6.70
C LYS D 303 9.53 27.01 5.73
N ILE D 304 10.53 26.47 5.00
CA ILE D 304 10.26 25.30 4.16
C ILE D 304 9.84 24.09 5.02
N ASP D 305 9.02 23.21 4.44
CA ASP D 305 8.76 21.91 5.05
C ASP D 305 9.96 20.98 4.88
N ASN D 306 10.35 20.29 5.96
CA ASN D 306 11.48 19.36 5.88
C ASN D 306 11.22 18.33 4.78
N LEU D 307 9.97 17.89 4.64
CA LEU D 307 9.64 16.92 3.58
C LEU D 307 9.91 17.51 2.19
N GLN D 308 9.51 18.75 1.94
CA GLN D 308 9.79 19.34 0.62
C GLN D 308 11.29 19.57 0.44
N ALA D 309 12.01 19.91 1.52
CA ALA D 309 13.46 20.01 1.41
C ALA D 309 14.07 18.67 0.98
N ALA D 310 13.56 17.57 1.53
CA ALA D 310 14.06 16.28 1.12
C ALA D 310 13.79 16.03 -0.36
N ILE D 311 12.57 16.37 -0.80
CA ILE D 311 12.24 16.27 -2.21
C ILE D 311 13.15 17.16 -3.05
N GLY D 312 13.38 18.39 -2.59
CA GLY D 312 14.26 19.28 -3.35
C GLY D 312 15.65 18.73 -3.53
N LEU D 313 16.19 18.06 -2.50
CA LEU D 313 17.53 17.50 -2.60
C LEU D 313 17.59 16.35 -3.60
N GLU D 314 16.45 15.74 -3.91
CA GLU D 314 16.39 14.76 -4.99
C GLU D 314 16.27 15.47 -6.34
N ARG D 315 15.33 16.42 -6.44
CA ARG D 315 15.05 17.00 -7.75
C ARG D 315 16.15 17.92 -8.22
N ILE D 316 16.89 18.57 -7.31
CA ILE D 316 17.95 19.46 -7.76
C ILE D 316 19.07 18.72 -8.49
N LYS D 317 19.14 17.38 -8.37
CA LYS D 317 20.17 16.64 -9.09
C LYS D 317 20.04 16.85 -10.59
N PHE D 318 18.85 17.21 -11.06
CA PHE D 318 18.58 17.37 -12.48
C PHE D 318 18.76 18.80 -12.96
N LEU D 319 19.17 19.72 -12.09
CA LEU D 319 19.10 21.13 -12.47
C LEU D 319 20.06 21.46 -13.60
N SER D 320 21.34 21.15 -13.45
CA SER D 320 22.32 21.49 -14.48
C SER D 320 21.89 20.91 -15.83
N TYR D 321 21.44 19.65 -15.82
CA TYR D 321 21.16 18.92 -17.05
C TYR D 321 19.91 19.46 -17.70
N ASN D 322 18.88 19.72 -16.91
CA ASN D 322 17.66 20.31 -17.45
C ASN D 322 17.88 21.73 -17.94
N ASN D 323 18.74 22.53 -17.27
CA ASN D 323 19.09 23.83 -17.82
C ASN D 323 19.85 23.71 -19.13
N LEU D 324 20.68 22.67 -19.28
CA LEU D 324 21.36 22.45 -20.55
C LEU D 324 20.35 22.15 -21.65
N LYS D 325 19.37 21.31 -21.35
CA LYS D 325 18.34 21.02 -22.35
C LYS D 325 17.58 22.26 -22.74
N ARG D 326 17.23 23.11 -21.77
CA ARG D 326 16.59 24.40 -22.07
C ARG D 326 17.42 25.24 -23.01
N VAL D 327 18.72 25.40 -22.74
CA VAL D 327 19.49 26.27 -23.61
C VAL D 327 19.61 25.67 -25.01
N PHE D 328 19.76 24.34 -25.12
CA PHE D 328 19.72 23.74 -26.46
C PHE D 328 18.43 24.09 -27.18
N LEU D 329 17.30 23.97 -26.48
CA LEU D 329 16.01 24.23 -27.11
C LEU D 329 15.87 25.68 -27.51
N ALA D 330 16.24 26.61 -26.62
CA ALA D 330 16.17 28.02 -26.98
C ALA D 330 17.04 28.34 -28.21
N GLN D 331 18.26 27.82 -28.25
CA GLN D 331 19.10 27.99 -29.42
C GLN D 331 18.40 27.47 -30.68
N ARG D 332 17.70 26.34 -30.55
CA ARG D 332 17.08 25.72 -31.71
C ARG D 332 15.94 26.59 -32.23
N TYR D 333 15.15 27.16 -31.33
CA TYR D 333 14.15 28.14 -31.74
C TYR D 333 14.79 29.30 -32.51
N ILE D 334 15.84 29.90 -31.93
CA ILE D 334 16.42 31.11 -32.50
C ILE D 334 16.92 30.86 -33.91
N ARG D 335 17.66 29.77 -34.08
CA ARG D 335 18.18 29.40 -35.40
C ARG D 335 17.06 29.09 -36.38
N ASN D 336 16.02 28.41 -35.93
CA ASN D 336 15.02 27.97 -36.89
C ASN D 336 13.92 28.97 -37.17
N LEU D 337 13.78 30.02 -36.35
CA LEU D 337 12.86 31.11 -36.62
C LEU D 337 13.57 32.34 -37.18
N LYS D 338 14.88 32.23 -37.41
CA LYS D 338 15.66 33.36 -37.87
C LYS D 338 15.03 34.01 -39.10
N GLU D 339 14.46 33.20 -40.01
CA GLU D 339 13.91 33.78 -41.23
C GLU D 339 12.74 34.71 -40.94
N LEU D 340 11.96 34.40 -39.89
CA LEU D 340 10.85 35.28 -39.57
C LEU D 340 11.34 36.60 -38.99
N GLU D 341 12.57 36.59 -38.45
CA GLU D 341 13.22 37.76 -37.92
C GLU D 341 13.79 38.60 -39.05
N ASP D 342 14.38 37.92 -40.02
CA ASP D 342 14.87 38.58 -41.24
C ASP D 342 13.74 39.31 -41.96
N ARG D 343 12.58 38.67 -42.06
CA ARG D 343 11.44 39.23 -42.76
C ARG D 343 10.67 40.25 -41.94
N GLU D 344 11.18 40.63 -40.76
CA GLU D 344 10.60 41.69 -39.94
C GLU D 344 9.19 41.34 -39.47
N LEU D 345 8.96 40.05 -39.21
CA LEU D 345 7.70 39.58 -38.71
C LEU D 345 7.72 39.36 -37.21
N ILE D 346 8.90 39.04 -36.67
CA ILE D 346 9.07 38.77 -35.25
C ILE D 346 10.42 39.33 -34.82
N LYS D 347 10.60 39.46 -33.52
CA LYS D 347 11.92 39.66 -32.95
C LYS D 347 12.16 38.52 -31.98
N LEU D 348 13.31 37.92 -32.08
CA LEU D 348 13.69 36.76 -31.29
C LEU D 348 14.66 37.19 -30.20
N PRO D 349 14.81 36.40 -29.14
CA PRO D 349 15.82 36.71 -28.13
C PRO D 349 17.20 36.31 -28.66
N ARG D 350 18.23 36.78 -27.97
CA ARG D 350 19.60 36.44 -28.34
C ARG D 350 20.19 35.50 -27.30
N MET D 351 21.19 34.71 -27.73
CA MET D 351 21.90 33.89 -26.76
C MET D 351 22.82 34.76 -25.90
N THR D 352 22.76 34.55 -24.58
CA THR D 352 23.68 35.19 -23.64
C THR D 352 24.07 34.17 -22.58
N GLU D 353 25.20 34.46 -21.92
CA GLU D 353 25.76 33.57 -20.91
C GLU D 353 24.87 33.46 -19.67
N ASP D 354 24.06 34.48 -19.37
CA ASP D 354 23.34 34.52 -18.09
C ASP D 354 21.96 33.87 -18.11
N ASN D 355 21.34 33.76 -19.29
CA ASN D 355 19.95 33.32 -19.39
C ASN D 355 19.80 31.82 -19.10
N VAL D 356 18.88 31.47 -18.20
CA VAL D 356 18.56 30.05 -17.98
C VAL D 356 17.27 29.62 -18.68
N TRP D 357 16.61 30.51 -19.44
CA TRP D 357 15.55 30.08 -20.36
C TRP D 357 14.40 29.40 -19.62
N HIS D 358 13.92 30.08 -18.58
CA HIS D 358 12.74 29.55 -17.90
C HIS D 358 11.53 29.66 -18.81
N LEU D 359 11.43 30.77 -19.56
CA LEU D 359 10.40 31.05 -20.53
C LEU D 359 11.08 31.63 -21.75
N PHE D 360 10.49 31.36 -22.92
CA PHE D 360 11.08 31.75 -24.19
C PHE D 360 10.22 32.81 -24.83
N PRO D 361 10.63 34.08 -24.78
CA PRO D 361 9.82 35.15 -25.35
C PRO D 361 10.20 35.51 -26.76
N ILE D 362 9.18 35.69 -27.59
CA ILE D 362 9.36 36.34 -28.89
C ILE D 362 8.44 37.55 -28.96
N ARG D 363 8.69 38.44 -29.94
CA ARG D 363 7.78 39.55 -30.15
C ARG D 363 7.20 39.45 -31.56
N ILE D 364 5.88 39.48 -31.64
CA ILE D 364 5.20 39.52 -32.92
C ILE D 364 4.80 40.97 -33.18
N ILE D 365 5.37 41.50 -34.26
CA ILE D 365 5.38 42.91 -34.65
C ILE D 365 4.13 43.28 -35.45
N ASN D 366 3.92 44.57 -35.70
CA ASN D 366 2.87 45.05 -36.61
C ASN D 366 1.48 44.57 -36.18
N GLY D 367 1.26 44.51 -34.87
CA GLY D 367 -0.02 44.19 -34.28
C GLY D 367 -0.53 42.79 -34.51
N ARG D 368 0.32 41.88 -35.00
CA ARG D 368 -0.10 40.54 -35.37
C ARG D 368 -0.06 39.52 -34.22
N ARG D 369 0.32 39.91 -33.01
CA ARG D 369 0.52 38.92 -31.96
C ARG D 369 -0.74 38.09 -31.69
N ASP D 370 -1.90 38.75 -31.53
CA ASP D 370 -3.12 38.03 -31.18
C ASP D 370 -3.54 37.11 -32.32
N GLU D 371 -3.40 37.58 -33.56
CA GLU D 371 -3.74 36.75 -34.70
C GLU D 371 -2.90 35.47 -34.70
N VAL D 372 -1.59 35.61 -34.60
CA VAL D 372 -0.68 34.47 -34.61
C VAL D 372 -0.98 33.51 -33.46
N LYS D 373 -1.24 34.04 -32.26
CA LYS D 373 -1.51 33.18 -31.11
C LYS D 373 -2.80 32.39 -31.34
N ASN D 374 -3.85 33.08 -31.78
CA ASN D 374 -5.15 32.43 -31.98
C ASN D 374 -5.09 31.40 -33.09
N LYS D 375 -4.41 31.71 -34.19
CA LYS D 375 -4.33 30.76 -35.30
C LYS D 375 -3.37 29.61 -35.00
N LEU D 376 -2.27 29.87 -34.28
CA LEU D 376 -1.43 28.78 -33.81
C LEU D 376 -2.25 27.76 -33.02
N TYR D 377 -3.14 28.23 -32.15
CA TYR D 377 -3.96 27.31 -31.37
C TYR D 377 -4.99 26.63 -32.26
N GLN D 378 -5.86 27.43 -32.90
CA GLN D 378 -7.05 26.89 -33.53
C GLN D 378 -6.75 26.13 -34.81
N LEU D 379 -5.73 26.54 -35.55
CA LEU D 379 -5.43 25.87 -36.82
C LEU D 379 -4.28 24.88 -36.71
N TYR D 380 -3.43 24.96 -35.68
CA TYR D 380 -2.25 24.12 -35.66
C TYR D 380 -2.12 23.31 -34.39
N ASN D 381 -3.07 23.46 -33.45
CA ASN D 381 -3.07 22.76 -32.17
C ASN D 381 -1.79 23.02 -31.38
N ILE D 382 -1.30 24.25 -31.43
CA ILE D 382 -0.11 24.66 -30.69
C ILE D 382 -0.54 25.68 -29.67
N GLU D 383 -0.36 25.36 -28.37
CA GLU D 383 -0.58 26.33 -27.29
C GLU D 383 0.61 27.26 -27.16
N THR D 384 0.34 28.56 -27.17
CA THR D 384 1.31 29.56 -26.75
C THR D 384 0.71 30.31 -25.57
N ASP D 385 1.56 31.10 -24.91
CA ASP D 385 1.06 31.76 -23.72
C ASP D 385 1.67 33.14 -23.65
N ILE D 386 1.04 33.96 -22.83
CA ILE D 386 1.47 35.34 -22.59
C ILE D 386 1.74 35.41 -21.08
N TYR D 387 3.02 35.35 -20.69
CA TYR D 387 3.46 35.56 -19.28
C TYR D 387 3.96 37.00 -19.21
N TYR D 388 3.12 37.94 -18.73
CA TYR D 388 1.83 37.75 -18.05
C TYR D 388 0.78 38.62 -18.74
N PRO D 389 -0.49 38.19 -18.68
CA PRO D 389 -1.50 38.82 -19.53
C PRO D 389 -1.93 40.22 -19.12
N VAL D 390 -1.81 40.60 -17.83
CA VAL D 390 -2.18 41.94 -17.37
C VAL D 390 -1.00 42.59 -16.66
N LEU D 391 -0.65 43.81 -17.06
CA LEU D 391 0.40 44.59 -16.39
C LEU D 391 -0.06 45.06 -15.00
N SER D 392 0.91 45.24 -14.09
CA SER D 392 0.61 45.56 -12.68
C SER D 392 -0.30 46.78 -12.52
N HIS D 393 -0.10 47.80 -13.35
CA HIS D 393 -0.89 49.01 -13.22
C HIS D 393 -2.16 48.96 -14.06
N LYS D 394 -2.59 47.77 -14.46
CA LYS D 394 -3.74 47.64 -15.34
C LYS D 394 -4.79 46.65 -14.84
N HIS D 395 -4.58 46.04 -13.67
CA HIS D 395 -5.58 45.13 -13.12
C HIS D 395 -6.83 45.91 -12.78
N ASN D 396 -7.98 45.27 -12.84
CA ASN D 396 -9.18 46.04 -12.55
C ASN D 396 -9.46 45.79 -11.08
N THR D 397 -8.78 46.59 -10.27
CA THR D 397 -8.85 46.49 -8.83
C THR D 397 -9.08 47.90 -8.31
N LYS D 398 -9.62 47.95 -7.09
CA LYS D 398 -9.81 49.24 -6.43
C LYS D 398 -8.48 49.97 -6.29
N LEU D 399 -7.40 49.23 -6.01
CA LEU D 399 -6.09 49.83 -5.86
C LEU D 399 -5.62 50.50 -7.14
N VAL D 400 -5.76 49.81 -8.28
CA VAL D 400 -5.37 50.42 -9.55
C VAL D 400 -6.20 51.66 -9.79
N LYS D 401 -7.50 51.60 -9.51
CA LYS D 401 -8.34 52.76 -9.82
C LYS D 401 -8.00 53.94 -8.94
N LYS D 402 -7.46 53.69 -7.73
CA LYS D 402 -7.16 54.70 -6.72
C LYS D 402 -5.78 55.33 -6.95
N ASN D 403 -4.79 54.53 -7.33
CA ASN D 403 -3.38 54.89 -7.24
C ASN D 403 -2.62 54.90 -8.56
N TYR D 404 -2.97 54.01 -9.47
CA TYR D 404 -2.15 53.86 -10.68
C TYR D 404 -2.78 54.23 -11.99
N MET D 405 -3.88 54.94 -11.94
CA MET D 405 -4.51 55.41 -13.16
C MET D 405 -3.65 56.43 -13.92
N GLN D 406 -2.58 56.92 -13.31
CA GLN D 406 -1.72 57.91 -13.95
C GLN D 406 -0.52 57.31 -14.55
N ASP D 407 -0.31 56.05 -14.26
CA ASP D 407 0.88 55.40 -14.71
C ASP D 407 0.95 55.19 -16.21
N THR D 408 2.09 55.50 -16.79
CA THR D 408 2.27 55.38 -18.20
C THR D 408 3.63 54.82 -18.30
N LEU D 409 3.74 53.60 -18.84
CA LEU D 409 5.00 52.91 -18.93
C LEU D 409 5.04 52.58 -20.40
N LEU D 410 5.73 53.39 -21.20
CA LEU D 410 5.64 53.31 -22.66
C LEU D 410 6.16 51.98 -23.20
N ASN D 411 7.41 51.63 -22.88
CA ASN D 411 8.02 50.47 -23.51
C ASN D 411 7.40 49.17 -22.97
N THR D 412 7.08 49.15 -21.68
CA THR D 412 6.40 47.96 -21.13
C THR D 412 5.08 47.73 -21.83
N GLU D 413 4.34 48.81 -22.10
CA GLU D 413 2.99 48.67 -22.65
C GLU D 413 3.04 48.26 -24.11
N GLN D 414 3.98 48.79 -24.88
CA GLN D 414 4.11 48.39 -26.27
C GLN D 414 4.61 46.96 -26.40
N VAL D 415 5.63 46.60 -25.61
CA VAL D 415 6.14 45.23 -25.64
C VAL D 415 5.04 44.26 -25.27
N HIS D 416 4.17 44.66 -24.33
CA HIS D 416 3.09 43.77 -23.88
C HIS D 416 2.10 43.42 -25.00
N LYS D 417 1.97 44.30 -26.01
CA LYS D 417 1.16 44.00 -27.21
C LYS D 417 1.88 43.07 -28.19
N GLU D 418 3.19 42.86 -28.04
CA GLU D 418 3.98 42.07 -28.98
C GLU D 418 4.39 40.70 -28.42
N ILE D 419 4.39 40.55 -27.11
CA ILE D 419 5.03 39.40 -26.47
C ILE D 419 4.23 38.11 -26.69
N LEU D 420 4.94 37.00 -26.93
CA LEU D 420 4.37 35.67 -26.97
C LEU D 420 5.42 34.69 -26.48
N HIS D 421 5.04 33.75 -25.62
CA HIS D 421 5.99 32.74 -25.17
C HIS D 421 5.75 31.42 -25.87
N LEU D 422 6.84 30.79 -26.33
CA LEU D 422 6.83 29.49 -27.01
C LEU D 422 7.09 28.37 -26.01
N PRO D 423 6.44 27.23 -26.19
CA PRO D 423 6.66 26.08 -25.31
C PRO D 423 8.13 25.70 -25.22
N LEU D 424 8.63 25.56 -24.00
CA LEU D 424 10.03 25.26 -23.78
C LEU D 424 10.14 24.67 -22.39
N HIS D 425 10.36 23.37 -22.32
CA HIS D 425 10.55 22.73 -21.03
C HIS D 425 11.39 21.48 -21.29
N PRO D 426 12.22 21.07 -20.35
CA PRO D 426 13.35 20.21 -20.73
C PRO D 426 12.96 18.83 -21.13
N ASN D 427 11.79 18.34 -20.74
CA ASN D 427 11.34 17.02 -21.17
C ASN D 427 10.47 17.07 -22.42
N MET D 428 10.42 18.21 -23.12
CA MET D 428 9.75 18.16 -24.41
C MET D 428 10.60 17.37 -25.41
N LEU D 429 9.92 16.79 -26.42
CA LEU D 429 10.59 16.09 -27.49
C LEU D 429 11.04 17.08 -28.55
N LEU D 430 12.13 16.77 -29.24
CA LEU D 430 12.49 17.61 -30.37
C LEU D 430 11.40 17.57 -31.44
N GLU D 431 10.72 16.41 -31.58
CA GLU D 431 9.60 16.33 -32.51
C GLU D 431 8.48 17.29 -32.11
N GLU D 432 8.31 17.51 -30.81
CA GLU D 432 7.34 18.49 -30.32
C GLU D 432 7.79 19.92 -30.66
N GLN D 433 9.07 20.24 -30.47
CA GLN D 433 9.56 21.55 -30.91
C GLN D 433 9.47 21.73 -32.42
N ASN D 434 9.77 20.69 -33.19
CA ASN D 434 9.65 20.84 -34.64
C ASN D 434 8.22 21.16 -35.04
N PHE D 435 7.26 20.58 -34.32
CA PHE D 435 5.84 20.84 -34.57
C PHE D 435 5.50 22.30 -34.31
N VAL D 436 6.06 22.89 -33.26
CA VAL D 436 5.87 24.33 -33.00
C VAL D 436 6.52 25.15 -34.10
N LEU D 437 7.77 24.82 -34.44
CA LEU D 437 8.48 25.53 -35.50
C LEU D 437 7.72 25.52 -36.81
N GLU D 438 7.21 24.36 -37.22
CA GLU D 438 6.58 24.39 -38.54
C GLU D 438 5.24 25.12 -38.49
N GLY D 439 4.59 25.21 -37.33
CA GLY D 439 3.39 26.03 -37.25
C GLY D 439 3.70 27.52 -37.33
N LEU D 440 4.68 27.97 -36.55
CA LEU D 440 5.08 29.37 -36.60
C LEU D 440 5.52 29.81 -37.99
N ILE D 441 6.27 28.94 -38.69
CA ILE D 441 6.63 29.27 -40.06
C ILE D 441 5.37 29.27 -40.93
N ASN D 442 4.52 28.27 -40.76
CA ASN D 442 3.34 28.17 -41.64
C ASN D 442 2.38 29.34 -41.42
N VAL D 443 2.14 29.71 -40.16
CA VAL D 443 1.21 30.79 -39.89
C VAL D 443 1.72 32.15 -40.40
N ASN D 444 3.01 32.28 -40.70
CA ASN D 444 3.60 33.57 -41.05
C ASN D 444 3.91 33.64 -42.55
N LYS D 445 2.85 33.70 -43.34
CA LYS D 445 3.02 33.76 -44.79
C LYS D 445 2.05 34.74 -45.44
N1 PMP E . 0.79 -28.27 -17.80
C2 PMP E . 1.83 -27.59 -18.20
C2A PMP E . 2.09 -27.50 -19.68
C3 PMP E . 2.60 -26.94 -17.23
O3 PMP E . 3.65 -26.13 -17.58
C4 PMP E . 2.32 -27.08 -15.88
C4A PMP E . 3.19 -26.32 -14.85
N4A PMP E . 3.65 -27.22 -13.84
C5 PMP E . 1.23 -27.81 -15.52
C6 PMP E . 0.49 -28.43 -16.52
C5A PMP E . 0.77 -28.07 -14.06
O4P PMP E . 0.46 -26.84 -13.50
P PMP E . 0.55 -26.68 -11.87
O1P PMP E . -0.18 -25.38 -11.59
O2P PMP E . 2.08 -26.52 -11.63
O3P PMP E . 0.00 -27.92 -11.21
C1 EDO F . -17.41 -40.29 -9.16
O1 EDO F . -16.54 -40.92 -10.11
C2 EDO F . -18.78 -40.31 -9.77
O2 EDO F . -19.69 -39.35 -9.27
C1 EDO G . -15.47 -43.01 -27.41
O1 EDO G . -14.66 -43.30 -28.54
C2 EDO G . -15.12 -44.02 -26.33
O2 EDO G . -15.92 -43.98 -25.17
C1 EDO H . -20.82 -24.04 -10.77
O1 EDO H . -21.26 -23.93 -12.12
C2 EDO H . -21.94 -24.57 -9.90
O2 EDO H . -23.19 -23.90 -10.11
C1 EDO I . -8.33 4.27 -22.14
O1 EDO I . -7.26 4.48 -23.02
C2 EDO I . -9.51 4.98 -22.74
O2 EDO I . -10.57 4.94 -21.82
C1 EDO J . 8.17 -22.48 -16.19
O1 EDO J . 7.10 -23.35 -16.59
C2 EDO J . 9.27 -23.17 -15.38
O2 EDO J . 8.81 -23.64 -14.14
C1 EDO K . -13.15 -8.72 9.13
O1 EDO K . -12.45 -7.63 8.54
C2 EDO K . -14.45 -8.91 8.36
O2 EDO K . -15.15 -10.07 8.75
C1 EDO L . 20.06 -12.83 -15.02
O1 EDO L . 20.65 -13.95 -14.38
C2 EDO L . 18.56 -12.96 -15.19
O2 EDO L . 18.23 -14.11 -15.95
C1 EDO M . -19.10 -35.11 -20.77
O1 EDO M . -18.48 -36.02 -21.67
C2 EDO M . -20.32 -35.70 -20.05
O2 EDO M . -20.13 -35.58 -18.64
C1 EDO N . -11.97 -10.02 -22.70
O1 EDO N . -11.30 -9.72 -23.90
C2 EDO N . -13.37 -9.44 -22.80
O2 EDO N . -14.26 -10.05 -21.88
C1 EDO O . 9.60 -17.25 -17.62
O1 EDO O . 8.48 -17.65 -18.35
C2 EDO O . 9.21 -17.55 -16.19
O2 EDO O . 8.39 -16.53 -15.69
C1 EDO P . -0.83 -46.43 -24.54
O1 EDO P . -0.68 -45.96 -25.86
C2 EDO P . -2.28 -46.36 -24.12
O2 EDO P . -2.34 -46.35 -22.72
C1 EDO Q . -18.16 -6.66 -13.64
O1 EDO Q . -17.15 -5.86 -13.04
C2 EDO Q . -17.51 -7.91 -14.20
O2 EDO Q . -18.31 -8.52 -15.20
C1 EDO R . 19.08 -20.65 -9.55
O1 EDO R . 18.45 -19.96 -10.62
C2 EDO R . 18.36 -21.90 -9.09
O2 EDO R . 18.66 -22.04 -7.69
N1 PMP S . -9.94 -35.81 8.10
C2 PMP S . -10.63 -35.17 8.98
C2A PMP S . -11.13 -35.92 10.25
C3 PMP S . -10.91 -33.84 8.78
O3 PMP S . -11.63 -33.11 9.68
C4 PMP S . -10.44 -33.17 7.65
C4A PMP S . -10.91 -31.71 7.52
N4A PMP S . -9.93 -30.70 7.32
C5 PMP S . -9.69 -33.89 6.73
C6 PMP S . -9.45 -35.25 6.98
C5A PMP S . -9.15 -33.28 5.43
O4P PMP S . -8.17 -32.32 5.80
P PMP S . -7.86 -31.13 4.71
O1P PMP S . -9.05 -30.18 4.83
O2P PMP S . -7.82 -31.67 3.32
O3P PMP S . -6.56 -30.53 5.18
C1 EDO T . 4.47 -45.96 -9.05
O1 EDO T . 5.46 -46.79 -9.58
C2 EDO T . 3.12 -46.51 -9.37
O2 EDO T . 2.20 -45.65 -8.75
C1 EDO U . -21.27 -39.57 14.97
O1 EDO U . -19.94 -39.17 15.23
C2 EDO U . -21.84 -38.40 14.23
O2 EDO U . -22.73 -38.85 13.26
C1 EDO V . -17.25 -47.65 -7.81
O1 EDO V . -16.52 -46.83 -6.95
C2 EDO V . -18.06 -46.78 -8.74
O2 EDO V . -19.27 -47.44 -8.96
N1 PMP W . -3.51 28.65 16.56
C2 PMP W . -3.23 27.74 17.48
C2A PMP W . -4.05 27.76 18.74
C3 PMP W . -2.26 26.79 17.20
O3 PMP W . -1.99 25.80 18.15
C4 PMP W . -1.52 26.84 16.04
C4A PMP W . -0.44 25.79 15.74
N4A PMP W . 0.82 26.37 15.45
C5 PMP W . -1.84 27.83 15.13
C6 PMP W . -2.83 28.73 15.45
C5A PMP W . -1.11 28.04 13.82
O4P PMP W . -1.31 26.88 13.02
P PMP W . -0.19 26.56 11.90
O1P PMP W . 0.26 27.82 11.17
O2P PMP W . -0.87 25.52 11.03
O3P PMP W . 1.00 25.96 12.67
C1 EDO X . -8.51 44.86 -0.67
O1 EDO X . -7.27 44.46 -0.10
C2 EDO X . -8.83 44.04 -1.91
O2 EDO X . -9.72 44.75 -2.77
C1 EDO Y . 2.18 31.05 2.22
O1 EDO Y . 2.39 29.76 1.63
C2 EDO Y . 2.74 31.08 3.62
O2 EDO Y . 2.73 32.41 4.12
C1 EDO Z . -1.53 29.93 30.23
O1 EDO Z . -1.98 31.19 30.65
C2 EDO Z . -2.77 29.09 30.47
O2 EDO Z . -3.54 29.02 29.28
C1 EDO AA . 9.80 19.76 28.28
O1 EDO AA . 9.82 19.05 27.04
C2 EDO AA . 10.38 21.16 28.15
O2 EDO AA . 9.82 22.05 29.11
C1 EDO BA . 5.79 4.51 -8.47
O1 EDO BA . 6.94 4.73 -9.25
C2 EDO BA . 4.60 5.07 -9.22
O2 EDO BA . 4.63 6.47 -9.09
C1 EDO CA . -5.39 0.73 8.50
O1 EDO CA . -4.55 0.81 9.64
C2 EDO CA . -6.79 0.30 8.92
O2 EDO CA . -7.53 -0.20 7.82
C1 EDO DA . -22.61 32.66 11.73
O1 EDO DA . -23.43 33.78 11.94
C2 EDO DA . -23.13 31.47 12.53
O2 EDO DA . -22.51 30.27 12.10
N1 PMP EA . 8.50 36.04 -8.73
C2 PMP EA . 8.42 35.52 -9.93
C2A PMP EA . 9.12 36.24 -11.10
C3 PMP EA . 7.69 34.36 -10.11
O3 PMP EA . 7.60 33.77 -11.33
C4 PMP EA . 7.05 33.69 -9.05
C4A PMP EA . 6.24 32.43 -9.31
N4A PMP EA . 6.81 31.27 -8.73
C5 PMP EA . 7.22 34.27 -7.80
C6 PMP EA . 7.92 35.46 -7.69
C5A PMP EA . 6.52 33.66 -6.57
O4P PMP EA . 7.22 32.48 -6.27
P PMP EA . 6.35 31.37 -5.42
O1P PMP EA . 5.60 31.98 -4.27
O2P PMP EA . 7.37 30.36 -5.02
O3P PMP EA . 5.35 30.79 -6.41
C1 EDO FA . 8.90 24.41 8.83
O1 EDO FA . 8.13 23.76 7.87
C2 EDO FA . 7.91 24.83 9.86
O2 EDO FA . 8.57 25.58 10.84
C1 EDO GA . 9.53 43.69 14.41
O1 EDO GA . 10.17 44.14 15.58
C2 EDO GA . 8.66 44.78 13.84
O2 EDO GA . 8.12 44.36 12.60
C1 EDO HA . 25.50 28.33 3.91
O1 EDO HA . 25.76 29.06 2.73
C2 EDO HA . 24.08 27.84 3.91
O2 EDO HA . 23.98 26.95 5.00
C1 EDO IA . -7.85 42.72 -15.92
O1 EDO IA . -7.42 43.69 -16.87
C2 EDO IA . -8.96 43.29 -15.06
O2 EDO IA . -10.16 42.53 -14.91
C1 EDO JA . 24.69 41.01 1.68
O1 EDO JA . 25.83 41.85 1.81
C2 EDO JA . 24.52 40.62 0.23
O2 EDO JA . 24.32 39.23 0.15
#